data_1WJW
#
_entry.id   1WJW
#
_entity_poly.entity_id   1
_entity_poly.type   'polypeptide(L)'
_entity_poly.pdbx_seq_one_letter_code
;GSSGSSGAIYVDLPNRQLKVKVADRRVISTTDAERQAVTPPGLQEAINDLVKKYTLARAFVRPSGTEDIVRVYAEANSQE
SADRLAYEVSLLVFQLAGGIGERPQPSGPSSG
;
_entity_poly.pdbx_strand_id   A
#
# COMPACT_ATOMS: atom_id res chain seq x y z
N GLY A 1 11.67 1.19 50.63
CA GLY A 1 11.57 0.76 49.25
C GLY A 1 10.64 1.67 48.46
N SER A 2 10.58 1.42 47.16
CA SER A 2 9.73 2.21 46.28
C SER A 2 9.81 1.68 44.85
N SER A 3 8.77 1.96 44.09
CA SER A 3 8.71 1.51 42.71
C SER A 3 7.92 2.52 41.87
N GLY A 4 8.23 2.52 40.57
CA GLY A 4 7.55 3.42 39.66
C GLY A 4 6.77 2.65 38.59
N SER A 5 6.81 3.16 37.38
CA SER A 5 6.12 2.53 36.26
C SER A 5 6.41 3.27 34.96
N SER A 6 6.09 2.62 33.86
CA SER A 6 6.32 3.21 32.56
C SER A 6 4.97 3.48 31.86
N GLY A 7 4.83 4.70 31.38
CA GLY A 7 3.61 5.10 30.71
C GLY A 7 3.86 5.32 29.21
N ALA A 8 3.30 4.42 28.42
CA ALA A 8 3.45 4.51 26.97
C ALA A 8 2.48 3.54 26.30
N ILE A 9 2.60 3.44 24.99
CA ILE A 9 1.74 2.56 24.22
C ILE A 9 2.21 1.12 24.40
N TYR A 10 1.25 0.19 24.36
CA TYR A 10 1.56 -1.21 24.50
C TYR A 10 0.79 -2.05 23.49
N VAL A 11 0.75 -1.56 22.27
CA VAL A 11 0.06 -2.25 21.20
C VAL A 11 0.22 -1.45 19.89
N ASP A 12 0.78 -2.12 18.89
CA ASP A 12 0.99 -1.49 17.60
C ASP A 12 0.65 -2.49 16.50
N LEU A 13 -0.57 -2.38 16.00
CA LEU A 13 -1.05 -3.26 14.93
C LEU A 13 0.05 -3.38 13.87
N PRO A 14 -0.04 -4.49 13.09
CA PRO A 14 0.92 -4.75 12.03
C PRO A 14 0.68 -3.82 10.83
N ASN A 15 1.77 -3.52 10.12
CA ASN A 15 1.68 -2.66 8.95
C ASN A 15 2.90 -2.90 8.06
N ARG A 16 2.76 -2.50 6.81
CA ARG A 16 3.84 -2.67 5.84
C ARG A 16 3.79 -1.55 4.80
N GLN A 17 4.95 -0.97 4.54
CA GLN A 17 5.06 0.10 3.57
C GLN A 17 5.94 -0.33 2.40
N LEU A 18 5.77 0.35 1.28
CA LEU A 18 6.55 0.06 0.09
C LEU A 18 6.77 1.35 -0.70
N LYS A 19 7.61 1.24 -1.73
CA LYS A 19 7.91 2.39 -2.57
C LYS A 19 8.07 1.92 -4.02
N VAL A 20 7.26 2.50 -4.89
CA VAL A 20 7.29 2.15 -6.30
C VAL A 20 7.90 3.32 -7.08
N LYS A 21 9.18 3.17 -7.40
CA LYS A 21 9.89 4.19 -8.15
C LYS A 21 9.31 4.28 -9.56
N VAL A 22 8.13 4.87 -9.66
CA VAL A 22 7.47 5.02 -10.94
C VAL A 22 8.48 5.46 -11.99
N ALA A 23 8.34 4.90 -13.18
CA ALA A 23 9.24 5.23 -14.27
C ALA A 23 9.02 6.68 -14.69
N ASP A 24 7.77 7.11 -14.59
CA ASP A 24 7.42 8.47 -14.95
C ASP A 24 5.90 8.64 -14.87
N ARG A 25 5.42 9.69 -15.50
CA ARG A 25 3.99 9.98 -15.51
C ARG A 25 3.46 9.97 -16.95
N ARG A 26 2.14 10.15 -17.06
CA ARG A 26 1.49 10.16 -18.36
C ARG A 26 1.80 8.87 -19.11
N VAL A 27 1.50 8.88 -20.40
CA VAL A 27 1.73 7.72 -21.24
C VAL A 27 0.71 6.64 -20.90
N ILE A 28 0.83 6.12 -19.69
CA ILE A 28 -0.08 5.08 -19.22
C ILE A 28 -1.52 5.53 -19.46
N SER A 29 -2.36 4.54 -19.75
CA SER A 29 -3.77 4.82 -20.01
C SER A 29 -4.47 5.20 -18.70
N THR A 30 -4.41 4.28 -17.74
CA THR A 30 -5.03 4.51 -16.45
C THR A 30 -4.14 5.41 -15.58
N THR A 31 -3.78 6.55 -16.14
CA THR A 31 -2.93 7.49 -15.44
C THR A 31 -3.09 8.90 -16.01
N ASP A 32 -4.34 9.26 -16.26
CA ASP A 32 -4.64 10.57 -16.81
C ASP A 32 -6.01 11.03 -16.31
N ALA A 33 -6.34 12.27 -16.63
CA ALA A 33 -7.61 12.85 -16.22
C ALA A 33 -7.68 12.88 -14.69
N GLU A 34 -8.44 13.84 -14.19
CA GLU A 34 -8.59 13.99 -12.75
C GLU A 34 -9.95 14.62 -12.42
N ARG A 35 -11.00 14.00 -12.95
CA ARG A 35 -12.35 14.48 -12.73
C ARG A 35 -13.32 13.31 -12.60
N GLN A 36 -14.49 13.61 -12.05
CA GLN A 36 -15.51 12.58 -11.87
C GLN A 36 -15.03 11.53 -10.87
N ALA A 37 -15.46 11.71 -9.63
CA ALA A 37 -15.08 10.78 -8.58
C ALA A 37 -13.56 10.81 -8.39
N VAL A 38 -13.14 10.76 -7.13
CA VAL A 38 -11.73 10.78 -6.80
C VAL A 38 -11.01 9.72 -7.64
N THR A 39 -9.95 10.15 -8.32
CA THR A 39 -9.16 9.25 -9.14
C THR A 39 -8.02 8.65 -8.34
N PRO A 40 -7.52 7.49 -8.83
CA PRO A 40 -8.07 6.88 -10.03
C PRO A 40 -9.42 6.23 -9.73
N PRO A 41 -10.33 6.31 -10.75
CA PRO A 41 -11.66 5.73 -10.61
C PRO A 41 -11.61 4.21 -10.73
N GLY A 42 -11.69 3.55 -9.58
CA GLY A 42 -11.65 2.10 -9.55
C GLY A 42 -10.69 1.60 -8.46
N LEU A 43 -9.45 2.06 -8.56
CA LEU A 43 -8.43 1.68 -7.60
C LEU A 43 -9.05 1.63 -6.20
N GLN A 44 -9.47 2.80 -5.73
CA GLN A 44 -10.07 2.89 -4.41
C GLN A 44 -11.09 1.77 -4.20
N GLU A 45 -11.80 1.46 -5.28
CA GLU A 45 -12.81 0.41 -5.23
C GLU A 45 -12.13 -0.96 -5.18
N ALA A 46 -11.33 -1.24 -6.20
CA ALA A 46 -10.63 -2.51 -6.28
C ALA A 46 -10.04 -2.84 -4.91
N ILE A 47 -9.16 -1.96 -4.45
CA ILE A 47 -8.51 -2.16 -3.16
C ILE A 47 -9.58 -2.30 -2.08
N ASN A 48 -10.49 -1.33 -2.06
CA ASN A 48 -11.57 -1.34 -1.09
C ASN A 48 -12.15 -2.75 -0.98
N ASP A 49 -12.49 -3.31 -2.13
CA ASP A 49 -13.05 -4.64 -2.19
C ASP A 49 -12.11 -5.62 -1.49
N LEU A 50 -10.82 -5.40 -1.70
CA LEU A 50 -9.81 -6.25 -1.09
C LEU A 50 -9.71 -5.94 0.40
N VAL A 51 -9.97 -4.68 0.73
CA VAL A 51 -9.91 -4.24 2.11
C VAL A 51 -11.13 -4.79 2.87
N LYS A 52 -12.18 -5.06 2.11
CA LYS A 52 -13.40 -5.59 2.69
C LYS A 52 -13.36 -7.12 2.67
N LYS A 53 -12.71 -7.65 1.63
CA LYS A 53 -12.59 -9.08 1.48
C LYS A 53 -11.67 -9.63 2.57
N TYR A 54 -10.92 -8.72 3.19
CA TYR A 54 -10.00 -9.10 4.24
C TYR A 54 -10.57 -8.75 5.62
N THR A 55 -9.89 -9.22 6.64
CA THR A 55 -10.31 -8.98 8.01
C THR A 55 -9.59 -7.75 8.58
N LEU A 56 -10.39 -6.73 8.86
CA LEU A 56 -9.85 -5.49 9.40
C LEU A 56 -8.55 -5.14 8.68
N ALA A 57 -8.71 -4.86 7.38
CA ALA A 57 -7.56 -4.51 6.57
C ALA A 57 -7.64 -3.03 6.20
N ARG A 58 -6.52 -2.51 5.70
CA ARG A 58 -6.45 -1.12 5.30
C ARG A 58 -5.24 -0.88 4.40
N ALA A 59 -5.51 -0.27 3.25
CA ALA A 59 -4.46 0.02 2.29
C ALA A 59 -4.53 1.50 1.91
N PHE A 60 -3.37 2.04 1.55
CA PHE A 60 -3.28 3.43 1.15
C PHE A 60 -2.12 3.65 0.17
N VAL A 61 -2.05 4.87 -0.35
CA VAL A 61 -1.01 5.22 -1.30
C VAL A 61 -0.80 6.74 -1.28
N ARG A 62 0.44 7.13 -1.51
CA ARG A 62 0.77 8.54 -1.53
C ARG A 62 1.65 8.87 -2.74
N PRO A 63 1.09 9.72 -3.64
CA PRO A 63 1.80 10.12 -4.85
C PRO A 63 2.91 11.13 -4.53
N SER A 64 3.36 11.80 -5.57
CA SER A 64 4.41 12.80 -5.41
C SER A 64 4.20 13.58 -4.11
N GLY A 65 5.32 14.02 -3.54
CA GLY A 65 5.26 14.77 -2.29
C GLY A 65 6.64 14.84 -1.64
N THR A 66 7.32 15.96 -1.86
CA THR A 66 8.64 16.15 -1.29
C THR A 66 9.61 15.10 -1.83
N GLU A 67 9.17 14.42 -2.88
CA GLU A 67 9.99 13.38 -3.49
C GLU A 67 9.49 13.09 -4.91
N ASP A 68 10.09 12.05 -5.50
CA ASP A 68 9.71 11.66 -6.85
C ASP A 68 9.40 10.16 -6.86
N ILE A 69 8.99 9.66 -5.70
CA ILE A 69 8.66 8.25 -5.57
C ILE A 69 7.27 8.12 -4.93
N VAL A 70 6.59 7.05 -5.30
CA VAL A 70 5.25 6.80 -4.78
C VAL A 70 5.36 6.05 -3.45
N ARG A 71 4.42 6.33 -2.58
CA ARG A 71 4.39 5.70 -1.27
C ARG A 71 3.25 4.69 -1.18
N VAL A 72 3.55 3.54 -0.61
CA VAL A 72 2.57 2.49 -0.46
C VAL A 72 2.55 2.01 0.99
N TYR A 73 1.36 1.64 1.45
CA TYR A 73 1.19 1.17 2.81
C TYR A 73 -0.09 0.35 2.96
N ALA A 74 0.03 -0.78 3.65
CA ALA A 74 -1.11 -1.65 3.86
C ALA A 74 -0.99 -2.30 5.24
N GLU A 75 -2.10 -2.30 5.96
CA GLU A 75 -2.13 -2.89 7.29
C GLU A 75 -3.32 -3.85 7.42
N ALA A 76 -3.35 -4.57 8.53
CA ALA A 76 -4.42 -5.51 8.79
C ALA A 76 -4.31 -6.02 10.22
N ASN A 77 -5.32 -6.76 10.63
CA ASN A 77 -5.36 -7.32 11.98
C ASN A 77 -4.26 -8.38 12.11
N SER A 78 -3.95 -9.01 10.99
CA SER A 78 -2.92 -10.04 10.96
C SER A 78 -1.72 -9.56 10.16
N GLN A 79 -0.55 -10.02 10.58
CA GLN A 79 0.69 -9.65 9.90
C GLN A 79 0.62 -10.06 8.42
N GLU A 80 0.13 -11.27 8.20
CA GLU A 80 0.01 -11.78 6.84
C GLU A 80 -0.82 -10.83 5.97
N SER A 81 -2.07 -10.67 6.37
CA SER A 81 -2.98 -9.79 5.65
C SER A 81 -2.30 -8.44 5.40
N ALA A 82 -1.53 -8.01 6.37
CA ALA A 82 -0.82 -6.74 6.27
C ALA A 82 0.22 -6.83 5.15
N ASP A 83 0.93 -7.95 5.14
CA ASP A 83 1.96 -8.16 4.13
C ASP A 83 1.29 -8.42 2.78
N ARG A 84 0.50 -9.47 2.74
CA ARG A 84 -0.20 -9.83 1.52
C ARG A 84 -0.75 -8.58 0.82
N LEU A 85 -1.64 -7.90 1.51
CA LEU A 85 -2.24 -6.68 0.98
C LEU A 85 -1.13 -5.74 0.50
N ALA A 86 -0.20 -5.45 1.40
CA ALA A 86 0.90 -4.58 1.08
C ALA A 86 1.51 -4.99 -0.26
N TYR A 87 2.18 -6.14 -0.23
CA TYR A 87 2.81 -6.66 -1.44
C TYR A 87 1.89 -6.50 -2.65
N GLU A 88 0.64 -6.89 -2.46
CA GLU A 88 -0.34 -6.79 -3.53
C GLU A 88 -0.47 -5.35 -4.00
N VAL A 89 -0.92 -4.50 -3.09
CA VAL A 89 -1.09 -3.08 -3.40
C VAL A 89 0.07 -2.61 -4.26
N SER A 90 1.26 -2.66 -3.67
CA SER A 90 2.46 -2.22 -4.38
C SER A 90 2.41 -2.71 -5.82
N LEU A 91 2.08 -3.99 -5.99
CA LEU A 91 2.00 -4.59 -7.31
C LEU A 91 0.84 -3.94 -8.07
N LEU A 92 -0.31 -3.92 -7.43
CA LEU A 92 -1.50 -3.34 -8.04
C LEU A 92 -1.13 -2.00 -8.69
N VAL A 93 -0.21 -1.30 -8.04
CA VAL A 93 0.23 -0.01 -8.54
C VAL A 93 1.18 -0.23 -9.72
N PHE A 94 2.19 -1.04 -9.47
CA PHE A 94 3.18 -1.34 -10.50
C PHE A 94 2.52 -1.46 -11.87
N GLN A 95 1.30 -1.97 -11.86
CA GLN A 95 0.55 -2.14 -13.11
C GLN A 95 -0.37 -0.95 -13.34
N LEU A 96 -1.21 -0.69 -12.35
CA LEU A 96 -2.15 0.42 -12.44
C LEU A 96 -1.41 1.67 -12.92
N ALA A 97 -0.40 2.06 -12.15
CA ALA A 97 0.39 3.22 -12.48
C ALA A 97 1.69 2.78 -13.18
N GLY A 98 1.60 1.63 -13.83
CA GLY A 98 2.75 1.10 -14.55
C GLY A 98 4.03 1.32 -13.76
N GLY A 99 3.91 1.24 -12.44
CA GLY A 99 5.06 1.43 -11.57
C GLY A 99 6.14 0.39 -11.84
N ILE A 100 7.39 0.84 -11.74
CA ILE A 100 8.52 -0.05 -11.97
C ILE A 100 9.55 0.14 -10.85
N GLY A 101 10.80 -0.06 -11.21
CA GLY A 101 11.89 0.08 -10.25
C GLY A 101 11.85 -1.03 -9.19
N GLU A 102 12.28 -0.69 -7.99
CA GLU A 102 12.30 -1.65 -6.91
C GLU A 102 10.93 -2.32 -6.78
N ARG A 103 10.89 -3.58 -7.20
CA ARG A 103 9.65 -4.34 -7.15
C ARG A 103 9.47 -4.94 -5.75
N PRO A 104 8.18 -5.23 -5.40
CA PRO A 104 7.86 -5.80 -4.11
C PRO A 104 8.26 -7.27 -4.04
N GLN A 105 8.85 -7.65 -2.92
CA GLN A 105 9.28 -9.02 -2.72
C GLN A 105 8.30 -9.76 -1.81
N PRO A 106 8.23 -11.11 -2.00
CA PRO A 106 7.34 -11.93 -1.21
C PRO A 106 7.88 -12.13 0.20
N SER A 107 7.01 -11.96 1.18
CA SER A 107 7.39 -12.13 2.57
C SER A 107 8.09 -13.47 2.77
N GLY A 108 7.39 -14.53 2.38
CA GLY A 108 7.93 -15.88 2.52
C GLY A 108 7.73 -16.41 3.93
N PRO A 109 6.99 -17.55 4.02
CA PRO A 109 6.71 -18.17 5.31
C PRO A 109 7.95 -18.90 5.83
N SER A 110 8.67 -18.22 6.73
CA SER A 110 9.86 -18.79 7.32
C SER A 110 9.96 -18.40 8.79
N SER A 111 9.99 -19.42 9.64
CA SER A 111 10.08 -19.19 11.08
C SER A 111 10.87 -20.32 11.73
N GLY A 112 11.67 -19.95 12.71
CA GLY A 112 12.49 -20.92 13.43
C GLY A 112 12.99 -20.34 14.75
N GLY A 1 22.45 13.61 38.67
CA GLY A 1 21.59 12.61 38.06
C GLY A 1 21.43 11.39 38.97
N SER A 2 20.22 10.84 38.97
CA SER A 2 19.94 9.67 39.77
C SER A 2 18.50 9.20 39.52
N SER A 3 18.23 8.00 40.00
CA SER A 3 16.90 7.42 39.83
C SER A 3 16.58 7.28 38.34
N GLY A 4 15.57 6.46 38.06
CA GLY A 4 15.15 6.23 36.69
C GLY A 4 13.82 5.47 36.65
N SER A 5 13.46 5.03 35.44
CA SER A 5 12.22 4.31 35.25
C SER A 5 12.24 3.59 33.90
N SER A 6 11.50 2.49 33.85
CA SER A 6 11.42 1.70 32.62
C SER A 6 9.96 1.55 32.19
N GLY A 7 9.79 1.31 30.89
CA GLY A 7 8.46 1.14 30.35
C GLY A 7 8.49 1.14 28.82
N ALA A 8 7.65 0.29 28.24
CA ALA A 8 7.57 0.18 26.79
C ALA A 8 6.24 -0.47 26.40
N ILE A 9 5.64 0.08 25.35
CA ILE A 9 4.38 -0.43 24.87
C ILE A 9 4.48 -1.95 24.67
N TYR A 10 3.34 -2.57 24.45
CA TYR A 10 3.29 -4.01 24.24
C TYR A 10 2.15 -4.40 23.30
N VAL A 11 2.03 -3.64 22.22
CA VAL A 11 0.99 -3.88 21.24
C VAL A 11 1.13 -2.87 20.10
N ASP A 12 1.30 -3.40 18.89
CA ASP A 12 1.44 -2.57 17.72
C ASP A 12 1.00 -3.36 16.48
N LEU A 13 -0.20 -3.07 16.02
CA LEU A 13 -0.74 -3.75 14.85
C LEU A 13 0.35 -3.84 13.77
N PRO A 14 0.21 -4.88 12.90
CA PRO A 14 1.18 -5.08 11.83
C PRO A 14 0.96 -4.06 10.71
N ASN A 15 2.03 -3.80 9.98
CA ASN A 15 1.97 -2.85 8.87
C ASN A 15 3.14 -3.11 7.92
N ARG A 16 2.93 -2.76 6.66
CA ARG A 16 3.94 -2.95 5.65
C ARG A 16 3.82 -1.89 4.56
N GLN A 17 4.95 -1.25 4.27
CA GLN A 17 4.97 -0.21 3.26
C GLN A 17 6.04 -0.52 2.21
N LEU A 18 5.74 -0.14 0.98
CA LEU A 18 6.68 -0.37 -0.12
C LEU A 18 6.71 0.87 -1.03
N LYS A 19 7.75 0.94 -1.84
CA LYS A 19 7.91 2.06 -2.75
C LYS A 19 7.84 1.55 -4.19
N VAL A 20 6.87 2.08 -4.92
CA VAL A 20 6.69 1.69 -6.31
C VAL A 20 7.32 2.74 -7.23
N LYS A 21 8.29 2.30 -8.01
CA LYS A 21 8.98 3.18 -8.92
C LYS A 21 8.06 3.51 -10.11
N VAL A 22 7.71 4.79 -10.21
CA VAL A 22 6.85 5.24 -11.27
C VAL A 22 7.55 6.34 -12.07
N ALA A 23 6.78 7.02 -12.90
CA ALA A 23 7.32 8.09 -13.72
C ALA A 23 6.54 9.37 -13.45
N ASP A 24 5.22 9.23 -13.38
CA ASP A 24 4.36 10.37 -13.13
C ASP A 24 4.74 11.52 -14.07
N ARG A 25 4.02 11.60 -15.17
CA ARG A 25 4.26 12.64 -16.15
C ARG A 25 2.99 13.44 -16.42
N ARG A 26 2.94 14.63 -15.84
CA ARG A 26 1.80 15.50 -16.01
C ARG A 26 2.03 16.49 -17.14
N VAL A 27 1.31 16.30 -18.23
CA VAL A 27 1.44 17.16 -19.38
C VAL A 27 0.19 17.02 -20.26
N ILE A 28 -0.96 17.15 -19.62
CA ILE A 28 -2.23 17.04 -20.32
C ILE A 28 -3.35 17.59 -19.43
N SER A 29 -4.23 18.35 -20.04
CA SER A 29 -5.35 18.94 -19.32
C SER A 29 -6.57 19.01 -20.22
N THR A 30 -7.58 18.22 -19.86
CA THR A 30 -8.82 18.18 -20.62
C THR A 30 -9.88 19.06 -19.97
N THR A 31 -9.71 19.27 -18.67
CA THR A 31 -10.64 20.09 -17.92
C THR A 31 -12.07 19.54 -18.06
N ASP A 32 -12.29 18.40 -17.43
CA ASP A 32 -13.60 17.76 -17.48
C ASP A 32 -14.24 17.82 -16.09
N ALA A 33 -15.57 17.81 -16.08
CA ALA A 33 -16.31 17.85 -14.84
C ALA A 33 -16.03 16.59 -14.02
N GLU A 34 -16.72 16.48 -12.91
CA GLU A 34 -16.56 15.32 -12.04
C GLU A 34 -17.64 14.28 -12.32
N ARG A 35 -17.28 13.03 -12.11
CA ARG A 35 -18.22 11.94 -12.33
C ARG A 35 -18.16 10.95 -11.17
N GLN A 36 -18.44 11.47 -9.97
CA GLN A 36 -18.43 10.65 -8.78
C GLN A 36 -17.23 9.70 -8.79
N ALA A 37 -17.30 8.70 -7.93
CA ALA A 37 -16.23 7.72 -7.83
C ALA A 37 -14.88 8.44 -7.91
N VAL A 38 -14.48 8.98 -6.76
CA VAL A 38 -13.22 9.70 -6.68
C VAL A 38 -12.15 8.95 -7.50
N THR A 39 -11.40 9.71 -8.26
CA THR A 39 -10.35 9.13 -9.10
C THR A 39 -9.12 8.83 -8.25
N PRO A 40 -8.31 7.85 -8.75
CA PRO A 40 -8.63 7.17 -9.99
C PRO A 40 -9.78 6.18 -9.79
N PRO A 41 -10.62 6.04 -10.85
CA PRO A 41 -11.75 5.13 -10.80
C PRO A 41 -11.29 3.68 -10.94
N GLY A 42 -11.08 3.04 -9.80
CA GLY A 42 -10.64 1.66 -9.78
C GLY A 42 -9.66 1.41 -8.63
N LEU A 43 -8.56 2.14 -8.66
CA LEU A 43 -7.54 2.00 -7.64
C LEU A 43 -8.21 1.83 -6.28
N GLN A 44 -9.14 2.73 -5.99
CA GLN A 44 -9.86 2.69 -4.73
C GLN A 44 -10.70 1.42 -4.65
N GLU A 45 -11.48 1.19 -5.70
CA GLU A 45 -12.34 0.01 -5.75
C GLU A 45 -11.51 -1.26 -5.54
N ALA A 46 -10.58 -1.46 -6.47
CA ALA A 46 -9.72 -2.64 -6.40
C ALA A 46 -9.31 -2.89 -4.95
N ILE A 47 -8.46 -2.01 -4.44
CA ILE A 47 -7.99 -2.13 -3.07
C ILE A 47 -9.19 -2.25 -2.13
N ASN A 48 -10.13 -1.33 -2.30
CA ASN A 48 -11.33 -1.32 -1.48
C ASN A 48 -11.92 -2.74 -1.44
N ASP A 49 -11.77 -3.44 -2.56
CA ASP A 49 -12.28 -4.80 -2.66
C ASP A 49 -11.41 -5.72 -1.83
N LEU A 50 -10.10 -5.52 -1.93
CA LEU A 50 -9.15 -6.34 -1.20
C LEU A 50 -9.27 -6.04 0.29
N VAL A 51 -9.44 -4.76 0.60
CA VAL A 51 -9.57 -4.33 1.98
C VAL A 51 -10.87 -4.91 2.57
N LYS A 52 -11.80 -5.20 1.67
CA LYS A 52 -13.07 -5.76 2.09
C LYS A 52 -12.98 -7.28 2.09
N LYS A 53 -12.09 -7.79 1.25
CA LYS A 53 -11.90 -9.23 1.15
C LYS A 53 -11.11 -9.73 2.36
N TYR A 54 -10.36 -8.81 2.94
CA TYR A 54 -9.55 -9.13 4.11
C TYR A 54 -10.27 -8.75 5.40
N THR A 55 -9.64 -9.10 6.52
CA THR A 55 -10.21 -8.79 7.83
C THR A 55 -9.49 -7.59 8.44
N LEU A 56 -10.29 -6.60 8.83
CA LEU A 56 -9.74 -5.40 9.44
C LEU A 56 -8.49 -4.96 8.67
N ALA A 57 -8.64 -4.92 7.35
CA ALA A 57 -7.53 -4.53 6.50
C ALA A 57 -7.67 -3.05 6.15
N ARG A 58 -6.58 -2.48 5.64
CA ARG A 58 -6.57 -1.08 5.27
C ARG A 58 -5.32 -0.76 4.44
N ALA A 59 -5.55 -0.12 3.30
CA ALA A 59 -4.46 0.24 2.42
C ALA A 59 -4.60 1.71 2.03
N PHE A 60 -3.45 2.37 1.92
CA PHE A 60 -3.43 3.78 1.57
C PHE A 60 -2.30 4.08 0.58
N VAL A 61 -2.39 5.24 -0.04
CA VAL A 61 -1.37 5.65 -1.01
C VAL A 61 -1.26 7.18 -1.00
N ARG A 62 -0.02 7.65 -1.05
CA ARG A 62 0.23 9.07 -1.05
C ARG A 62 1.52 9.39 -1.83
N PRO A 63 1.35 10.17 -2.92
CA PRO A 63 2.48 10.54 -3.76
C PRO A 63 3.33 11.62 -3.08
N SER A 64 4.36 12.04 -3.78
CA SER A 64 5.26 13.06 -3.26
C SER A 64 5.50 14.14 -4.32
N GLY A 65 5.57 15.38 -3.85
CA GLY A 65 5.79 16.50 -4.75
C GLY A 65 7.26 16.60 -5.14
N THR A 66 8.02 17.35 -4.34
CA THR A 66 9.43 17.53 -4.60
C THR A 66 10.12 16.17 -4.80
N GLU A 67 9.76 15.23 -3.94
CA GLU A 67 10.33 13.90 -4.02
C GLU A 67 9.67 13.10 -5.13
N ASP A 68 10.23 11.93 -5.40
CA ASP A 68 9.71 11.07 -6.44
C ASP A 68 9.38 9.70 -5.85
N ILE A 69 8.85 8.83 -6.71
CA ILE A 69 8.50 7.49 -6.27
C ILE A 69 7.23 7.56 -5.42
N VAL A 70 6.43 6.50 -5.50
CA VAL A 70 5.20 6.43 -4.74
C VAL A 70 5.40 5.51 -3.53
N ARG A 71 4.90 5.99 -2.39
CA ARG A 71 5.02 5.22 -1.16
C ARG A 71 3.70 4.51 -0.85
N VAL A 72 3.77 3.18 -0.84
CA VAL A 72 2.60 2.37 -0.56
C VAL A 72 2.64 1.91 0.90
N TYR A 73 1.51 2.10 1.57
CA TYR A 73 1.40 1.71 2.97
C TYR A 73 0.06 1.03 3.24
N ALA A 74 0.13 -0.07 3.98
CA ALA A 74 -1.06 -0.82 4.32
C ALA A 74 -0.99 -1.25 5.79
N GLU A 75 -2.13 -1.70 6.30
CA GLU A 75 -2.20 -2.14 7.68
C GLU A 75 -3.41 -3.06 7.88
N ALA A 76 -3.14 -4.25 8.39
CA ALA A 76 -4.19 -5.22 8.62
C ALA A 76 -4.17 -5.63 10.10
N ASN A 77 -5.02 -6.60 10.42
CA ASN A 77 -5.10 -7.09 11.78
C ASN A 77 -4.08 -8.21 11.99
N SER A 78 -3.77 -8.89 10.90
CA SER A 78 -2.80 -9.97 10.94
C SER A 78 -1.58 -9.62 10.08
N GLN A 79 -0.43 -10.08 10.55
CA GLN A 79 0.81 -9.83 9.83
C GLN A 79 0.70 -10.29 8.38
N GLU A 80 0.06 -11.44 8.20
CA GLU A 80 -0.12 -12.00 6.87
C GLU A 80 -0.90 -11.02 5.99
N SER A 81 -2.14 -10.78 6.38
CA SER A 81 -2.99 -9.86 5.63
C SER A 81 -2.25 -8.56 5.35
N ALA A 82 -1.59 -8.05 6.38
CA ALA A 82 -0.84 -6.82 6.25
C ALA A 82 0.13 -6.93 5.08
N ASP A 83 1.02 -7.91 5.19
CA ASP A 83 2.01 -8.15 4.14
C ASP A 83 1.29 -8.30 2.79
N ARG A 84 0.41 -9.30 2.74
CA ARG A 84 -0.34 -9.57 1.53
C ARG A 84 -0.93 -8.27 0.97
N LEU A 85 -1.81 -7.68 1.76
CA LEU A 85 -2.46 -6.43 1.35
C LEU A 85 -1.41 -5.51 0.70
N ALA A 86 -0.37 -5.24 1.46
CA ALA A 86 0.70 -4.38 0.97
C ALA A 86 1.26 -4.96 -0.34
N TYR A 87 1.91 -6.10 -0.21
CA TYR A 87 2.48 -6.77 -1.37
C TYR A 87 1.57 -6.66 -2.58
N GLU A 88 0.28 -6.90 -2.35
CA GLU A 88 -0.69 -6.83 -3.41
C GLU A 88 -0.83 -5.39 -3.92
N VAL A 89 -1.34 -4.53 -3.05
CA VAL A 89 -1.53 -3.13 -3.40
C VAL A 89 -0.32 -2.65 -4.19
N SER A 90 0.83 -2.67 -3.55
CA SER A 90 2.07 -2.24 -4.18
C SER A 90 2.09 -2.70 -5.64
N LEU A 91 1.78 -3.98 -5.83
CA LEU A 91 1.75 -4.55 -7.16
C LEU A 91 0.61 -3.94 -7.97
N LEU A 92 -0.58 -3.99 -7.38
CA LEU A 92 -1.76 -3.43 -8.03
C LEU A 92 -1.42 -2.06 -8.62
N VAL A 93 -0.71 -1.28 -7.82
CA VAL A 93 -0.32 0.06 -8.26
C VAL A 93 0.48 -0.05 -9.57
N PHE A 94 1.65 -0.67 -9.45
CA PHE A 94 2.50 -0.85 -10.62
C PHE A 94 1.68 -1.13 -11.87
N GLN A 95 0.67 -1.96 -11.70
CA GLN A 95 -0.21 -2.33 -12.80
C GLN A 95 -1.20 -1.20 -13.09
N LEU A 96 -1.83 -0.73 -12.03
CA LEU A 96 -2.80 0.35 -12.16
C LEU A 96 -2.10 1.60 -12.68
N ALA A 97 -1.54 2.36 -11.75
CA ALA A 97 -0.84 3.57 -12.09
C ALA A 97 0.04 3.33 -13.32
N GLY A 98 0.98 2.42 -13.16
CA GLY A 98 1.89 2.07 -14.24
C GLY A 98 3.35 2.33 -13.84
N GLY A 99 3.85 1.47 -12.96
CA GLY A 99 5.21 1.59 -12.48
C GLY A 99 6.21 1.45 -13.64
N ILE A 100 7.34 2.11 -13.50
CA ILE A 100 8.38 2.06 -14.51
C ILE A 100 9.69 1.56 -13.88
N GLY A 101 10.47 0.86 -14.70
CA GLY A 101 11.73 0.32 -14.23
C GLY A 101 11.51 -0.82 -13.25
N GLU A 102 12.28 -0.79 -12.17
CA GLU A 102 12.18 -1.83 -11.15
C GLU A 102 10.73 -2.00 -10.72
N ARG A 103 10.47 -3.13 -10.09
CA ARG A 103 9.12 -3.44 -9.61
C ARG A 103 9.16 -4.60 -8.62
N PRO A 104 8.07 -4.70 -7.81
CA PRO A 104 7.97 -5.75 -6.81
C PRO A 104 7.65 -7.10 -7.47
N GLN A 105 8.37 -8.12 -7.03
CA GLN A 105 8.16 -9.46 -7.56
C GLN A 105 7.21 -10.25 -6.66
N PRO A 106 6.51 -11.22 -7.29
CA PRO A 106 5.57 -12.06 -6.56
C PRO A 106 6.29 -13.10 -5.71
N SER A 107 7.16 -12.59 -4.83
CA SER A 107 7.93 -13.46 -3.95
C SER A 107 8.73 -14.46 -4.78
N GLY A 108 9.08 -15.56 -4.13
CA GLY A 108 9.84 -16.60 -4.79
C GLY A 108 8.97 -17.83 -5.08
N PRO A 109 8.71 -18.61 -4.00
CA PRO A 109 7.88 -19.80 -4.13
C PRO A 109 6.40 -19.44 -4.28
N SER A 110 5.99 -18.45 -3.52
CA SER A 110 4.60 -18.00 -3.56
C SER A 110 3.69 -19.04 -2.91
N SER A 111 3.68 -20.22 -3.52
CA SER A 111 2.85 -21.30 -3.01
C SER A 111 3.58 -22.03 -1.86
N GLY A 112 2.83 -22.27 -0.80
CA GLY A 112 3.38 -22.94 0.37
C GLY A 112 2.59 -24.20 0.70
N GLY A 1 -9.76 0.44 47.90
CA GLY A 1 -9.62 0.55 46.46
C GLY A 1 -8.19 0.21 46.02
N SER A 2 -7.98 0.26 44.71
CA SER A 2 -6.67 -0.03 44.15
C SER A 2 -6.58 0.51 42.73
N SER A 3 -5.37 0.48 42.20
CA SER A 3 -5.13 0.96 40.85
C SER A 3 -4.13 0.05 40.13
N GLY A 4 -3.99 0.28 38.83
CA GLY A 4 -3.09 -0.51 38.02
C GLY A 4 -1.95 0.35 37.48
N SER A 5 -1.44 -0.06 36.32
CA SER A 5 -0.35 0.67 35.69
C SER A 5 -0.22 0.25 34.22
N SER A 6 0.58 1.00 33.49
CA SER A 6 0.79 0.73 32.08
C SER A 6 2.29 0.51 31.80
N GLY A 7 2.57 0.05 30.60
CA GLY A 7 3.94 -0.20 30.21
C GLY A 7 4.38 0.76 29.09
N ALA A 8 5.41 0.35 28.37
CA ALA A 8 5.94 1.15 27.28
C ALA A 8 5.50 0.54 25.95
N ILE A 9 4.92 1.38 25.11
CA ILE A 9 4.45 0.94 23.81
C ILE A 9 5.62 0.33 23.03
N TYR A 10 5.45 -0.92 22.64
CA TYR A 10 6.49 -1.62 21.89
C TYR A 10 5.87 -2.52 20.82
N VAL A 11 5.66 -1.94 19.64
CA VAL A 11 5.09 -2.68 18.54
C VAL A 11 3.67 -3.11 18.90
N ASP A 12 2.72 -2.68 18.08
CA ASP A 12 1.32 -3.01 18.30
C ASP A 12 0.80 -3.84 17.13
N LEU A 13 0.21 -3.13 16.17
CA LEU A 13 -0.32 -3.79 14.99
C LEU A 13 0.75 -3.84 13.91
N PRO A 14 0.61 -4.86 13.01
CA PRO A 14 1.56 -5.03 11.91
C PRO A 14 1.34 -3.98 10.83
N ASN A 15 2.40 -3.74 10.07
CA ASN A 15 2.34 -2.76 8.99
C ASN A 15 3.44 -3.08 7.96
N ARG A 16 3.14 -2.75 6.72
CA ARG A 16 4.09 -2.99 5.64
C ARG A 16 3.96 -1.90 4.57
N GLN A 17 5.10 -1.33 4.22
CA GLN A 17 5.13 -0.28 3.22
C GLN A 17 6.21 -0.58 2.17
N LEU A 18 5.97 -0.09 0.97
CA LEU A 18 6.91 -0.29 -0.13
C LEU A 18 6.99 0.99 -0.97
N LYS A 19 8.03 1.05 -1.80
CA LYS A 19 8.22 2.20 -2.65
C LYS A 19 8.10 1.77 -4.12
N VAL A 20 6.97 2.13 -4.71
CA VAL A 20 6.71 1.79 -6.10
C VAL A 20 7.34 2.85 -7.01
N LYS A 21 8.47 2.48 -7.60
CA LYS A 21 9.18 3.38 -8.48
C LYS A 21 8.32 3.65 -9.72
N VAL A 22 7.48 4.66 -9.62
CA VAL A 22 6.61 5.02 -10.72
C VAL A 22 7.38 5.87 -11.72
N ALA A 23 6.65 6.43 -12.67
CA ALA A 23 7.25 7.26 -13.69
C ALA A 23 6.62 8.66 -13.65
N ASP A 24 5.30 8.68 -13.78
CA ASP A 24 4.56 9.93 -13.75
C ASP A 24 4.84 10.70 -15.04
N ARG A 25 6.10 11.03 -15.24
CA ARG A 25 6.51 11.76 -16.42
C ARG A 25 5.77 13.10 -16.51
N ARG A 26 6.44 14.14 -16.04
CA ARG A 26 5.85 15.47 -16.05
C ARG A 26 4.56 15.50 -15.22
N VAL A 27 4.68 16.07 -14.03
CA VAL A 27 3.54 16.16 -13.14
C VAL A 27 2.48 17.08 -13.75
N ILE A 28 1.28 16.54 -13.87
CA ILE A 28 0.18 17.29 -14.44
C ILE A 28 -0.31 18.32 -13.41
N SER A 29 -0.59 19.52 -13.92
CA SER A 29 -1.06 20.60 -13.07
C SER A 29 -2.58 20.68 -13.12
N THR A 30 -3.14 21.40 -12.15
CA THR A 30 -4.59 21.55 -12.08
C THR A 30 -5.27 20.19 -11.96
N THR A 31 -5.01 19.53 -10.84
CA THR A 31 -5.59 18.23 -10.59
C THR A 31 -7.06 18.35 -10.22
N ASP A 32 -7.78 17.26 -10.37
CA ASP A 32 -9.20 17.23 -10.06
C ASP A 32 -9.94 18.20 -11.00
N ALA A 33 -11.26 18.04 -11.04
CA ALA A 33 -12.09 18.88 -11.88
C ALA A 33 -11.76 18.60 -13.36
N GLU A 34 -12.81 18.29 -14.10
CA GLU A 34 -12.65 17.99 -15.52
C GLU A 34 -11.94 16.64 -15.70
N ARG A 35 -12.73 15.58 -15.65
CA ARG A 35 -12.20 14.24 -15.80
C ARG A 35 -13.31 13.27 -16.21
N GLN A 36 -12.97 12.41 -17.16
CA GLN A 36 -13.94 11.43 -17.64
C GLN A 36 -13.20 10.24 -18.28
N ALA A 37 -13.08 9.18 -17.50
CA ALA A 37 -12.40 7.97 -17.98
C ALA A 37 -10.89 8.17 -17.88
N VAL A 38 -10.41 8.29 -16.65
CA VAL A 38 -9.00 8.49 -16.41
C VAL A 38 -8.49 7.40 -15.46
N THR A 39 -7.99 6.33 -16.05
CA THR A 39 -7.47 5.22 -15.27
C THR A 39 -6.60 5.73 -14.12
N PRO A 40 -6.47 4.88 -13.07
CA PRO A 40 -7.11 3.57 -13.08
C PRO A 40 -8.62 3.71 -12.83
N PRO A 41 -9.40 2.83 -13.51
CA PRO A 41 -10.84 2.83 -13.36
C PRO A 41 -11.27 2.23 -12.02
N GLY A 42 -11.48 3.11 -11.05
CA GLY A 42 -11.89 2.68 -9.73
C GLY A 42 -10.71 2.08 -8.96
N LEU A 43 -9.82 2.95 -8.53
CA LEU A 43 -8.65 2.53 -7.79
C LEU A 43 -9.06 2.12 -6.37
N GLN A 44 -9.66 3.06 -5.67
CA GLN A 44 -10.11 2.82 -4.31
C GLN A 44 -11.12 1.67 -4.28
N GLU A 45 -12.05 1.72 -5.23
CA GLU A 45 -13.07 0.69 -5.33
C GLU A 45 -12.42 -0.70 -5.38
N ALA A 46 -11.42 -0.82 -6.24
CA ALA A 46 -10.71 -2.08 -6.39
C ALA A 46 -10.09 -2.48 -5.05
N ILE A 47 -9.06 -1.76 -4.68
CA ILE A 47 -8.37 -2.02 -3.43
C ILE A 47 -9.39 -2.22 -2.32
N ASN A 48 -10.34 -1.29 -2.24
CA ASN A 48 -11.38 -1.35 -1.24
C ASN A 48 -11.92 -2.78 -1.15
N ASP A 49 -12.14 -3.37 -2.32
CA ASP A 49 -12.65 -4.72 -2.40
C ASP A 49 -11.64 -5.68 -1.74
N LEU A 50 -10.37 -5.43 -2.02
CA LEU A 50 -9.31 -6.26 -1.46
C LEU A 50 -9.15 -5.94 0.02
N VAL A 51 -9.70 -4.80 0.42
CA VAL A 51 -9.63 -4.38 1.80
C VAL A 51 -10.83 -4.94 2.57
N LYS A 52 -11.90 -5.20 1.83
CA LYS A 52 -13.11 -5.73 2.42
C LYS A 52 -13.00 -7.25 2.50
N LYS A 53 -12.19 -7.81 1.61
CA LYS A 53 -12.00 -9.25 1.58
C LYS A 53 -11.09 -9.66 2.73
N TYR A 54 -10.48 -8.66 3.36
CA TYR A 54 -9.59 -8.91 4.48
C TYR A 54 -10.23 -8.48 5.80
N THR A 55 -9.51 -8.75 6.88
CA THR A 55 -10.00 -8.40 8.20
C THR A 55 -9.30 -7.13 8.71
N LEU A 56 -10.11 -6.15 9.05
CA LEU A 56 -9.59 -4.89 9.55
C LEU A 56 -8.35 -4.50 8.74
N ALA A 57 -8.52 -4.51 7.43
CA ALA A 57 -7.43 -4.16 6.53
C ALA A 57 -7.57 -2.70 6.10
N ARG A 58 -6.45 -2.11 5.70
CA ARG A 58 -6.44 -0.73 5.27
C ARG A 58 -5.20 -0.45 4.43
N ALA A 59 -5.43 0.20 3.29
CA ALA A 59 -4.34 0.53 2.38
C ALA A 59 -4.70 1.82 1.63
N PHE A 60 -3.64 2.53 1.23
CA PHE A 60 -3.82 3.78 0.51
C PHE A 60 -2.60 4.11 -0.33
N VAL A 61 -2.69 5.21 -1.07
CA VAL A 61 -1.59 5.63 -1.91
C VAL A 61 -1.61 7.17 -2.02
N ARG A 62 -0.44 7.76 -1.79
CA ARG A 62 -0.32 9.20 -1.87
C ARG A 62 1.12 9.59 -2.21
N PRO A 63 1.26 10.32 -3.36
CA PRO A 63 2.57 10.75 -3.81
C PRO A 63 3.09 11.92 -2.96
N SER A 64 4.36 11.85 -2.63
CA SER A 64 4.99 12.88 -1.82
C SER A 64 5.86 13.77 -2.71
N GLY A 65 5.63 13.66 -4.01
CA GLY A 65 6.38 14.46 -4.97
C GLY A 65 7.84 14.61 -4.53
N THR A 66 8.49 13.47 -4.33
CA THR A 66 9.87 13.47 -3.91
C THR A 66 10.79 13.23 -5.12
N GLU A 67 10.20 12.71 -6.17
CA GLU A 67 10.96 12.43 -7.39
C GLU A 67 10.08 11.67 -8.39
N ASP A 68 10.07 10.36 -8.24
CA ASP A 68 9.28 9.51 -9.12
C ASP A 68 8.96 8.20 -8.40
N ILE A 69 8.83 8.30 -7.09
CA ILE A 69 8.52 7.14 -6.27
C ILE A 69 7.26 7.42 -5.45
N VAL A 70 6.45 6.39 -5.29
CA VAL A 70 5.22 6.51 -4.53
C VAL A 70 5.33 5.69 -3.25
N ARG A 71 4.72 6.21 -2.20
CA ARG A 71 4.73 5.53 -0.91
C ARG A 71 3.46 4.70 -0.73
N VAL A 72 3.64 3.49 -0.21
CA VAL A 72 2.52 2.60 0.03
C VAL A 72 2.47 2.24 1.51
N TYR A 73 1.26 1.93 1.97
CA TYR A 73 1.06 1.56 3.36
C TYR A 73 -0.16 0.66 3.53
N ALA A 74 0.07 -0.46 4.19
CA ALA A 74 -1.01 -1.43 4.42
C ALA A 74 -0.93 -1.94 5.86
N GLU A 75 -2.10 -2.22 6.41
CA GLU A 75 -2.18 -2.72 7.78
C GLU A 75 -3.46 -3.52 7.98
N ALA A 76 -3.30 -4.73 8.50
CA ALA A 76 -4.44 -5.60 8.74
C ALA A 76 -4.39 -6.10 10.18
N ASN A 77 -5.43 -6.84 10.55
CA ASN A 77 -5.51 -7.39 11.89
C ASN A 77 -4.36 -8.37 12.13
N SER A 78 -3.93 -8.99 11.03
CA SER A 78 -2.85 -9.95 11.11
C SER A 78 -1.70 -9.51 10.18
N GLN A 79 -0.52 -10.01 10.49
CA GLN A 79 0.66 -9.68 9.71
C GLN A 79 0.63 -10.41 8.37
N GLU A 80 0.02 -11.58 8.38
CA GLU A 80 -0.09 -12.39 7.18
C GLU A 80 -0.87 -11.64 6.10
N SER A 81 -1.82 -10.83 6.56
CA SER A 81 -2.64 -10.05 5.65
C SER A 81 -1.96 -8.72 5.34
N ALA A 82 -1.45 -8.09 6.40
CA ALA A 82 -0.77 -6.81 6.24
C ALA A 82 0.27 -6.92 5.13
N ASP A 83 0.98 -8.03 5.12
CA ASP A 83 2.00 -8.26 4.13
C ASP A 83 1.34 -8.52 2.77
N ARG A 84 0.34 -9.39 2.81
CA ARG A 84 -0.39 -9.73 1.60
C ARG A 84 -0.87 -8.47 0.89
N LEU A 85 -1.74 -7.74 1.57
CA LEU A 85 -2.29 -6.51 1.03
C LEU A 85 -1.15 -5.64 0.51
N ALA A 86 -0.16 -5.43 1.37
CA ALA A 86 0.99 -4.62 1.02
C ALA A 86 1.58 -5.13 -0.31
N TYR A 87 2.25 -6.28 -0.22
CA TYR A 87 2.86 -6.88 -1.40
C TYR A 87 1.94 -6.75 -2.61
N GLU A 88 0.67 -7.03 -2.37
CA GLU A 88 -0.32 -6.95 -3.44
C GLU A 88 -0.45 -5.52 -3.95
N VAL A 89 -0.96 -4.66 -3.08
CA VAL A 89 -1.15 -3.26 -3.44
C VAL A 89 0.07 -2.78 -4.24
N SER A 90 1.22 -2.78 -3.58
CA SER A 90 2.44 -2.35 -4.22
C SER A 90 2.49 -2.86 -5.67
N LEU A 91 2.11 -4.12 -5.83
CA LEU A 91 2.11 -4.73 -7.14
C LEU A 91 0.97 -4.14 -7.98
N LEU A 92 -0.21 -4.14 -7.38
CA LEU A 92 -1.39 -3.60 -8.04
C LEU A 92 -1.05 -2.23 -8.66
N VAL A 93 -0.39 -1.41 -7.85
CA VAL A 93 0.00 -0.09 -8.30
C VAL A 93 0.87 -0.21 -9.55
N PHE A 94 2.00 -0.86 -9.39
CA PHE A 94 2.93 -1.05 -10.49
C PHE A 94 2.17 -1.31 -11.79
N GLN A 95 1.11 -2.10 -11.68
CA GLN A 95 0.29 -2.43 -12.83
C GLN A 95 -0.60 -1.25 -13.21
N LEU A 96 -1.43 -0.85 -12.27
CA LEU A 96 -2.34 0.27 -12.51
C LEU A 96 -1.55 1.47 -13.02
N ALA A 97 -0.85 2.10 -12.09
CA ALA A 97 -0.04 3.27 -12.42
C ALA A 97 0.85 2.94 -13.62
N GLY A 98 1.72 1.96 -13.43
CA GLY A 98 2.62 1.55 -14.48
C GLY A 98 4.09 1.73 -14.07
N GLY A 99 4.43 1.10 -12.96
CA GLY A 99 5.79 1.19 -12.43
C GLY A 99 6.81 1.05 -13.55
N ILE A 100 8.04 1.44 -13.24
CA ILE A 100 9.12 1.36 -14.21
C ILE A 100 10.19 0.40 -13.69
N GLY A 101 10.70 -0.42 -14.61
CA GLY A 101 11.73 -1.38 -14.26
C GLY A 101 11.13 -2.78 -14.06
N GLU A 102 11.63 -3.46 -13.04
CA GLU A 102 11.15 -4.80 -12.73
C GLU A 102 10.20 -4.76 -11.54
N ARG A 103 9.32 -5.75 -11.50
CA ARG A 103 8.34 -5.84 -10.43
C ARG A 103 8.90 -6.68 -9.27
N PRO A 104 8.38 -6.40 -8.05
CA PRO A 104 8.81 -7.12 -6.87
C PRO A 104 8.21 -8.53 -6.84
N GLN A 105 9.05 -9.49 -6.48
CA GLN A 105 8.61 -10.87 -6.41
C GLN A 105 8.31 -11.26 -4.96
N PRO A 106 7.35 -12.21 -4.80
CA PRO A 106 6.96 -12.66 -3.48
C PRO A 106 8.02 -13.59 -2.89
N SER A 107 8.48 -13.24 -1.70
CA SER A 107 9.49 -14.04 -1.02
C SER A 107 8.85 -14.85 0.10
N GLY A 108 9.48 -15.97 0.41
CA GLY A 108 8.98 -16.86 1.45
C GLY A 108 8.32 -18.10 0.85
N PRO A 109 9.07 -19.23 0.91
CA PRO A 109 8.57 -20.49 0.37
C PRO A 109 7.52 -21.10 1.31
N SER A 110 7.82 -21.05 2.60
CA SER A 110 6.92 -21.59 3.60
C SER A 110 6.72 -23.09 3.36
N SER A 111 6.70 -23.83 4.48
CA SER A 111 6.52 -25.27 4.41
C SER A 111 5.35 -25.69 5.30
N GLY A 112 4.26 -26.07 4.64
CA GLY A 112 3.06 -26.49 5.36
C GLY A 112 1.91 -26.77 4.40
N GLY A 1 11.42 -1.95 32.27
CA GLY A 1 11.55 -0.68 31.57
C GLY A 1 10.19 -0.02 31.38
N SER A 2 10.13 1.25 31.77
CA SER A 2 8.89 2.00 31.63
C SER A 2 9.07 3.12 30.60
N SER A 3 7.95 3.64 30.13
CA SER A 3 7.96 4.70 29.15
C SER A 3 7.09 5.86 29.62
N GLY A 4 7.36 7.04 29.05
CA GLY A 4 6.62 8.22 29.40
C GLY A 4 5.14 8.07 29.03
N SER A 5 4.57 9.16 28.52
CA SER A 5 3.17 9.16 28.12
C SER A 5 2.28 8.84 29.34
N SER A 6 0.99 9.03 29.14
CA SER A 6 0.03 8.77 30.20
C SER A 6 -0.40 7.30 30.18
N GLY A 7 0.39 6.47 30.85
CA GLY A 7 0.12 5.05 30.93
C GLY A 7 1.18 4.26 30.16
N ALA A 8 0.80 3.81 28.97
CA ALA A 8 1.69 3.03 28.14
C ALA A 8 1.08 2.87 26.75
N ILE A 9 1.91 2.42 25.81
CA ILE A 9 1.47 2.21 24.44
C ILE A 9 0.25 1.29 24.44
N TYR A 10 -0.68 1.58 23.55
CA TYR A 10 -1.89 0.78 23.43
C TYR A 10 -2.26 0.55 21.97
N VAL A 11 -1.24 0.25 21.17
CA VAL A 11 -1.45 0.00 19.76
C VAL A 11 -0.11 -0.36 19.10
N ASP A 12 -0.08 -1.53 18.50
CA ASP A 12 1.13 -2.00 17.84
C ASP A 12 0.74 -2.82 16.61
N LEU A 13 -0.47 -2.58 16.13
CA LEU A 13 -0.97 -3.29 14.96
C LEU A 13 0.15 -3.41 13.94
N PRO A 14 0.00 -4.42 13.04
CA PRO A 14 0.99 -4.65 11.99
C PRO A 14 0.87 -3.60 10.88
N ASN A 15 1.97 -3.43 10.17
CA ASN A 15 2.02 -2.46 9.09
C ASN A 15 3.19 -2.81 8.15
N ARG A 16 2.99 -2.48 6.87
CA ARG A 16 4.00 -2.76 5.88
C ARG A 16 3.95 -1.69 4.77
N GLN A 17 5.13 -1.18 4.44
CA GLN A 17 5.24 -0.17 3.41
C GLN A 17 6.29 -0.55 2.38
N LEU A 18 6.02 -0.20 1.13
CA LEU A 18 6.95 -0.51 0.05
C LEU A 18 7.11 0.72 -0.85
N LYS A 19 8.08 0.64 -1.74
CA LYS A 19 8.35 1.74 -2.65
C LYS A 19 8.06 1.28 -4.08
N VAL A 20 7.14 1.99 -4.72
CA VAL A 20 6.76 1.67 -6.09
C VAL A 20 7.70 2.39 -7.06
N LYS A 21 8.78 1.70 -7.40
CA LYS A 21 9.76 2.25 -8.32
C LYS A 21 9.06 2.68 -9.62
N VAL A 22 8.98 3.99 -9.79
CA VAL A 22 8.34 4.55 -10.97
C VAL A 22 9.37 5.33 -11.78
N ALA A 23 8.86 6.15 -12.69
CA ALA A 23 9.73 6.96 -13.53
C ALA A 23 9.29 8.42 -13.45
N ASP A 24 8.00 8.64 -13.61
CA ASP A 24 7.45 9.98 -13.55
C ASP A 24 8.18 10.87 -14.55
N ARG A 25 7.52 11.11 -15.68
CA ARG A 25 8.10 11.95 -16.72
C ARG A 25 7.23 13.18 -16.95
N ARG A 26 7.87 14.34 -16.86
CA ARG A 26 7.16 15.59 -17.06
C ARG A 26 6.21 15.48 -18.26
N VAL A 27 4.92 15.42 -17.94
CA VAL A 27 3.90 15.32 -18.97
C VAL A 27 2.96 16.51 -18.88
N ILE A 28 2.72 17.13 -20.01
CA ILE A 28 1.84 18.29 -20.07
C ILE A 28 0.42 17.82 -20.39
N SER A 29 -0.46 18.00 -19.41
CA SER A 29 -1.85 17.60 -19.57
C SER A 29 -1.99 16.10 -19.32
N THR A 30 -2.40 15.77 -18.10
CA THR A 30 -2.59 14.38 -17.73
C THR A 30 -3.50 14.27 -16.50
N THR A 31 -2.97 14.66 -15.36
CA THR A 31 -3.72 14.62 -14.12
C THR A 31 -4.10 16.04 -13.67
N ASP A 32 -5.39 16.29 -13.66
CA ASP A 32 -5.90 17.60 -13.26
C ASP A 32 -7.40 17.68 -13.58
N ALA A 33 -8.20 17.40 -12.57
CA ALA A 33 -9.64 17.45 -12.72
C ALA A 33 -10.31 17.00 -11.42
N GLU A 34 -11.11 17.91 -10.87
CA GLU A 34 -11.81 17.63 -9.63
C GLU A 34 -13.29 17.41 -9.89
N ARG A 35 -13.62 16.20 -10.32
CA ARG A 35 -15.00 15.86 -10.60
C ARG A 35 -15.11 14.39 -11.03
N GLN A 36 -16.30 13.84 -10.84
CA GLN A 36 -16.55 12.45 -11.19
C GLN A 36 -16.01 11.53 -10.09
N ALA A 37 -16.47 10.28 -10.13
CA ALA A 37 -16.06 9.30 -9.15
C ALA A 37 -14.54 9.41 -8.95
N VAL A 38 -14.15 9.50 -7.68
CA VAL A 38 -12.75 9.62 -7.33
C VAL A 38 -11.93 8.68 -8.23
N THR A 39 -11.01 9.28 -8.96
CA THR A 39 -10.16 8.52 -9.86
C THR A 39 -8.89 8.05 -9.13
N PRO A 40 -8.31 6.93 -9.65
CA PRO A 40 -8.88 6.27 -10.80
C PRO A 40 -10.13 5.47 -10.42
N PRO A 41 -11.08 5.42 -11.38
CA PRO A 41 -12.33 4.71 -11.15
C PRO A 41 -12.12 3.19 -11.24
N GLY A 42 -11.90 2.60 -10.07
CA GLY A 42 -11.68 1.16 -10.00
C GLY A 42 -10.64 0.82 -8.93
N LEU A 43 -9.48 1.43 -9.08
CA LEU A 43 -8.39 1.20 -8.13
C LEU A 43 -8.95 1.22 -6.71
N GLN A 44 -9.43 2.40 -6.32
CA GLN A 44 -9.98 2.57 -4.99
C GLN A 44 -11.02 1.48 -4.70
N GLU A 45 -11.66 1.02 -5.76
CA GLU A 45 -12.67 -0.01 -5.64
C GLU A 45 -12.01 -1.37 -5.36
N ALA A 46 -11.01 -1.67 -6.18
CA ALA A 46 -10.29 -2.93 -6.04
C ALA A 46 -9.82 -3.08 -4.59
N ILE A 47 -8.91 -2.21 -4.20
CA ILE A 47 -8.37 -2.23 -2.86
C ILE A 47 -9.53 -2.20 -1.85
N ASN A 48 -10.51 -1.37 -2.17
CA ASN A 48 -11.68 -1.23 -1.30
C ASN A 48 -12.35 -2.58 -1.15
N ASP A 49 -12.23 -3.40 -2.18
CA ASP A 49 -12.83 -4.72 -2.17
C ASP A 49 -11.92 -5.68 -1.39
N LEU A 50 -10.63 -5.59 -1.70
CA LEU A 50 -9.65 -6.43 -1.05
C LEU A 50 -9.60 -6.10 0.45
N VAL A 51 -9.87 -4.84 0.74
CA VAL A 51 -9.85 -4.38 2.12
C VAL A 51 -11.07 -4.94 2.85
N LYS A 52 -12.10 -5.24 2.08
CA LYS A 52 -13.33 -5.79 2.63
C LYS A 52 -13.26 -7.32 2.59
N LYS A 53 -12.60 -7.82 1.57
CA LYS A 53 -12.47 -9.26 1.40
C LYS A 53 -11.58 -9.81 2.52
N TYR A 54 -10.69 -8.96 3.01
CA TYR A 54 -9.79 -9.34 4.07
C TYR A 54 -10.38 -9.02 5.44
N THR A 55 -9.67 -9.45 6.48
CA THR A 55 -10.12 -9.22 7.84
C THR A 55 -9.46 -7.96 8.41
N LEU A 56 -10.30 -6.98 8.71
CA LEU A 56 -9.80 -5.73 9.27
C LEU A 56 -8.52 -5.33 8.55
N ALA A 57 -8.66 -5.06 7.26
CA ALA A 57 -7.52 -4.66 6.45
C ALA A 57 -7.62 -3.17 6.12
N ARG A 58 -6.52 -2.64 5.60
CA ARG A 58 -6.48 -1.22 5.25
C ARG A 58 -5.26 -0.95 4.37
N ALA A 59 -5.53 -0.33 3.22
CA ALA A 59 -4.46 0.01 2.29
C ALA A 59 -4.60 1.47 1.88
N PHE A 60 -3.46 2.07 1.55
CA PHE A 60 -3.44 3.47 1.13
C PHE A 60 -2.24 3.75 0.23
N VAL A 61 -2.19 4.98 -0.27
CA VAL A 61 -1.11 5.38 -1.14
C VAL A 61 -0.90 6.90 -1.02
N ARG A 62 0.36 7.30 -1.13
CA ARG A 62 0.70 8.71 -1.03
C ARG A 62 1.80 9.06 -2.03
N PRO A 63 1.46 9.98 -2.97
CA PRO A 63 2.40 10.40 -3.98
C PRO A 63 3.45 11.34 -3.40
N SER A 64 3.23 11.71 -2.15
CA SER A 64 4.15 12.61 -1.46
C SER A 64 5.59 12.28 -1.84
N GLY A 65 6.14 13.12 -2.70
CA GLY A 65 7.51 12.93 -3.15
C GLY A 65 7.70 13.49 -4.56
N THR A 66 7.88 14.80 -4.63
CA THR A 66 8.08 15.46 -5.90
C THR A 66 9.26 14.85 -6.66
N GLU A 67 10.16 14.25 -5.89
CA GLU A 67 11.34 13.62 -6.46
C GLU A 67 10.94 12.49 -7.40
N ASP A 68 10.60 11.35 -6.81
CA ASP A 68 10.19 10.20 -7.58
C ASP A 68 9.80 9.06 -6.62
N ILE A 69 9.16 8.05 -7.19
CA ILE A 69 8.73 6.91 -6.41
C ILE A 69 7.52 7.31 -5.55
N VAL A 70 6.63 6.36 -5.37
CA VAL A 70 5.43 6.60 -4.57
C VAL A 70 5.52 5.78 -3.28
N ARG A 71 4.84 6.28 -2.26
CA ARG A 71 4.83 5.62 -0.97
C ARG A 71 3.59 4.73 -0.83
N VAL A 72 3.82 3.49 -0.43
CA VAL A 72 2.74 2.55 -0.25
C VAL A 72 2.61 2.19 1.22
N TYR A 73 1.36 2.05 1.66
CA TYR A 73 1.08 1.71 3.04
C TYR A 73 -0.05 0.68 3.15
N ALA A 74 0.12 -0.25 4.07
CA ALA A 74 -0.87 -1.29 4.27
C ALA A 74 -0.88 -1.70 5.75
N GLU A 75 -2.07 -1.99 6.25
CA GLU A 75 -2.23 -2.38 7.63
C GLU A 75 -3.49 -3.23 7.80
N ALA A 76 -3.37 -4.27 8.62
CA ALA A 76 -4.49 -5.16 8.87
C ALA A 76 -4.42 -5.66 10.32
N ASN A 77 -5.40 -6.47 10.68
CA ASN A 77 -5.46 -7.02 12.02
C ASN A 77 -4.41 -8.13 12.16
N SER A 78 -3.96 -8.62 11.02
CA SER A 78 -2.97 -9.68 11.00
C SER A 78 -1.79 -9.27 10.11
N GLN A 79 -0.62 -9.79 10.45
CA GLN A 79 0.59 -9.49 9.70
C GLN A 79 0.52 -10.12 8.31
N GLU A 80 -0.04 -11.32 8.27
CA GLU A 80 -0.18 -12.04 7.02
C GLU A 80 -0.98 -11.21 6.01
N SER A 81 -1.97 -10.49 6.53
CA SER A 81 -2.81 -9.66 5.70
C SER A 81 -2.09 -8.35 5.38
N ALA A 82 -1.44 -7.80 6.40
CA ALA A 82 -0.72 -6.56 6.24
C ALA A 82 0.26 -6.69 5.06
N ASP A 83 0.99 -7.80 5.07
CA ASP A 83 1.97 -8.05 4.03
C ASP A 83 1.23 -8.22 2.69
N ARG A 84 0.43 -9.27 2.62
CA ARG A 84 -0.33 -9.55 1.41
C ARG A 84 -0.86 -8.25 0.80
N LEU A 85 -1.73 -7.59 1.55
CA LEU A 85 -2.31 -6.34 1.09
C LEU A 85 -1.22 -5.46 0.48
N ALA A 86 -0.21 -5.17 1.31
CA ALA A 86 0.90 -4.33 0.87
C ALA A 86 1.42 -4.86 -0.47
N TYR A 87 1.98 -6.06 -0.42
CA TYR A 87 2.51 -6.68 -1.62
C TYR A 87 1.57 -6.47 -2.81
N GLU A 88 0.29 -6.63 -2.54
CA GLU A 88 -0.72 -6.48 -3.58
C GLU A 88 -0.74 -5.02 -4.07
N VAL A 89 -1.18 -4.14 -3.17
CA VAL A 89 -1.25 -2.73 -3.50
C VAL A 89 -0.04 -2.33 -4.34
N SER A 90 1.13 -2.55 -3.76
CA SER A 90 2.37 -2.21 -4.45
C SER A 90 2.31 -2.68 -5.90
N LEU A 91 1.91 -3.93 -6.07
CA LEU A 91 1.80 -4.51 -7.40
C LEU A 91 0.71 -3.78 -8.18
N LEU A 92 -0.44 -3.66 -7.55
CA LEU A 92 -1.58 -2.99 -8.17
C LEU A 92 -1.10 -1.69 -8.81
N VAL A 93 -0.41 -0.89 -8.01
CA VAL A 93 0.10 0.38 -8.48
C VAL A 93 0.93 0.16 -9.74
N PHE A 94 2.03 -0.55 -9.58
CA PHE A 94 2.91 -0.85 -10.69
C PHE A 94 2.11 -1.24 -11.94
N GLN A 95 0.94 -1.81 -11.69
CA GLN A 95 0.07 -2.23 -12.78
C GLN A 95 -0.77 -1.06 -13.28
N LEU A 96 -1.48 -0.43 -12.34
CA LEU A 96 -2.33 0.70 -12.67
C LEU A 96 -1.45 1.89 -13.02
N ALA A 97 -1.07 2.64 -11.99
CA ALA A 97 -0.23 3.81 -12.17
C ALA A 97 0.86 3.50 -13.20
N GLY A 98 1.54 2.38 -12.98
CA GLY A 98 2.60 1.97 -13.87
C GLY A 98 3.97 2.21 -13.25
N GLY A 99 4.72 1.13 -13.10
CA GLY A 99 6.05 1.20 -12.52
C GLY A 99 7.13 1.04 -13.60
N ILE A 100 8.38 1.01 -13.14
CA ILE A 100 9.50 0.86 -14.05
C ILE A 100 10.20 -0.47 -13.76
N GLY A 101 11.10 -0.83 -14.67
CA GLY A 101 11.84 -2.08 -14.52
C GLY A 101 10.90 -3.28 -14.49
N GLU A 102 11.19 -4.20 -13.59
CA GLU A 102 10.38 -5.39 -13.44
C GLU A 102 9.50 -5.29 -12.19
N ARG A 103 8.32 -5.89 -12.29
CA ARG A 103 7.39 -5.88 -11.18
C ARG A 103 7.98 -6.59 -9.96
N PRO A 104 7.47 -6.21 -8.76
CA PRO A 104 7.94 -6.81 -7.53
C PRO A 104 7.40 -8.24 -7.36
N GLN A 105 8.25 -9.10 -6.84
CA GLN A 105 7.88 -10.49 -6.63
C GLN A 105 7.37 -11.11 -7.93
N PRO A 106 7.29 -12.47 -7.92
CA PRO A 106 6.84 -13.19 -9.09
C PRO A 106 5.32 -13.08 -9.25
N SER A 107 4.86 -13.37 -10.46
CA SER A 107 3.44 -13.30 -10.75
C SER A 107 2.85 -14.71 -10.86
N GLY A 108 2.29 -15.17 -9.75
CA GLY A 108 1.70 -16.50 -9.71
C GLY A 108 0.19 -16.41 -9.50
N PRO A 109 -0.56 -17.10 -10.40
CA PRO A 109 -2.02 -17.11 -10.31
C PRO A 109 -2.49 -18.02 -9.18
N SER A 110 -2.03 -17.70 -7.98
CA SER A 110 -2.41 -18.47 -6.81
C SER A 110 -3.92 -18.40 -6.60
N SER A 111 -4.48 -19.53 -6.14
CA SER A 111 -5.91 -19.60 -5.90
C SER A 111 -6.16 -20.14 -4.48
N GLY A 112 -7.36 -19.87 -3.99
CA GLY A 112 -7.75 -20.31 -2.66
C GLY A 112 -7.94 -21.82 -2.63
N GLY A 1 -6.44 1.75 44.20
CA GLY A 1 -5.70 1.46 42.99
C GLY A 1 -4.21 1.25 43.30
N SER A 2 -3.52 2.37 43.50
CA SER A 2 -2.10 2.32 43.81
C SER A 2 -1.31 1.96 42.55
N SER A 3 -1.59 0.78 42.02
CA SER A 3 -0.92 0.31 40.82
C SER A 3 -0.80 1.45 39.81
N GLY A 4 0.22 1.36 38.98
CA GLY A 4 0.46 2.37 37.97
C GLY A 4 0.62 1.74 36.58
N SER A 5 1.45 2.37 35.76
CA SER A 5 1.69 1.87 34.41
C SER A 5 3.09 2.31 33.95
N SER A 6 3.52 1.72 32.85
CA SER A 6 4.82 2.03 32.28
C SER A 6 4.69 2.34 30.79
N GLY A 7 5.75 2.93 30.25
CA GLY A 7 5.77 3.28 28.84
C GLY A 7 6.63 2.31 28.04
N ALA A 8 6.02 1.20 27.65
CA ALA A 8 6.73 0.18 26.88
C ALA A 8 5.81 -0.37 25.80
N ILE A 9 6.39 -1.17 24.93
CA ILE A 9 5.63 -1.78 23.84
C ILE A 9 4.32 -2.36 24.40
N TYR A 10 3.22 -1.85 23.89
CA TYR A 10 1.91 -2.31 24.32
C TYR A 10 0.93 -2.36 23.14
N VAL A 11 0.92 -3.51 22.47
CA VAL A 11 0.05 -3.71 21.34
C VAL A 11 0.47 -2.78 20.20
N ASP A 12 0.78 -3.39 19.06
CA ASP A 12 1.21 -2.63 17.90
C ASP A 12 0.77 -3.37 16.63
N LEU A 13 -0.35 -2.90 16.09
CA LEU A 13 -0.90 -3.49 14.88
C LEU A 13 0.19 -3.56 13.81
N PRO A 14 0.10 -4.61 12.95
CA PRO A 14 1.07 -4.81 11.89
C PRO A 14 0.83 -3.82 10.75
N ASN A 15 1.91 -3.54 10.02
CA ASN A 15 1.83 -2.61 8.90
C ASN A 15 3.04 -2.82 7.99
N ARG A 16 2.82 -2.61 6.70
CA ARG A 16 3.88 -2.77 5.72
C ARG A 16 3.65 -1.82 4.54
N GLN A 17 4.73 -1.15 4.15
CA GLN A 17 4.66 -0.22 3.04
C GLN A 17 5.86 -0.41 2.12
N LEU A 18 5.56 -0.59 0.84
CA LEU A 18 6.60 -0.79 -0.16
C LEU A 18 6.87 0.54 -0.88
N LYS A 19 7.95 0.55 -1.63
CA LYS A 19 8.34 1.74 -2.37
C LYS A 19 8.23 1.45 -3.88
N VAL A 20 7.28 2.12 -4.51
CA VAL A 20 7.06 1.95 -5.94
C VAL A 20 7.75 3.09 -6.69
N LYS A 21 8.57 2.71 -7.65
CA LYS A 21 9.29 3.68 -8.45
C LYS A 21 8.49 3.98 -9.72
N VAL A 22 7.49 4.83 -9.56
CA VAL A 22 6.65 5.21 -10.68
C VAL A 22 7.41 6.18 -11.58
N ALA A 23 6.66 6.84 -12.45
CA ALA A 23 7.25 7.79 -13.38
C ALA A 23 6.50 9.13 -13.28
N ASP A 24 5.18 9.03 -13.29
CA ASP A 24 4.34 10.21 -13.21
C ASP A 24 4.73 11.19 -14.30
N ARG A 25 4.14 10.99 -15.47
CA ARG A 25 4.41 11.85 -16.62
C ARG A 25 3.80 13.23 -16.41
N ARG A 26 4.61 14.13 -15.87
CA ARG A 26 4.16 15.48 -15.61
C ARG A 26 3.00 15.48 -14.62
N VAL A 27 3.21 16.19 -13.52
CA VAL A 27 2.20 16.28 -12.48
C VAL A 27 1.40 17.57 -12.64
N ILE A 28 0.11 17.42 -12.85
CA ILE A 28 -0.76 18.56 -13.03
C ILE A 28 -2.22 18.15 -12.74
N SER A 29 -3.04 19.15 -12.46
CA SER A 29 -4.43 18.90 -12.16
C SER A 29 -4.57 17.64 -11.30
N THR A 30 -4.47 17.85 -9.99
CA THR A 30 -4.59 16.75 -9.05
C THR A 30 -5.78 16.97 -8.12
N THR A 31 -6.68 15.99 -8.13
CA THR A 31 -7.87 16.06 -7.30
C THR A 31 -8.65 14.74 -7.38
N ASP A 32 -9.27 14.40 -6.25
CA ASP A 32 -10.06 13.17 -6.18
C ASP A 32 -11.45 13.50 -5.66
N ALA A 33 -12.42 13.38 -6.56
CA ALA A 33 -13.81 13.65 -6.21
C ALA A 33 -14.73 12.95 -7.23
N GLU A 34 -14.59 13.35 -8.48
CA GLU A 34 -15.40 12.78 -9.54
C GLU A 34 -15.49 11.26 -9.37
N ARG A 35 -16.60 10.71 -9.83
CA ARG A 35 -16.82 9.27 -9.74
C ARG A 35 -16.64 8.62 -11.11
N GLN A 36 -17.46 9.06 -12.05
CA GLN A 36 -17.40 8.53 -13.40
C GLN A 36 -16.20 9.10 -14.15
N ALA A 37 -15.17 8.27 -14.26
CA ALA A 37 -13.95 8.68 -14.95
C ALA A 37 -13.35 7.48 -15.68
N VAL A 38 -12.49 7.78 -16.65
CA VAL A 38 -11.85 6.74 -17.42
C VAL A 38 -11.14 5.77 -16.48
N THR A 39 -10.37 4.87 -17.08
CA THR A 39 -9.63 3.89 -16.31
C THR A 39 -8.56 4.58 -15.44
N PRO A 40 -8.16 3.86 -14.36
CA PRO A 40 -8.70 2.54 -14.08
C PRO A 40 -10.12 2.66 -13.51
N PRO A 41 -10.98 1.66 -13.89
CA PRO A 41 -12.35 1.65 -13.42
C PRO A 41 -12.43 1.21 -11.96
N GLY A 42 -12.96 2.09 -11.13
CA GLY A 42 -13.09 1.80 -9.72
C GLY A 42 -11.75 1.40 -9.11
N LEU A 43 -10.77 2.28 -9.27
CA LEU A 43 -9.45 2.03 -8.75
C LEU A 43 -9.55 1.66 -7.26
N GLN A 44 -10.00 2.62 -6.48
CA GLN A 44 -10.15 2.41 -5.05
C GLN A 44 -11.09 1.23 -4.79
N GLU A 45 -12.06 1.08 -5.66
CA GLU A 45 -13.03 0.00 -5.54
C GLU A 45 -12.32 -1.35 -5.49
N ALA A 46 -11.36 -1.51 -6.39
CA ALA A 46 -10.59 -2.74 -6.47
C ALA A 46 -10.00 -3.05 -5.09
N ILE A 47 -9.00 -2.27 -4.73
CA ILE A 47 -8.35 -2.45 -3.44
C ILE A 47 -9.40 -2.44 -2.33
N ASN A 48 -10.31 -1.49 -2.43
CA ASN A 48 -11.38 -1.38 -1.44
C ASN A 48 -12.05 -2.73 -1.24
N ASP A 49 -12.20 -3.45 -2.35
CA ASP A 49 -12.82 -4.76 -2.32
C ASP A 49 -11.90 -5.74 -1.59
N LEU A 50 -10.60 -5.57 -1.83
CA LEU A 50 -9.61 -6.42 -1.20
C LEU A 50 -9.51 -6.09 0.28
N VAL A 51 -9.68 -4.80 0.58
CA VAL A 51 -9.61 -4.34 1.96
C VAL A 51 -10.80 -4.91 2.74
N LYS A 52 -11.86 -5.22 2.00
CA LYS A 52 -13.05 -5.76 2.61
C LYS A 52 -12.94 -7.28 2.67
N LYS A 53 -12.20 -7.83 1.72
CA LYS A 53 -12.01 -9.27 1.65
C LYS A 53 -11.07 -9.71 2.78
N TYR A 54 -10.42 -8.72 3.39
CA TYR A 54 -9.49 -8.99 4.47
C TYR A 54 -10.13 -8.64 5.82
N THR A 55 -9.32 -8.77 6.87
CA THR A 55 -9.78 -8.48 8.21
C THR A 55 -9.17 -7.16 8.71
N LEU A 56 -10.04 -6.21 9.02
CA LEU A 56 -9.59 -4.92 9.50
C LEU A 56 -8.35 -4.49 8.72
N ALA A 57 -8.54 -4.34 7.42
CA ALA A 57 -7.45 -3.93 6.55
C ALA A 57 -7.65 -2.47 6.14
N ARG A 58 -6.56 -1.86 5.69
CA ARG A 58 -6.61 -0.48 5.25
C ARG A 58 -5.43 -0.16 4.33
N ALA A 59 -5.76 0.38 3.17
CA ALA A 59 -4.74 0.74 2.19
C ALA A 59 -4.79 2.24 1.93
N PHE A 60 -3.64 2.77 1.54
CA PHE A 60 -3.53 4.20 1.26
C PHE A 60 -2.29 4.49 0.40
N VAL A 61 -2.07 5.78 0.17
CA VAL A 61 -0.94 6.21 -0.63
C VAL A 61 -0.28 7.41 0.05
N ARG A 62 1.03 7.49 -0.08
CA ARG A 62 1.80 8.58 0.50
C ARG A 62 3.08 8.82 -0.30
N PRO A 63 3.13 10.02 -0.93
CA PRO A 63 4.29 10.39 -1.73
C PRO A 63 5.47 10.77 -0.83
N SER A 64 6.63 10.94 -1.47
CA SER A 64 7.83 11.31 -0.74
C SER A 64 8.27 12.72 -1.13
N GLY A 65 9.41 13.12 -0.61
CA GLY A 65 9.95 14.44 -0.89
C GLY A 65 11.37 14.35 -1.46
N THR A 66 12.29 13.92 -0.61
CA THR A 66 13.68 13.79 -1.02
C THR A 66 13.77 13.13 -2.40
N GLU A 67 12.82 12.24 -2.66
CA GLU A 67 12.79 11.54 -3.93
C GLU A 67 11.40 11.68 -4.57
N ASP A 68 11.24 11.00 -5.71
CA ASP A 68 9.97 11.04 -6.42
C ASP A 68 9.34 9.65 -6.40
N ILE A 69 9.72 8.88 -5.39
CA ILE A 69 9.21 7.53 -5.24
C ILE A 69 7.82 7.59 -4.59
N VAL A 70 7.08 6.50 -4.74
CA VAL A 70 5.75 6.42 -4.18
C VAL A 70 5.70 5.28 -3.16
N ARG A 71 5.40 5.64 -1.93
CA ARG A 71 5.33 4.66 -0.85
C ARG A 71 3.88 4.19 -0.67
N VAL A 72 3.65 2.94 -1.03
CA VAL A 72 2.32 2.36 -0.90
C VAL A 72 2.10 1.91 0.55
N TYR A 73 0.97 2.33 1.09
CA TYR A 73 0.62 1.99 2.45
C TYR A 73 -0.38 0.84 2.49
N ALA A 74 -0.31 0.05 3.55
CA ALA A 74 -1.20 -1.08 3.71
C ALA A 74 -1.02 -1.66 5.12
N GLU A 75 -2.14 -2.10 5.69
CA GLU A 75 -2.13 -2.67 7.02
C GLU A 75 -3.21 -3.74 7.15
N ALA A 76 -3.28 -4.33 8.34
CA ALA A 76 -4.26 -5.37 8.60
C ALA A 76 -4.12 -5.85 10.04
N ASN A 77 -5.15 -6.53 10.51
CA ASN A 77 -5.16 -7.05 11.87
C ASN A 77 -4.05 -8.10 12.01
N SER A 78 -3.90 -8.90 10.95
CA SER A 78 -2.89 -9.94 10.95
C SER A 78 -1.64 -9.46 10.22
N GLN A 79 -0.51 -10.06 10.58
CA GLN A 79 0.76 -9.69 9.96
C GLN A 79 0.76 -10.10 8.49
N GLU A 80 0.39 -11.35 8.25
CA GLU A 80 0.35 -11.88 6.90
C GLU A 80 -0.39 -10.91 5.97
N SER A 81 -1.67 -10.74 6.25
CA SER A 81 -2.49 -9.85 5.45
C SER A 81 -1.81 -8.48 5.32
N ALA A 82 -1.31 -8.00 6.46
CA ALA A 82 -0.64 -6.71 6.48
C ALA A 82 0.36 -6.63 5.34
N ASP A 83 1.26 -7.61 5.30
CA ASP A 83 2.27 -7.66 4.26
C ASP A 83 1.61 -8.03 2.93
N ARG A 84 0.96 -9.18 2.93
CA ARG A 84 0.27 -9.65 1.73
C ARG A 84 -0.44 -8.49 1.03
N LEU A 85 -1.41 -7.93 1.73
CA LEU A 85 -2.18 -6.82 1.19
C LEU A 85 -1.22 -5.77 0.64
N ALA A 86 -0.27 -5.36 1.48
CA ALA A 86 0.71 -4.37 1.09
C ALA A 86 1.36 -4.79 -0.22
N TYR A 87 2.16 -5.84 -0.15
CA TYR A 87 2.85 -6.35 -1.32
C TYR A 87 1.91 -6.36 -2.54
N GLU A 88 0.69 -6.83 -2.30
CA GLU A 88 -0.29 -6.91 -3.36
C GLU A 88 -0.60 -5.50 -3.90
N VAL A 89 -1.25 -4.71 -3.05
CA VAL A 89 -1.61 -3.36 -3.42
C VAL A 89 -0.47 -2.74 -4.25
N SER A 90 0.70 -2.68 -3.63
CA SER A 90 1.86 -2.12 -4.30
C SER A 90 1.92 -2.60 -5.75
N LEU A 91 1.66 -3.89 -5.92
CA LEU A 91 1.69 -4.48 -7.25
C LEU A 91 0.55 -3.88 -8.09
N LEU A 92 -0.64 -3.90 -7.51
CA LEU A 92 -1.80 -3.36 -8.19
C LEU A 92 -1.44 -2.02 -8.85
N VAL A 93 -0.85 -1.15 -8.05
CA VAL A 93 -0.44 0.15 -8.54
C VAL A 93 0.52 -0.02 -9.71
N PHE A 94 1.66 -0.62 -9.40
CA PHE A 94 2.67 -0.86 -10.42
C PHE A 94 2.04 -1.21 -11.77
N GLN A 95 0.97 -1.99 -11.68
CA GLN A 95 0.26 -2.41 -12.88
C GLN A 95 -0.66 -1.28 -13.37
N LEU A 96 -1.53 -0.84 -12.49
CA LEU A 96 -2.46 0.23 -12.82
C LEU A 96 -1.68 1.44 -13.31
N ALA A 97 -1.14 2.19 -12.36
CA ALA A 97 -0.38 3.38 -12.68
C ALA A 97 0.62 3.06 -13.80
N GLY A 98 1.41 2.03 -13.56
CA GLY A 98 2.40 1.61 -14.54
C GLY A 98 3.83 1.91 -14.05
N GLY A 99 4.18 1.28 -12.93
CA GLY A 99 5.50 1.48 -12.35
C GLY A 99 6.58 1.46 -13.44
N ILE A 100 7.73 2.02 -13.09
CA ILE A 100 8.85 2.07 -14.02
C ILE A 100 10.14 1.71 -13.27
N GLY A 101 10.97 0.93 -13.95
CA GLY A 101 12.23 0.50 -13.36
C GLY A 101 12.00 -0.37 -12.13
N GLU A 102 12.67 0.01 -11.04
CA GLU A 102 12.54 -0.75 -9.80
C GLU A 102 11.07 -1.04 -9.50
N ARG A 103 10.85 -2.12 -8.76
CA ARG A 103 9.49 -2.51 -8.40
C ARG A 103 9.53 -3.42 -7.17
N PRO A 104 8.35 -3.52 -6.50
CA PRO A 104 8.23 -4.35 -5.32
C PRO A 104 8.17 -5.83 -5.69
N GLN A 105 8.92 -6.63 -4.93
CA GLN A 105 8.97 -8.06 -5.17
C GLN A 105 8.37 -8.82 -3.98
N PRO A 106 7.89 -10.06 -4.27
CA PRO A 106 7.29 -10.89 -3.24
C PRO A 106 8.35 -11.49 -2.32
N SER A 107 7.91 -11.89 -1.14
CA SER A 107 8.81 -12.46 -0.15
C SER A 107 8.26 -13.81 0.32
N GLY A 108 8.83 -14.88 -0.23
CA GLY A 108 8.42 -16.22 0.14
C GLY A 108 9.07 -17.26 -0.78
N PRO A 109 8.93 -18.55 -0.37
CA PRO A 109 9.49 -19.64 -1.15
C PRO A 109 8.66 -19.91 -2.40
N SER A 110 9.33 -20.40 -3.43
CA SER A 110 8.67 -20.70 -4.69
C SER A 110 7.48 -21.64 -4.44
N SER A 111 7.77 -22.77 -3.82
CA SER A 111 6.74 -23.74 -3.51
C SER A 111 7.07 -24.47 -2.22
N GLY A 112 8.24 -25.08 -2.20
CA GLY A 112 8.69 -25.82 -1.03
C GLY A 112 8.62 -27.32 -1.26
N GLY A 1 24.14 3.74 41.55
CA GLY A 1 22.82 3.14 41.56
C GLY A 1 22.35 2.83 40.13
N SER A 2 22.01 3.91 39.43
CA SER A 2 21.54 3.77 38.05
C SER A 2 20.23 2.98 38.03
N SER A 3 19.57 3.04 36.88
CA SER A 3 18.30 2.34 36.71
C SER A 3 18.17 1.86 35.27
N GLY A 4 17.50 0.72 35.11
CA GLY A 4 17.29 0.14 33.80
C GLY A 4 15.81 -0.12 33.54
N SER A 5 15.36 0.30 32.36
CA SER A 5 13.97 0.13 31.98
C SER A 5 13.87 -0.81 30.77
N SER A 6 13.78 -2.10 31.06
CA SER A 6 13.67 -3.10 30.01
C SER A 6 12.67 -2.65 28.95
N GLY A 7 11.44 -2.44 29.41
CA GLY A 7 10.38 -1.99 28.51
C GLY A 7 10.49 -2.70 27.15
N ALA A 8 9.97 -3.90 27.10
CA ALA A 8 10.01 -4.68 25.87
C ALA A 8 8.75 -4.38 25.05
N ILE A 9 8.74 -4.89 23.83
CA ILE A 9 7.61 -4.70 22.93
C ILE A 9 6.33 -5.08 23.65
N TYR A 10 5.30 -4.27 23.45
CA TYR A 10 4.01 -4.51 24.07
C TYR A 10 2.86 -4.17 23.12
N VAL A 11 2.48 -5.17 22.33
CA VAL A 11 1.40 -4.99 21.36
C VAL A 11 1.85 -4.00 20.29
N ASP A 12 1.80 -4.47 19.05
CA ASP A 12 2.19 -3.63 17.93
C ASP A 12 1.54 -4.16 16.65
N LEU A 13 0.47 -3.48 16.26
CA LEU A 13 -0.26 -3.87 15.06
C LEU A 13 0.72 -3.97 13.89
N PRO A 14 0.44 -4.94 12.98
CA PRO A 14 1.28 -5.15 11.82
C PRO A 14 1.04 -4.06 10.77
N ASN A 15 2.10 -3.74 10.05
CA ASN A 15 2.03 -2.73 9.02
C ASN A 15 3.22 -2.88 8.06
N ARG A 16 2.94 -2.66 6.80
CA ARG A 16 3.98 -2.76 5.77
C ARG A 16 3.71 -1.78 4.64
N GLN A 17 4.77 -1.06 4.26
CA GLN A 17 4.66 -0.08 3.19
C GLN A 17 5.81 -0.26 2.20
N LEU A 18 5.43 -0.51 0.96
CA LEU A 18 6.41 -0.71 -0.10
C LEU A 18 6.57 0.60 -0.89
N LYS A 19 7.66 0.67 -1.64
CA LYS A 19 7.94 1.85 -2.43
C LYS A 19 7.82 1.50 -3.92
N VAL A 20 6.83 2.10 -4.56
CA VAL A 20 6.59 1.85 -5.98
C VAL A 20 7.38 2.88 -6.80
N LYS A 21 8.37 2.37 -7.52
CA LYS A 21 9.20 3.22 -8.36
C LYS A 21 8.44 3.58 -9.64
N VAL A 22 7.72 4.69 -9.58
CA VAL A 22 6.94 5.14 -10.71
C VAL A 22 7.86 5.92 -11.67
N ALA A 23 7.23 6.66 -12.56
CA ALA A 23 7.98 7.46 -13.54
C ALA A 23 7.47 8.90 -13.50
N ASP A 24 6.15 9.04 -13.50
CA ASP A 24 5.54 10.36 -13.47
C ASP A 24 5.91 11.12 -14.74
N ARG A 25 7.12 11.64 -14.76
CA ARG A 25 7.61 12.39 -15.90
C ARG A 25 6.98 13.80 -15.92
N ARG A 26 7.76 14.75 -15.44
CA ARG A 26 7.31 16.14 -15.38
C ARG A 26 6.11 16.26 -14.44
N VAL A 27 6.29 17.07 -13.42
CA VAL A 27 5.24 17.30 -12.44
C VAL A 27 4.51 18.60 -12.76
N ILE A 28 3.19 18.51 -12.81
CA ILE A 28 2.37 19.67 -13.11
C ILE A 28 0.90 19.29 -13.00
N SER A 29 0.19 20.01 -12.13
CA SER A 29 -1.22 19.76 -11.92
C SER A 29 -1.76 20.71 -10.85
N THR A 30 -1.14 20.67 -9.69
CA THR A 30 -1.56 21.52 -8.59
C THR A 30 -3.06 21.34 -8.30
N THR A 31 -3.34 20.40 -7.42
CA THR A 31 -4.73 20.12 -7.06
C THR A 31 -4.82 19.77 -5.57
N ASP A 32 -5.87 20.30 -4.94
CA ASP A 32 -6.08 20.05 -3.53
C ASP A 32 -7.59 19.92 -3.26
N ALA A 33 -8.07 18.69 -3.29
CA ALA A 33 -9.47 18.41 -3.05
C ALA A 33 -9.70 16.90 -3.03
N GLU A 34 -10.70 16.50 -2.28
CA GLU A 34 -11.04 15.09 -2.16
C GLU A 34 -12.56 14.90 -2.08
N ARG A 35 -13.18 14.83 -3.25
CA ARG A 35 -14.62 14.66 -3.33
C ARG A 35 -14.98 13.18 -3.47
N GLN A 36 -15.10 12.52 -2.34
CA GLN A 36 -15.44 11.10 -2.32
C GLN A 36 -14.23 10.27 -2.76
N ALA A 37 -13.89 10.40 -4.03
CA ALA A 37 -12.76 9.66 -4.58
C ALA A 37 -12.21 10.43 -5.79
N VAL A 38 -10.97 10.12 -6.13
CA VAL A 38 -10.32 10.76 -7.26
C VAL A 38 -9.62 9.69 -8.11
N THR A 39 -9.50 9.98 -9.39
CA THR A 39 -8.85 9.08 -10.31
C THR A 39 -7.53 8.57 -9.74
N PRO A 40 -7.08 7.39 -10.25
CA PRO A 40 -7.84 6.70 -11.27
C PRO A 40 -9.06 6.00 -10.67
N PRO A 41 -10.17 5.98 -11.47
CA PRO A 41 -11.41 5.37 -11.03
C PRO A 41 -11.30 3.84 -11.07
N GLY A 42 -10.86 3.28 -9.96
CA GLY A 42 -10.71 1.84 -9.86
C GLY A 42 -9.72 1.46 -8.76
N LEU A 43 -8.56 2.10 -8.81
CA LEU A 43 -7.52 1.84 -7.82
C LEU A 43 -8.16 1.71 -6.44
N GLN A 44 -8.89 2.74 -6.06
CA GLN A 44 -9.55 2.75 -4.76
C GLN A 44 -10.50 1.55 -4.65
N GLU A 45 -11.33 1.38 -5.66
CA GLU A 45 -12.28 0.29 -5.68
C GLU A 45 -11.55 -1.04 -5.52
N ALA A 46 -10.63 -1.30 -6.43
CA ALA A 46 -9.86 -2.54 -6.40
C ALA A 46 -9.44 -2.82 -4.95
N ILE A 47 -8.48 -2.03 -4.48
CA ILE A 47 -7.99 -2.19 -3.12
C ILE A 47 -9.16 -2.22 -2.15
N ASN A 48 -10.04 -1.24 -2.31
CA ASN A 48 -11.21 -1.14 -1.45
C ASN A 48 -11.91 -2.50 -1.40
N ASP A 49 -11.87 -3.20 -2.52
CA ASP A 49 -12.49 -4.51 -2.61
C ASP A 49 -11.67 -5.52 -1.81
N LEU A 50 -10.35 -5.42 -1.99
CA LEU A 50 -9.44 -6.32 -1.30
C LEU A 50 -9.50 -6.04 0.21
N VAL A 51 -9.51 -4.76 0.54
CA VAL A 51 -9.57 -4.36 1.94
C VAL A 51 -10.75 -5.05 2.62
N LYS A 52 -11.73 -5.41 1.81
CA LYS A 52 -12.91 -6.08 2.32
C LYS A 52 -12.62 -7.57 2.48
N LYS A 53 -11.84 -8.09 1.55
CA LYS A 53 -11.48 -9.51 1.58
C LYS A 53 -10.84 -9.83 2.92
N TYR A 54 -9.91 -8.98 3.33
CA TYR A 54 -9.22 -9.17 4.60
C TYR A 54 -9.97 -8.47 5.73
N THR A 55 -9.68 -8.93 6.95
CA THR A 55 -10.31 -8.36 8.13
C THR A 55 -9.49 -7.19 8.68
N LEU A 56 -10.20 -6.17 9.10
CA LEU A 56 -9.55 -4.98 9.64
C LEU A 56 -8.41 -4.55 8.72
N ALA A 57 -8.73 -4.55 7.43
CA ALA A 57 -7.74 -4.16 6.42
C ALA A 57 -7.91 -2.67 6.09
N ARG A 58 -6.82 -2.06 5.66
CA ARG A 58 -6.83 -0.66 5.31
C ARG A 58 -5.61 -0.30 4.47
N ALA A 59 -5.86 0.26 3.30
CA ALA A 59 -4.79 0.65 2.41
C ALA A 59 -4.90 2.15 2.11
N PHE A 60 -3.80 2.70 1.61
CA PHE A 60 -3.76 4.12 1.27
C PHE A 60 -2.66 4.40 0.24
N VAL A 61 -2.60 5.67 -0.17
CA VAL A 61 -1.60 6.08 -1.14
C VAL A 61 -1.00 7.41 -0.70
N ARG A 62 0.33 7.48 -0.81
CA ARG A 62 1.05 8.69 -0.42
C ARG A 62 2.23 8.92 -1.37
N PRO A 63 2.16 10.06 -2.11
CA PRO A 63 3.21 10.41 -3.05
C PRO A 63 4.44 10.93 -2.30
N SER A 64 4.28 11.10 -1.00
CA SER A 64 5.38 11.59 -0.17
C SER A 64 6.70 10.97 -0.64
N GLY A 65 7.74 11.79 -0.60
CA GLY A 65 9.07 11.35 -1.02
C GLY A 65 9.62 12.24 -2.13
N THR A 66 10.54 13.11 -1.75
CA THR A 66 11.15 14.02 -2.71
C THR A 66 11.51 13.27 -4.00
N GLU A 67 12.04 12.08 -3.82
CA GLU A 67 12.42 11.26 -4.96
C GLU A 67 11.20 10.90 -5.80
N ASP A 68 11.47 10.30 -6.95
CA ASP A 68 10.40 9.91 -7.85
C ASP A 68 9.92 8.50 -7.48
N ILE A 69 9.61 8.33 -6.21
CA ILE A 69 9.14 7.05 -5.72
C ILE A 69 7.81 7.24 -4.99
N VAL A 70 6.96 6.23 -5.08
CA VAL A 70 5.67 6.28 -4.44
C VAL A 70 5.68 5.36 -3.21
N ARG A 71 5.09 5.86 -2.13
CA ARG A 71 5.02 5.10 -0.90
C ARG A 71 3.63 4.50 -0.71
N VAL A 72 3.56 3.19 -0.79
CA VAL A 72 2.31 2.48 -0.65
C VAL A 72 2.19 1.97 0.79
N TYR A 73 1.09 2.34 1.43
CA TYR A 73 0.85 1.93 2.80
C TYR A 73 -0.32 0.95 2.88
N ALA A 74 -0.17 -0.04 3.76
CA ALA A 74 -1.20 -1.05 3.94
C ALA A 74 -1.04 -1.69 5.32
N GLU A 75 -2.17 -1.94 5.96
CA GLU A 75 -2.17 -2.55 7.27
C GLU A 75 -3.24 -3.64 7.35
N ALA A 76 -3.31 -4.27 8.52
CA ALA A 76 -4.28 -5.33 8.73
C ALA A 76 -4.17 -5.83 10.17
N ASN A 77 -5.25 -6.44 10.65
CA ASN A 77 -5.28 -6.96 12.00
C ASN A 77 -4.41 -8.23 12.08
N SER A 78 -3.93 -8.65 10.92
CA SER A 78 -3.09 -9.83 10.84
C SER A 78 -1.73 -9.47 10.24
N GLN A 79 -0.78 -10.38 10.42
CA GLN A 79 0.56 -10.17 9.91
C GLN A 79 0.63 -10.53 8.43
N GLU A 80 0.05 -11.69 8.11
CA GLU A 80 0.04 -12.17 6.74
C GLU A 80 -0.53 -11.09 5.80
N SER A 81 -1.79 -10.76 6.04
CA SER A 81 -2.47 -9.76 5.24
C SER A 81 -1.65 -8.46 5.23
N ALA A 82 -1.35 -7.97 6.42
CA ALA A 82 -0.58 -6.75 6.56
C ALA A 82 0.55 -6.75 5.53
N ASP A 83 1.04 -7.94 5.25
CA ASP A 83 2.13 -8.10 4.28
C ASP A 83 1.54 -8.30 2.89
N ARG A 84 0.68 -9.31 2.79
CA ARG A 84 0.04 -9.62 1.52
C ARG A 84 -0.64 -8.38 0.94
N LEU A 85 -1.62 -7.90 1.67
CA LEU A 85 -2.36 -6.72 1.25
C LEU A 85 -1.38 -5.67 0.69
N ALA A 86 -0.41 -5.33 1.52
CA ALA A 86 0.59 -4.34 1.12
C ALA A 86 1.16 -4.74 -0.24
N TYR A 87 2.01 -5.76 -0.24
CA TYR A 87 2.62 -6.22 -1.46
C TYR A 87 1.63 -6.21 -2.62
N GLU A 88 0.44 -6.72 -2.34
CA GLU A 88 -0.61 -6.77 -3.34
C GLU A 88 -0.90 -5.37 -3.88
N VAL A 89 -1.13 -4.44 -2.95
CA VAL A 89 -1.41 -3.08 -3.32
C VAL A 89 -0.28 -2.54 -4.21
N SER A 90 0.89 -2.41 -3.60
CA SER A 90 2.05 -1.92 -4.31
C SER A 90 2.07 -2.48 -5.73
N LEU A 91 1.92 -3.79 -5.82
CA LEU A 91 1.92 -4.47 -7.10
C LEU A 91 0.73 -3.96 -7.94
N LEU A 92 -0.43 -3.97 -7.32
CA LEU A 92 -1.64 -3.51 -7.99
C LEU A 92 -1.35 -2.19 -8.71
N VAL A 93 -0.72 -1.28 -7.97
CA VAL A 93 -0.39 0.02 -8.53
C VAL A 93 0.35 -0.17 -9.85
N PHE A 94 1.53 -0.75 -9.76
CA PHE A 94 2.34 -0.99 -10.94
C PHE A 94 1.48 -1.51 -12.10
N GLN A 95 0.41 -2.21 -11.73
CA GLN A 95 -0.50 -2.76 -12.72
C GLN A 95 -1.44 -1.68 -13.24
N LEU A 96 -2.18 -1.10 -12.29
CA LEU A 96 -3.14 -0.06 -12.64
C LEU A 96 -2.37 1.20 -13.09
N ALA A 97 -2.04 2.03 -12.12
CA ALA A 97 -1.32 3.27 -12.41
C ALA A 97 -0.22 2.97 -13.43
N GLY A 98 0.81 2.27 -12.98
CA GLY A 98 1.93 1.92 -13.85
C GLY A 98 3.26 2.25 -13.18
N GLY A 99 4.01 1.20 -12.89
CA GLY A 99 5.32 1.37 -12.26
C GLY A 99 6.45 1.11 -13.24
N ILE A 100 7.60 1.68 -12.94
CA ILE A 100 8.77 1.52 -13.79
C ILE A 100 9.93 1.00 -12.95
N GLY A 101 10.96 0.52 -13.66
CA GLY A 101 12.14 0.00 -12.99
C GLY A 101 12.07 -1.53 -12.88
N GLU A 102 12.36 -2.01 -11.68
CA GLU A 102 12.34 -3.44 -11.43
C GLU A 102 11.27 -3.78 -10.39
N ARG A 103 10.13 -4.23 -10.89
CA ARG A 103 9.02 -4.60 -10.01
C ARG A 103 9.54 -5.29 -8.75
N PRO A 104 8.72 -5.22 -7.67
CA PRO A 104 9.08 -5.83 -6.41
C PRO A 104 8.93 -7.35 -6.47
N GLN A 105 9.84 -8.04 -5.81
CA GLN A 105 9.81 -9.49 -5.78
C GLN A 105 9.82 -9.99 -4.34
N PRO A 106 9.28 -11.22 -4.15
CA PRO A 106 9.22 -11.83 -2.83
C PRO A 106 10.60 -12.34 -2.41
N SER A 107 11.26 -11.54 -1.57
CA SER A 107 12.58 -11.90 -1.09
C SER A 107 12.51 -13.21 -0.31
N GLY A 108 13.64 -13.90 -0.28
CA GLY A 108 13.72 -15.17 0.44
C GLY A 108 12.94 -16.25 -0.30
N PRO A 109 13.27 -17.54 0.05
CA PRO A 109 12.61 -18.67 -0.58
C PRO A 109 11.20 -18.85 -0.02
N SER A 110 10.36 -17.86 -0.29
CA SER A 110 8.98 -17.89 0.17
C SER A 110 8.33 -19.23 -0.21
N SER A 111 7.23 -19.52 0.45
CA SER A 111 6.50 -20.76 0.20
C SER A 111 5.24 -20.81 1.05
N GLY A 112 4.25 -21.54 0.54
CA GLY A 112 2.98 -21.68 1.25
C GLY A 112 2.98 -22.95 2.10
N GLY A 1 0.89 10.10 34.49
CA GLY A 1 2.23 9.62 34.20
C GLY A 1 2.63 9.96 32.77
N SER A 2 3.76 9.40 32.35
CA SER A 2 4.26 9.63 31.01
C SER A 2 5.03 8.40 30.52
N SER A 3 4.87 8.12 29.24
CA SER A 3 5.54 6.98 28.64
C SER A 3 6.23 7.41 27.34
N GLY A 4 7.53 7.63 27.43
CA GLY A 4 8.31 8.04 26.28
C GLY A 4 8.83 6.82 25.51
N SER A 5 9.92 6.25 26.02
CA SER A 5 10.52 5.09 25.40
C SER A 5 9.59 3.89 25.53
N SER A 6 8.67 3.78 24.57
CA SER A 6 7.73 2.68 24.57
C SER A 6 7.80 1.93 23.24
N GLY A 7 8.82 1.09 23.14
CA GLY A 7 9.02 0.30 21.94
C GLY A 7 7.78 -0.54 21.62
N ALA A 8 7.87 -1.29 20.52
CA ALA A 8 6.78 -2.12 20.10
C ALA A 8 6.88 -3.49 20.79
N ILE A 9 6.16 -3.62 21.88
CA ILE A 9 6.17 -4.86 22.65
C ILE A 9 4.77 -5.13 23.19
N TYR A 10 4.47 -6.41 23.37
CA TYR A 10 3.18 -6.82 23.89
C TYR A 10 2.05 -6.11 23.14
N VAL A 11 1.46 -6.83 22.19
CA VAL A 11 0.38 -6.28 21.39
C VAL A 11 0.91 -5.14 20.52
N ASP A 12 0.72 -5.29 19.22
CA ASP A 12 1.17 -4.29 18.27
C ASP A 12 0.74 -4.69 16.87
N LEU A 13 -0.25 -3.96 16.35
CA LEU A 13 -0.76 -4.23 15.02
C LEU A 13 0.41 -4.24 14.03
N PRO A 14 0.27 -5.13 13.01
CA PRO A 14 1.30 -5.25 11.98
C PRO A 14 1.24 -4.08 11.01
N ASN A 15 2.31 -3.94 10.24
CA ASN A 15 2.40 -2.85 9.27
C ASN A 15 3.44 -3.22 8.20
N ARG A 16 3.13 -2.83 6.97
CA ARG A 16 4.03 -3.12 5.86
C ARG A 16 3.92 -2.01 4.81
N GLN A 17 5.07 -1.40 4.53
CA GLN A 17 5.12 -0.32 3.56
C GLN A 17 6.06 -0.70 2.41
N LEU A 18 5.73 -0.20 1.22
CA LEU A 18 6.53 -0.48 0.04
C LEU A 18 6.76 0.82 -0.72
N LYS A 19 7.52 0.71 -1.80
CA LYS A 19 7.83 1.86 -2.63
C LYS A 19 7.70 1.48 -4.10
N VAL A 20 6.63 1.95 -4.72
CA VAL A 20 6.38 1.67 -6.13
C VAL A 20 7.04 2.76 -6.98
N LYS A 21 8.30 2.51 -7.31
CA LYS A 21 9.04 3.46 -8.13
C LYS A 21 8.26 3.74 -9.42
N VAL A 22 7.83 4.99 -9.55
CA VAL A 22 7.09 5.40 -10.72
C VAL A 22 8.01 6.13 -11.69
N ALA A 23 7.41 6.77 -12.68
CA ALA A 23 8.17 7.51 -13.67
C ALA A 23 7.77 8.98 -13.62
N ASP A 24 6.50 9.23 -13.89
CA ASP A 24 5.98 10.59 -13.88
C ASP A 24 4.51 10.57 -14.29
N ARG A 25 3.77 11.55 -13.80
CA ARG A 25 2.36 11.67 -14.10
C ARG A 25 1.65 10.33 -13.85
N ARG A 26 1.38 10.07 -12.59
CA ARG A 26 0.72 8.84 -12.20
C ARG A 26 -0.71 8.81 -12.75
N VAL A 27 -1.40 9.92 -12.56
CA VAL A 27 -2.78 10.04 -13.03
C VAL A 27 -2.96 11.39 -13.72
N ILE A 28 -3.28 11.33 -15.00
CA ILE A 28 -3.47 12.53 -15.79
C ILE A 28 -4.28 13.54 -14.96
N SER A 29 -3.69 14.71 -14.78
CA SER A 29 -4.33 15.76 -14.02
C SER A 29 -3.45 17.01 -14.00
N THR A 30 -3.92 18.04 -14.68
CA THR A 30 -3.18 19.30 -14.75
C THR A 30 -3.58 20.21 -13.60
N THR A 31 -4.30 19.63 -12.65
CA THR A 31 -4.75 20.39 -11.49
C THR A 31 -4.08 19.88 -10.22
N ASP A 32 -3.84 20.80 -9.29
CA ASP A 32 -3.20 20.45 -8.04
C ASP A 32 -3.88 19.21 -7.45
N ALA A 33 -3.17 18.54 -6.56
CA ALA A 33 -3.68 17.34 -5.93
C ALA A 33 -5.11 17.62 -5.42
N GLU A 34 -5.96 16.62 -5.62
CA GLU A 34 -7.34 16.74 -5.18
C GLU A 34 -7.94 15.35 -4.91
N ARG A 35 -9.11 15.36 -4.29
CA ARG A 35 -9.79 14.12 -3.96
C ARG A 35 -10.25 13.42 -5.25
N GLN A 36 -10.40 12.11 -5.14
CA GLN A 36 -10.85 11.32 -6.27
C GLN A 36 -9.89 11.50 -7.45
N ALA A 37 -9.92 10.53 -8.36
CA ALA A 37 -9.06 10.57 -9.53
C ALA A 37 -9.90 10.29 -10.78
N VAL A 38 -9.51 10.93 -11.87
CA VAL A 38 -10.21 10.76 -13.13
C VAL A 38 -10.28 9.28 -13.48
N THR A 39 -9.14 8.75 -13.88
CA THR A 39 -9.05 7.34 -14.24
C THR A 39 -7.80 6.71 -13.62
N PRO A 40 -7.86 5.36 -13.47
CA PRO A 40 -9.04 4.61 -13.86
C PRO A 40 -10.18 4.80 -12.87
N PRO A 41 -11.41 4.92 -13.43
CA PRO A 41 -12.60 5.11 -12.61
C PRO A 41 -12.99 3.81 -11.89
N GLY A 42 -12.77 3.79 -10.59
CA GLY A 42 -13.09 2.63 -9.79
C GLY A 42 -11.83 1.95 -9.27
N LEU A 43 -10.71 2.64 -9.45
CA LEU A 43 -9.42 2.12 -9.00
C LEU A 43 -9.49 1.84 -7.50
N GLN A 44 -9.71 2.90 -6.74
CA GLN A 44 -9.80 2.78 -5.29
C GLN A 44 -10.87 1.77 -4.91
N GLU A 45 -11.88 1.68 -5.76
CA GLU A 45 -12.98 0.75 -5.53
C GLU A 45 -12.45 -0.68 -5.39
N ALA A 46 -11.52 -1.02 -6.27
CA ALA A 46 -10.94 -2.35 -6.27
C ALA A 46 -10.36 -2.64 -4.88
N ILE A 47 -9.25 -1.99 -4.59
CA ILE A 47 -8.59 -2.17 -3.30
C ILE A 47 -9.63 -2.00 -2.18
N ASN A 48 -10.48 -1.02 -2.36
CA ASN A 48 -11.51 -0.75 -1.37
C ASN A 48 -12.28 -2.03 -1.07
N ASP A 49 -12.36 -2.89 -2.08
CA ASP A 49 -13.05 -4.16 -1.94
C ASP A 49 -12.11 -5.18 -1.31
N LEU A 50 -10.92 -5.28 -1.88
CA LEU A 50 -9.92 -6.21 -1.37
C LEU A 50 -9.72 -5.98 0.12
N VAL A 51 -9.91 -4.73 0.52
CA VAL A 51 -9.75 -4.36 1.93
C VAL A 51 -10.89 -4.96 2.74
N LYS A 52 -12.00 -5.20 2.06
CA LYS A 52 -13.16 -5.78 2.70
C LYS A 52 -13.11 -7.30 2.60
N LYS A 53 -12.62 -7.76 1.46
CA LYS A 53 -12.50 -9.20 1.22
C LYS A 53 -11.54 -9.80 2.24
N TYR A 54 -10.67 -8.94 2.78
CA TYR A 54 -9.70 -9.38 3.75
C TYR A 54 -10.22 -9.17 5.18
N THR A 55 -9.39 -9.54 6.14
CA THR A 55 -9.75 -9.39 7.54
C THR A 55 -9.16 -8.10 8.11
N LEU A 56 -10.06 -7.17 8.42
CA LEU A 56 -9.64 -5.90 8.97
C LEU A 56 -8.38 -5.41 8.25
N ALA A 57 -8.50 -5.30 6.93
CA ALA A 57 -7.39 -4.85 6.12
C ALA A 57 -7.48 -3.34 5.90
N ARG A 58 -6.39 -2.77 5.43
CA ARG A 58 -6.34 -1.33 5.18
C ARG A 58 -5.09 -0.98 4.37
N ALA A 59 -5.31 -0.24 3.29
CA ALA A 59 -4.22 0.17 2.43
C ALA A 59 -4.49 1.58 1.91
N PHE A 60 -3.41 2.26 1.54
CA PHE A 60 -3.52 3.62 1.02
C PHE A 60 -2.27 3.99 0.21
N VAL A 61 -2.38 5.12 -0.47
CA VAL A 61 -1.28 5.60 -1.29
C VAL A 61 -1.41 7.11 -1.48
N ARG A 62 -0.31 7.81 -1.26
CA ARG A 62 -0.29 9.25 -1.41
C ARG A 62 1.09 9.72 -1.89
N PRO A 63 1.11 10.32 -3.11
CA PRO A 63 2.34 10.82 -3.68
C PRO A 63 2.78 12.12 -3.00
N SER A 64 1.90 12.63 -2.16
CA SER A 64 2.18 13.86 -1.44
C SER A 64 3.65 13.89 -1.01
N GLY A 65 4.30 15.01 -1.31
CA GLY A 65 5.70 15.17 -0.96
C GLY A 65 6.35 16.28 -1.78
N THR A 66 6.84 15.90 -2.95
CA THR A 66 7.48 16.85 -3.83
C THR A 66 8.00 16.15 -5.09
N GLU A 67 8.52 14.95 -4.89
CA GLU A 67 9.06 14.17 -5.98
C GLU A 67 9.85 12.96 -5.45
N ASP A 68 9.37 11.78 -5.82
CA ASP A 68 10.03 10.56 -5.38
C ASP A 68 9.07 9.38 -5.57
N ILE A 69 9.50 8.22 -5.10
CA ILE A 69 8.69 7.02 -5.21
C ILE A 69 7.41 7.19 -4.38
N VAL A 70 6.38 6.47 -4.78
CA VAL A 70 5.10 6.53 -4.09
C VAL A 70 5.21 5.77 -2.77
N ARG A 71 4.72 6.41 -1.72
CA ARG A 71 4.76 5.80 -0.39
C ARG A 71 3.58 4.85 -0.22
N VAL A 72 3.88 3.57 -0.30
CA VAL A 72 2.87 2.53 -0.15
C VAL A 72 2.86 2.03 1.29
N TYR A 73 1.67 2.04 1.88
CA TYR A 73 1.51 1.58 3.25
C TYR A 73 0.18 0.84 3.43
N ALA A 74 0.28 -0.31 4.08
CA ALA A 74 -0.90 -1.13 4.33
C ALA A 74 -0.86 -1.67 5.77
N GLU A 75 -2.00 -2.14 6.23
CA GLU A 75 -2.10 -2.68 7.57
C GLU A 75 -3.30 -3.62 7.67
N ALA A 76 -3.17 -4.61 8.56
CA ALA A 76 -4.24 -5.58 8.76
C ALA A 76 -4.23 -6.04 10.22
N ASN A 77 -5.25 -6.80 10.57
CA ASN A 77 -5.37 -7.31 11.93
C ASN A 77 -4.35 -8.42 12.13
N SER A 78 -3.80 -8.90 11.03
CA SER A 78 -2.80 -9.96 11.08
C SER A 78 -1.57 -9.56 10.29
N GLN A 79 -0.41 -10.00 10.79
CA GLN A 79 0.85 -9.68 10.14
C GLN A 79 0.98 -10.46 8.83
N GLU A 80 0.02 -11.34 8.60
CA GLU A 80 0.01 -12.14 7.39
C GLU A 80 -0.62 -11.37 6.24
N SER A 81 -1.70 -10.68 6.55
CA SER A 81 -2.40 -9.90 5.56
C SER A 81 -1.75 -8.51 5.41
N ALA A 82 -1.31 -7.99 6.55
CA ALA A 82 -0.67 -6.69 6.57
C ALA A 82 0.43 -6.65 5.51
N ASP A 83 1.03 -7.81 5.27
CA ASP A 83 2.10 -7.92 4.29
C ASP A 83 1.49 -8.30 2.94
N ARG A 84 0.75 -9.39 2.93
CA ARG A 84 0.12 -9.86 1.72
C ARG A 84 -0.45 -8.68 0.92
N LEU A 85 -1.39 -7.98 1.54
CA LEU A 85 -2.00 -6.84 0.90
C LEU A 85 -0.92 -5.90 0.37
N ALA A 86 -0.19 -5.30 1.31
CA ALA A 86 0.88 -4.39 0.95
C ALA A 86 1.67 -4.97 -0.23
N TYR A 87 2.22 -6.16 -0.01
CA TYR A 87 3.00 -6.82 -1.04
C TYR A 87 2.24 -6.82 -2.38
N GLU A 88 0.92 -6.89 -2.27
CA GLU A 88 0.07 -6.91 -3.46
C GLU A 88 -0.13 -5.49 -3.98
N VAL A 89 -0.56 -4.61 -3.08
CA VAL A 89 -0.80 -3.23 -3.43
C VAL A 89 0.30 -2.74 -4.38
N SER A 90 1.54 -3.08 -4.01
CA SER A 90 2.68 -2.69 -4.82
C SER A 90 2.42 -3.01 -6.29
N LEU A 91 2.29 -4.29 -6.58
CA LEU A 91 2.04 -4.74 -7.94
C LEU A 91 0.88 -3.93 -8.53
N LEU A 92 -0.22 -3.90 -7.77
CA LEU A 92 -1.41 -3.17 -8.20
C LEU A 92 -0.98 -1.81 -8.78
N VAL A 93 -0.23 -1.08 -7.98
CA VAL A 93 0.23 0.23 -8.40
C VAL A 93 0.92 0.11 -9.77
N PHE A 94 2.02 -0.61 -9.77
CA PHE A 94 2.77 -0.82 -11.00
C PHE A 94 1.85 -1.21 -12.15
N GLN A 95 1.05 -2.24 -11.91
CA GLN A 95 0.12 -2.72 -12.92
C GLN A 95 -0.83 -1.60 -13.34
N LEU A 96 -1.56 -1.09 -12.36
CA LEU A 96 -2.51 -0.01 -12.63
C LEU A 96 -1.74 1.25 -13.01
N ALA A 97 -1.30 1.96 -11.99
CA ALA A 97 -0.55 3.19 -12.21
C ALA A 97 0.39 3.02 -13.40
N GLY A 98 1.28 2.04 -13.28
CA GLY A 98 2.23 1.76 -14.34
C GLY A 98 3.57 1.31 -13.76
N GLY A 99 4.18 2.18 -12.98
CA GLY A 99 5.46 1.89 -12.36
C GLY A 99 6.52 1.63 -13.42
N ILE A 100 7.78 1.73 -12.99
CA ILE A 100 8.89 1.53 -13.89
C ILE A 100 9.92 0.61 -13.21
N GLY A 101 10.78 0.02 -14.04
CA GLY A 101 11.80 -0.87 -13.53
C GLY A 101 11.24 -2.28 -13.30
N GLU A 102 11.91 -3.01 -12.41
CA GLU A 102 11.48 -4.36 -12.08
C GLU A 102 10.47 -4.34 -10.93
N ARG A 103 9.50 -5.23 -11.03
CA ARG A 103 8.47 -5.32 -10.01
C ARG A 103 8.94 -6.22 -8.86
N PRO A 104 8.39 -5.94 -7.65
CA PRO A 104 8.75 -6.70 -6.47
C PRO A 104 8.06 -8.07 -6.48
N GLN A 105 8.84 -9.09 -6.13
CA GLN A 105 8.34 -10.45 -6.10
C GLN A 105 7.83 -10.85 -7.48
N PRO A 106 7.88 -12.19 -7.74
CA PRO A 106 7.43 -12.73 -9.02
C PRO A 106 5.92 -12.72 -9.11
N SER A 107 5.42 -12.54 -10.33
CA SER A 107 3.99 -12.53 -10.56
C SER A 107 3.64 -13.42 -11.75
N GLY A 108 2.68 -14.30 -11.53
CA GLY A 108 2.25 -15.22 -12.57
C GLY A 108 3.06 -16.52 -12.54
N PRO A 109 3.25 -17.10 -13.75
CA PRO A 109 4.00 -18.34 -13.87
C PRO A 109 5.50 -18.09 -13.71
N SER A 110 6.01 -18.49 -12.55
CA SER A 110 7.43 -18.31 -12.28
C SER A 110 8.12 -19.67 -12.18
N SER A 111 9.09 -19.86 -13.07
CA SER A 111 9.84 -21.11 -13.09
C SER A 111 11.11 -20.99 -12.24
N GLY A 112 11.92 -20.00 -12.58
CA GLY A 112 13.15 -19.77 -11.85
C GLY A 112 14.15 -18.99 -12.70
N GLY A 1 22.41 5.20 42.35
CA GLY A 1 21.69 4.69 41.19
C GLY A 1 22.10 3.26 40.86
N SER A 2 21.19 2.53 40.25
CA SER A 2 21.45 1.15 39.86
C SER A 2 20.56 0.76 38.68
N SER A 3 19.26 0.87 38.89
CA SER A 3 18.30 0.54 37.85
C SER A 3 16.89 0.88 38.31
N GLY A 4 15.98 0.89 37.35
CA GLY A 4 14.59 1.20 37.64
C GLY A 4 13.89 1.79 36.41
N SER A 5 13.21 0.91 35.67
CA SER A 5 12.51 1.33 34.49
C SER A 5 11.59 0.20 34.00
N SER A 6 10.33 0.55 33.78
CA SER A 6 9.35 -0.41 33.32
C SER A 6 8.28 0.28 32.48
N GLY A 7 7.50 -0.53 31.77
CA GLY A 7 6.46 0.00 30.92
C GLY A 7 6.98 0.34 29.53
N ALA A 8 6.61 -0.50 28.57
CA ALA A 8 7.04 -0.29 27.19
C ALA A 8 5.90 -0.68 26.25
N ILE A 9 5.92 -0.09 25.07
CA ILE A 9 4.91 -0.36 24.07
C ILE A 9 4.82 -1.88 23.84
N TYR A 10 3.61 -2.39 24.04
CA TYR A 10 3.38 -3.81 23.86
C TYR A 10 2.04 -4.06 23.14
N VAL A 11 1.79 -3.25 22.12
CA VAL A 11 0.57 -3.37 21.35
C VAL A 11 0.57 -2.33 20.22
N ASP A 12 0.46 -2.82 19.00
CA ASP A 12 0.46 -1.95 17.85
C ASP A 12 0.19 -2.78 16.59
N LEU A 13 -0.95 -2.52 15.97
CA LEU A 13 -1.34 -3.24 14.77
C LEU A 13 -0.15 -3.28 13.81
N PRO A 14 -0.16 -4.32 12.93
CA PRO A 14 0.91 -4.48 11.95
C PRO A 14 0.77 -3.47 10.82
N ASN A 15 1.90 -3.20 10.18
CA ASN A 15 1.93 -2.26 9.07
C ASN A 15 3.14 -2.53 8.18
N ARG A 16 2.96 -2.31 6.90
CA ARG A 16 4.05 -2.53 5.94
C ARG A 16 3.92 -1.55 4.77
N GLN A 17 5.05 -0.96 4.42
CA GLN A 17 5.09 -0.01 3.32
C GLN A 17 6.15 -0.42 2.30
N LEU A 18 5.91 -0.02 1.06
CA LEU A 18 6.83 -0.34 -0.03
C LEU A 18 6.99 0.88 -0.93
N LYS A 19 7.98 0.81 -1.81
CA LYS A 19 8.25 1.89 -2.72
C LYS A 19 8.04 1.40 -4.16
N VAL A 20 6.88 1.74 -4.71
CA VAL A 20 6.53 1.35 -6.06
C VAL A 20 7.20 2.32 -7.05
N LYS A 21 8.31 1.86 -7.61
CA LYS A 21 9.05 2.67 -8.57
C LYS A 21 8.14 3.00 -9.75
N VAL A 22 7.76 4.26 -9.84
CA VAL A 22 6.90 4.71 -10.92
C VAL A 22 7.69 5.65 -11.84
N ALA A 23 6.95 6.45 -12.59
CA ALA A 23 7.56 7.39 -13.51
C ALA A 23 6.83 8.73 -13.43
N ASP A 24 5.53 8.67 -13.65
CA ASP A 24 4.70 9.87 -13.61
C ASP A 24 4.44 10.25 -12.15
N ARG A 25 5.01 11.37 -11.74
CA ARG A 25 4.84 11.85 -10.38
C ARG A 25 3.58 12.70 -10.27
N ARG A 26 3.13 12.88 -9.04
CA ARG A 26 1.93 13.66 -8.79
C ARG A 26 2.30 15.02 -8.20
N VAL A 27 2.05 16.06 -8.98
CA VAL A 27 2.35 17.41 -8.55
C VAL A 27 1.05 18.14 -8.19
N ILE A 28 1.16 19.03 -7.22
CA ILE A 28 0.00 19.79 -6.78
C ILE A 28 -1.02 18.85 -6.16
N SER A 29 -1.69 19.33 -5.13
CA SER A 29 -2.70 18.54 -4.44
C SER A 29 -3.81 18.16 -5.42
N THR A 30 -4.30 19.17 -6.14
CA THR A 30 -5.36 18.94 -7.10
C THR A 30 -6.63 18.46 -6.40
N THR A 31 -7.76 18.99 -6.86
CA THR A 31 -9.04 18.62 -6.29
C THR A 31 -9.08 18.97 -4.80
N ASP A 32 -9.39 20.22 -4.52
CA ASP A 32 -9.46 20.69 -3.15
C ASP A 32 -10.66 20.05 -2.46
N ALA A 33 -10.50 19.81 -1.16
CA ALA A 33 -11.56 19.21 -0.38
C ALA A 33 -11.86 17.81 -0.93
N GLU A 34 -11.59 16.81 -0.10
CA GLU A 34 -11.83 15.43 -0.48
C GLU A 34 -12.85 14.79 0.45
N ARG A 35 -13.59 13.84 -0.10
CA ARG A 35 -14.61 13.14 0.67
C ARG A 35 -15.22 12.01 -0.16
N GLN A 36 -15.69 12.38 -1.35
CA GLN A 36 -16.29 11.40 -2.24
C GLN A 36 -15.22 10.67 -3.05
N ALA A 37 -15.67 9.76 -3.90
CA ALA A 37 -14.76 9.00 -4.72
C ALA A 37 -14.01 9.94 -5.66
N VAL A 38 -12.70 9.72 -5.75
CA VAL A 38 -11.86 10.54 -6.61
C VAL A 38 -10.99 9.63 -7.48
N THR A 39 -10.04 10.26 -8.15
CA THR A 39 -9.13 9.53 -9.02
C THR A 39 -7.90 9.05 -8.23
N PRO A 40 -7.29 7.95 -8.73
CA PRO A 40 -7.79 7.30 -9.94
C PRO A 40 -9.06 6.49 -9.64
N PRO A 41 -10.01 6.54 -10.60
CA PRO A 41 -11.27 5.83 -10.44
C PRO A 41 -11.07 4.32 -10.67
N GLY A 42 -10.81 3.63 -9.58
CA GLY A 42 -10.61 2.20 -9.63
C GLY A 42 -9.61 1.74 -8.55
N LEU A 43 -8.46 2.38 -8.54
CA LEU A 43 -7.43 2.06 -7.57
C LEU A 43 -8.07 1.91 -6.19
N GLN A 44 -8.96 2.83 -5.89
CA GLN A 44 -9.65 2.82 -4.60
C GLN A 44 -10.63 1.65 -4.54
N GLU A 45 -11.21 1.33 -5.69
CA GLU A 45 -12.17 0.24 -5.78
C GLU A 45 -11.44 -1.10 -5.66
N ALA A 46 -10.46 -1.28 -6.53
CA ALA A 46 -9.68 -2.51 -6.54
C ALA A 46 -9.26 -2.86 -5.10
N ILE A 47 -8.41 -2.01 -4.55
CA ILE A 47 -7.93 -2.22 -3.20
C ILE A 47 -9.13 -2.38 -2.25
N ASN A 48 -10.10 -1.50 -2.43
CA ASN A 48 -11.30 -1.53 -1.62
C ASN A 48 -11.90 -2.94 -1.65
N ASP A 49 -12.05 -3.44 -2.86
CA ASP A 49 -12.61 -4.78 -3.05
C ASP A 49 -11.77 -5.79 -2.27
N LEU A 50 -10.50 -5.48 -2.13
CA LEU A 50 -9.59 -6.36 -1.42
C LEU A 50 -9.74 -6.12 0.09
N VAL A 51 -9.62 -4.85 0.47
CA VAL A 51 -9.74 -4.47 1.86
C VAL A 51 -11.03 -5.07 2.43
N LYS A 52 -11.98 -5.30 1.54
CA LYS A 52 -13.27 -5.85 1.95
C LYS A 52 -13.18 -7.38 1.98
N LYS A 53 -12.38 -7.90 1.06
CA LYS A 53 -12.18 -9.34 0.97
C LYS A 53 -11.36 -9.82 2.17
N TYR A 54 -10.53 -8.92 2.67
CA TYR A 54 -9.69 -9.23 3.81
C TYR A 54 -10.40 -8.91 5.12
N THR A 55 -9.79 -9.33 6.22
CA THR A 55 -10.34 -9.09 7.54
C THR A 55 -9.67 -7.87 8.19
N LEU A 56 -10.48 -6.89 8.53
CA LEU A 56 -9.98 -5.68 9.16
C LEU A 56 -8.70 -5.25 8.46
N ALA A 57 -8.78 -5.16 7.14
CA ALA A 57 -7.63 -4.76 6.34
C ALA A 57 -7.72 -3.26 6.04
N ARG A 58 -6.61 -2.71 5.57
CA ARG A 58 -6.55 -1.30 5.25
C ARG A 58 -5.32 -1.01 4.38
N ALA A 59 -5.58 -0.39 3.23
CA ALA A 59 -4.50 -0.05 2.32
C ALA A 59 -4.69 1.39 1.82
N PHE A 60 -3.58 2.05 1.56
CA PHE A 60 -3.61 3.41 1.09
C PHE A 60 -2.33 3.77 0.34
N VAL A 61 -2.36 4.92 -0.33
CA VAL A 61 -1.20 5.38 -1.08
C VAL A 61 -0.83 6.79 -0.63
N ARG A 62 0.46 7.06 -0.63
CA ARG A 62 0.96 8.36 -0.22
C ARG A 62 2.28 8.66 -0.92
N PRO A 63 2.28 9.75 -1.74
CA PRO A 63 3.46 10.15 -2.46
C PRO A 63 4.48 10.82 -1.53
N SER A 64 5.66 10.23 -1.47
CA SER A 64 6.72 10.76 -0.62
C SER A 64 7.96 11.04 -1.47
N GLY A 65 8.16 12.32 -1.77
CA GLY A 65 9.31 12.73 -2.56
C GLY A 65 8.89 13.11 -3.98
N THR A 66 8.93 14.40 -4.25
CA THR A 66 8.56 14.92 -5.56
C THR A 66 9.13 14.01 -6.66
N GLU A 67 10.28 13.43 -6.37
CA GLU A 67 10.93 12.56 -7.32
C GLU A 67 10.02 11.39 -7.68
N ASP A 68 10.59 10.42 -8.39
CA ASP A 68 9.84 9.25 -8.79
C ASP A 68 9.59 8.36 -7.57
N ILE A 69 9.00 7.20 -7.83
CA ILE A 69 8.71 6.25 -6.77
C ILE A 69 7.51 6.77 -5.96
N VAL A 70 6.78 5.82 -5.39
CA VAL A 70 5.62 6.16 -4.58
C VAL A 70 5.62 5.33 -3.30
N ARG A 71 5.22 5.97 -2.21
CA ARG A 71 5.17 5.30 -0.93
C ARG A 71 3.79 4.69 -0.68
N VAL A 72 3.79 3.39 -0.41
CA VAL A 72 2.55 2.68 -0.16
C VAL A 72 2.48 2.30 1.32
N TYR A 73 1.25 2.10 1.78
CA TYR A 73 1.03 1.74 3.17
C TYR A 73 -0.19 0.83 3.31
N ALA A 74 -0.07 -0.15 4.20
CA ALA A 74 -1.16 -1.09 4.44
C ALA A 74 -1.11 -1.56 5.89
N GLU A 75 -2.29 -1.79 6.44
CA GLU A 75 -2.40 -2.25 7.81
C GLU A 75 -3.63 -3.14 7.99
N ALA A 76 -3.39 -4.35 8.47
CA ALA A 76 -4.47 -5.30 8.69
C ALA A 76 -4.41 -5.80 10.13
N ASN A 77 -5.51 -6.42 10.55
CA ASN A 77 -5.60 -6.96 11.90
C ASN A 77 -4.51 -8.00 12.10
N SER A 78 -4.04 -8.55 10.99
CA SER A 78 -3.00 -9.56 11.05
C SER A 78 -1.87 -9.18 10.08
N GLN A 79 -0.64 -9.37 10.56
CA GLN A 79 0.53 -9.05 9.76
C GLN A 79 0.53 -9.88 8.47
N GLU A 80 -0.02 -11.09 8.58
CA GLU A 80 -0.09 -11.99 7.44
C GLU A 80 -0.84 -11.31 6.29
N SER A 81 -1.79 -10.47 6.66
CA SER A 81 -2.59 -9.76 5.66
C SER A 81 -1.89 -8.45 5.28
N ALA A 82 -1.39 -7.76 6.30
CA ALA A 82 -0.70 -6.50 6.07
C ALA A 82 0.28 -6.65 4.92
N ASP A 83 1.31 -7.45 5.15
CA ASP A 83 2.32 -7.69 4.14
C ASP A 83 1.64 -7.98 2.81
N ARG A 84 0.85 -9.04 2.79
CA ARG A 84 0.14 -9.43 1.59
C ARG A 84 -0.50 -8.21 0.93
N LEU A 85 -1.44 -7.60 1.65
CA LEU A 85 -2.13 -6.43 1.15
C LEU A 85 -1.10 -5.42 0.64
N ALA A 86 -0.16 -5.08 1.51
CA ALA A 86 0.87 -4.13 1.16
C ALA A 86 1.51 -4.54 -0.17
N TYR A 87 2.23 -5.65 -0.13
CA TYR A 87 2.89 -6.16 -1.31
C TYR A 87 1.93 -6.19 -2.51
N GLU A 88 0.77 -6.80 -2.27
CA GLU A 88 -0.24 -6.91 -3.31
C GLU A 88 -0.58 -5.53 -3.87
N VAL A 89 -1.04 -4.66 -2.99
CA VAL A 89 -1.40 -3.31 -3.38
C VAL A 89 -0.38 -2.78 -4.38
N SER A 90 0.88 -2.87 -3.99
CA SER A 90 1.97 -2.41 -4.83
C SER A 90 1.70 -2.79 -6.29
N LEU A 91 1.69 -4.09 -6.54
CA LEU A 91 1.45 -4.60 -7.87
C LEU A 91 0.20 -3.93 -8.45
N LEU A 92 -0.86 -3.93 -7.65
CA LEU A 92 -2.12 -3.34 -8.06
C LEU A 92 -1.85 -1.92 -8.58
N VAL A 93 -0.95 -1.23 -7.88
CA VAL A 93 -0.60 0.14 -8.26
C VAL A 93 0.22 0.11 -9.55
N PHE A 94 1.23 -0.74 -9.56
CA PHE A 94 2.09 -0.88 -10.72
C PHE A 94 1.27 -1.07 -12.00
N GLN A 95 0.21 -1.86 -11.86
CA GLN A 95 -0.66 -2.13 -12.99
C GLN A 95 -1.77 -1.08 -13.07
N LEU A 96 -2.56 -1.02 -12.01
CA LEU A 96 -3.66 -0.06 -11.95
C LEU A 96 -3.11 1.35 -12.19
N ALA A 97 -2.35 1.83 -11.22
CA ALA A 97 -1.76 3.15 -11.31
C ALA A 97 -0.93 3.25 -12.60
N GLY A 98 0.27 2.68 -12.53
CA GLY A 98 1.16 2.70 -13.68
C GLY A 98 2.62 2.83 -13.23
N GLY A 99 3.16 1.72 -12.77
CA GLY A 99 4.54 1.69 -12.31
C GLY A 99 5.49 1.23 -13.42
N ILE A 100 6.76 1.50 -13.22
CA ILE A 100 7.78 1.12 -14.20
C ILE A 100 8.60 -0.04 -13.64
N GLY A 101 9.10 -0.87 -14.55
CA GLY A 101 9.91 -2.01 -14.17
C GLY A 101 9.26 -3.32 -14.61
N GLU A 102 9.44 -4.35 -13.81
CA GLU A 102 8.89 -5.65 -14.11
C GLU A 102 8.10 -6.18 -12.91
N ARG A 103 7.19 -5.35 -12.42
CA ARG A 103 6.37 -5.72 -11.28
C ARG A 103 7.25 -5.99 -10.06
N PRO A 104 6.86 -5.37 -8.92
CA PRO A 104 7.59 -5.54 -7.68
C PRO A 104 7.33 -6.92 -7.07
N GLN A 105 8.40 -7.52 -6.56
CA GLN A 105 8.30 -8.83 -5.94
C GLN A 105 8.57 -8.74 -4.44
N PRO A 106 7.97 -9.69 -3.69
CA PRO A 106 8.16 -9.73 -2.24
C PRO A 106 9.54 -10.25 -1.87
N SER A 107 10.02 -9.83 -0.71
CA SER A 107 11.32 -10.25 -0.24
C SER A 107 11.22 -11.62 0.44
N GLY A 108 11.21 -12.65 -0.39
CA GLY A 108 11.11 -14.01 0.10
C GLY A 108 10.50 -14.94 -0.94
N PRO A 109 10.44 -16.25 -0.60
CA PRO A 109 9.88 -17.25 -1.50
C PRO A 109 8.34 -17.15 -1.52
N SER A 110 7.77 -17.80 -2.53
CA SER A 110 6.32 -17.80 -2.68
C SER A 110 5.84 -19.19 -3.09
N SER A 111 4.54 -19.41 -2.95
CA SER A 111 3.95 -20.68 -3.30
C SER A 111 2.53 -20.47 -3.84
N GLY A 112 1.69 -19.86 -3.00
CA GLY A 112 0.33 -19.58 -3.38
C GLY A 112 -0.43 -18.90 -2.24
N GLY A 1 9.52 -17.46 48.72
CA GLY A 1 9.49 -17.59 47.28
C GLY A 1 9.55 -16.22 46.60
N SER A 2 8.38 -15.64 46.38
CA SER A 2 8.29 -14.34 45.75
C SER A 2 8.95 -14.38 44.37
N SER A 3 8.10 -14.32 43.34
CA SER A 3 8.59 -14.35 41.98
C SER A 3 7.56 -13.69 41.05
N GLY A 4 8.07 -13.08 39.99
CA GLY A 4 7.21 -12.42 39.03
C GLY A 4 8.05 -11.77 37.91
N SER A 5 7.34 -11.07 37.04
CA SER A 5 8.00 -10.40 35.92
C SER A 5 7.04 -9.41 35.27
N SER A 6 7.62 -8.48 34.52
CA SER A 6 6.82 -7.47 33.84
C SER A 6 7.57 -6.97 32.59
N GLY A 7 6.83 -6.29 31.73
CA GLY A 7 7.41 -5.76 30.51
C GLY A 7 6.41 -4.83 29.80
N ALA A 8 6.52 -4.83 28.47
CA ALA A 8 5.64 -4.00 27.67
C ALA A 8 4.41 -4.81 27.25
N ILE A 9 3.44 -4.11 26.68
CA ILE A 9 2.21 -4.76 26.23
C ILE A 9 2.52 -5.66 25.04
N TYR A 10 1.47 -6.27 24.51
CA TYR A 10 1.61 -7.15 23.37
C TYR A 10 0.48 -6.96 22.36
N VAL A 11 0.22 -5.69 22.06
CA VAL A 11 -0.84 -5.35 21.12
C VAL A 11 -0.36 -4.21 20.22
N ASP A 12 -0.17 -4.54 18.95
CA ASP A 12 0.29 -3.55 17.99
C ASP A 12 -0.03 -4.05 16.57
N LEU A 13 -1.04 -3.45 15.97
CA LEU A 13 -1.44 -3.82 14.63
C LEU A 13 -0.22 -3.85 13.72
N PRO A 14 -0.23 -4.83 12.78
CA PRO A 14 0.88 -4.98 11.84
C PRO A 14 0.84 -3.91 10.77
N ASN A 15 2.00 -3.67 10.17
CA ASN A 15 2.11 -2.66 9.12
C ASN A 15 3.26 -3.02 8.18
N ARG A 16 3.08 -2.67 6.92
CA ARG A 16 4.10 -2.95 5.92
C ARG A 16 4.17 -1.83 4.89
N GLN A 17 5.35 -1.22 4.81
CA GLN A 17 5.56 -0.14 3.87
C GLN A 17 6.45 -0.58 2.72
N LEU A 18 6.13 -0.08 1.53
CA LEU A 18 6.90 -0.43 0.35
C LEU A 18 7.15 0.85 -0.47
N LYS A 19 7.98 0.69 -1.50
CA LYS A 19 8.31 1.80 -2.36
C LYS A 19 8.19 1.38 -3.83
N VAL A 20 7.55 2.24 -4.61
CA VAL A 20 7.36 1.96 -6.02
C VAL A 20 7.86 3.15 -6.84
N LYS A 21 8.96 2.94 -7.54
CA LYS A 21 9.55 3.98 -8.36
C LYS A 21 8.71 4.14 -9.64
N VAL A 22 7.69 4.97 -9.52
CA VAL A 22 6.81 5.23 -10.64
C VAL A 22 7.58 5.99 -11.73
N ALA A 23 6.85 6.40 -12.76
CA ALA A 23 7.44 7.13 -13.86
C ALA A 23 6.72 8.46 -14.04
N ASP A 24 5.41 8.37 -14.23
CA ASP A 24 4.60 9.56 -14.42
C ASP A 24 4.59 10.37 -13.12
N ARG A 25 5.11 11.58 -13.22
CA ARG A 25 5.17 12.47 -12.07
C ARG A 25 3.87 13.25 -11.93
N ARG A 26 3.20 13.05 -10.81
CA ARG A 26 1.95 13.73 -10.54
C ARG A 26 0.85 13.21 -11.49
N VAL A 27 -0.38 13.55 -11.14
CA VAL A 27 -1.52 13.12 -11.94
C VAL A 27 -1.27 13.48 -13.41
N ILE A 28 -1.34 12.47 -14.25
CA ILE A 28 -1.12 12.66 -15.68
C ILE A 28 -1.90 13.90 -16.13
N SER A 29 -1.16 14.83 -16.71
CA SER A 29 -1.76 16.07 -17.20
C SER A 29 -2.53 16.75 -16.07
N THR A 30 -1.89 17.75 -15.49
CA THR A 30 -2.50 18.50 -14.40
C THR A 30 -3.58 19.43 -14.93
N THR A 31 -3.18 20.31 -15.83
CA THR A 31 -4.10 21.26 -16.42
C THR A 31 -4.87 20.61 -17.57
N ASP A 32 -5.55 19.52 -17.24
CA ASP A 32 -6.32 18.79 -18.23
C ASP A 32 -7.26 17.81 -17.51
N ALA A 33 -8.38 17.53 -18.17
CA ALA A 33 -9.36 16.62 -17.60
C ALA A 33 -9.74 17.08 -16.19
N GLU A 34 -10.69 16.36 -15.61
CA GLU A 34 -11.15 16.70 -14.27
C GLU A 34 -11.50 15.41 -13.50
N ARG A 35 -10.46 14.74 -13.05
CA ARG A 35 -10.65 13.50 -12.31
C ARG A 35 -11.32 12.44 -13.18
N GLN A 36 -11.43 11.25 -12.63
CA GLN A 36 -12.05 10.14 -13.35
C GLN A 36 -11.27 9.84 -14.63
N ALA A 37 -11.36 8.58 -15.05
CA ALA A 37 -10.66 8.15 -16.25
C ALA A 37 -11.12 6.74 -16.62
N VAL A 38 -11.09 6.46 -17.91
CA VAL A 38 -11.49 5.16 -18.40
C VAL A 38 -10.98 4.07 -17.46
N THR A 39 -9.72 4.22 -17.06
CA THR A 39 -9.10 3.27 -16.17
C THR A 39 -8.04 3.95 -15.30
N PRO A 40 -7.76 3.33 -14.13
CA PRO A 40 -8.43 2.10 -13.76
C PRO A 40 -9.86 2.37 -13.30
N PRO A 41 -10.77 1.41 -13.63
CA PRO A 41 -12.16 1.54 -13.26
C PRO A 41 -12.37 1.26 -11.77
N GLY A 42 -12.52 2.34 -11.02
CA GLY A 42 -12.72 2.22 -9.59
C GLY A 42 -11.47 1.67 -8.90
N LEU A 43 -10.38 2.41 -9.02
CA LEU A 43 -9.13 2.01 -8.42
C LEU A 43 -9.35 1.68 -6.95
N GLN A 44 -9.76 2.70 -6.20
CA GLN A 44 -10.01 2.53 -4.78
C GLN A 44 -11.09 1.47 -4.55
N GLU A 45 -12.03 1.42 -5.50
CA GLU A 45 -13.12 0.46 -5.42
C GLU A 45 -12.56 -0.98 -5.37
N ALA A 46 -11.52 -1.20 -6.15
CA ALA A 46 -10.89 -2.50 -6.21
C ALA A 46 -10.26 -2.83 -4.86
N ILE A 47 -9.24 -2.06 -4.52
CA ILE A 47 -8.54 -2.25 -3.26
C ILE A 47 -9.56 -2.27 -2.12
N ASN A 48 -10.52 -1.37 -2.21
CA ASN A 48 -11.56 -1.27 -1.20
C ASN A 48 -12.18 -2.64 -0.99
N ASP A 49 -12.47 -3.32 -2.09
CA ASP A 49 -13.07 -4.64 -2.05
C ASP A 49 -12.11 -5.60 -1.33
N LEU A 50 -10.83 -5.43 -1.63
CA LEU A 50 -9.81 -6.28 -1.03
C LEU A 50 -9.61 -5.87 0.43
N VAL A 51 -10.03 -4.65 0.73
CA VAL A 51 -9.91 -4.13 2.08
C VAL A 51 -11.02 -4.71 2.95
N LYS A 52 -12.12 -5.07 2.30
CA LYS A 52 -13.26 -5.64 2.99
C LYS A 52 -13.12 -7.16 3.03
N LYS A 53 -12.55 -7.69 1.96
CA LYS A 53 -12.36 -9.13 1.86
C LYS A 53 -11.37 -9.58 2.93
N TYR A 54 -10.69 -8.61 3.51
CA TYR A 54 -9.71 -8.90 4.56
C TYR A 54 -10.23 -8.46 5.93
N THR A 55 -9.51 -8.88 6.96
CA THR A 55 -9.88 -8.54 8.32
C THR A 55 -9.22 -7.24 8.75
N LEU A 56 -10.05 -6.25 9.04
CA LEU A 56 -9.55 -4.94 9.45
C LEU A 56 -8.35 -4.56 8.59
N ALA A 57 -8.62 -4.41 7.29
CA ALA A 57 -7.57 -4.04 6.36
C ALA A 57 -7.72 -2.57 5.98
N ARG A 58 -6.65 -2.02 5.43
CA ARG A 58 -6.65 -0.62 5.03
C ARG A 58 -5.43 -0.33 4.13
N ALA A 59 -5.72 0.24 2.97
CA ALA A 59 -4.67 0.58 2.03
C ALA A 59 -4.82 2.04 1.59
N PHE A 60 -3.68 2.67 1.36
CA PHE A 60 -3.67 4.07 0.95
C PHE A 60 -2.49 4.35 0.02
N VAL A 61 -2.33 5.63 -0.30
CA VAL A 61 -1.25 6.05 -1.17
C VAL A 61 -0.95 7.53 -0.93
N ARG A 62 0.33 7.87 -1.08
CA ARG A 62 0.76 9.24 -0.87
C ARG A 62 2.00 9.53 -1.71
N PRO A 63 1.86 10.55 -2.62
CA PRO A 63 2.96 10.92 -3.49
C PRO A 63 4.01 11.73 -2.71
N SER A 64 5.22 11.72 -3.24
CA SER A 64 6.33 12.43 -2.61
C SER A 64 6.45 13.83 -3.21
N GLY A 65 7.61 14.43 -3.02
CA GLY A 65 7.86 15.76 -3.53
C GLY A 65 9.25 15.85 -4.16
N THR A 66 10.26 15.50 -3.36
CA THR A 66 11.63 15.54 -3.84
C THR A 66 11.89 14.37 -4.80
N GLU A 67 11.44 13.20 -4.41
CA GLU A 67 11.62 12.01 -5.23
C GLU A 67 10.33 11.71 -6.01
N ASP A 68 10.44 10.73 -6.89
CA ASP A 68 9.30 10.34 -7.71
C ASP A 68 8.89 8.92 -7.36
N ILE A 69 8.42 8.74 -6.13
CA ILE A 69 7.99 7.44 -5.65
C ILE A 69 6.59 7.55 -5.05
N VAL A 70 5.87 6.44 -5.10
CA VAL A 70 4.52 6.40 -4.56
C VAL A 70 4.52 5.58 -3.28
N ARG A 71 4.63 6.28 -2.16
CA ARG A 71 4.64 5.62 -0.86
C ARG A 71 3.43 4.70 -0.72
N VAL A 72 3.71 3.42 -0.58
CA VAL A 72 2.65 2.43 -0.43
C VAL A 72 2.45 2.13 1.06
N TYR A 73 1.18 1.93 1.42
CA TYR A 73 0.83 1.64 2.79
C TYR A 73 -0.32 0.63 2.86
N ALA A 74 -0.10 -0.43 3.62
CA ALA A 74 -1.10 -1.46 3.79
C ALA A 74 -1.06 -1.98 5.22
N GLU A 75 -2.25 -2.29 5.75
CA GLU A 75 -2.36 -2.79 7.09
C GLU A 75 -3.52 -3.79 7.19
N ALA A 76 -3.42 -4.67 8.18
CA ALA A 76 -4.45 -5.67 8.40
C ALA A 76 -4.49 -6.05 9.88
N ASN A 77 -5.29 -7.07 10.17
CA ASN A 77 -5.43 -7.53 11.54
C ASN A 77 -4.37 -8.60 11.81
N SER A 78 -3.76 -9.08 10.74
CA SER A 78 -2.74 -10.10 10.85
C SER A 78 -1.51 -9.70 10.03
N GLN A 79 -0.34 -9.98 10.58
CA GLN A 79 0.91 -9.66 9.91
C GLN A 79 1.01 -10.42 8.59
N GLU A 80 0.29 -11.53 8.52
CA GLU A 80 0.30 -12.35 7.33
C GLU A 80 -0.48 -11.65 6.20
N SER A 81 -1.48 -10.88 6.62
CA SER A 81 -2.31 -10.16 5.65
C SER A 81 -1.67 -8.82 5.31
N ALA A 82 -1.22 -8.13 6.35
CA ALA A 82 -0.59 -6.83 6.17
C ALA A 82 0.32 -6.88 4.95
N ASP A 83 1.20 -7.87 4.94
CA ASP A 83 2.14 -8.05 3.84
C ASP A 83 1.36 -8.38 2.57
N ARG A 84 0.57 -9.43 2.66
CA ARG A 84 -0.24 -9.86 1.52
C ARG A 84 -0.81 -8.65 0.78
N LEU A 85 -1.64 -7.90 1.51
CA LEU A 85 -2.25 -6.72 0.93
C LEU A 85 -1.18 -5.81 0.35
N ALA A 86 -0.30 -5.34 1.23
CA ALA A 86 0.78 -4.47 0.82
C ALA A 86 1.37 -4.97 -0.50
N TYR A 87 1.94 -6.16 -0.44
CA TYR A 87 2.54 -6.76 -1.62
C TYR A 87 1.63 -6.61 -2.84
N GLU A 88 0.37 -6.97 -2.64
CA GLU A 88 -0.61 -6.87 -3.71
C GLU A 88 -0.72 -5.43 -4.21
N VAL A 89 -1.10 -4.56 -3.29
CA VAL A 89 -1.25 -3.15 -3.63
C VAL A 89 -0.01 -2.68 -4.40
N SER A 90 1.12 -2.68 -3.70
CA SER A 90 2.37 -2.26 -4.31
C SER A 90 2.46 -2.78 -5.75
N LEU A 91 2.22 -4.07 -5.89
CA LEU A 91 2.26 -4.71 -7.20
C LEU A 91 1.19 -4.08 -8.10
N LEU A 92 -0.02 -4.00 -7.56
CA LEU A 92 -1.13 -3.44 -8.30
C LEU A 92 -0.69 -2.12 -8.95
N VAL A 93 -0.27 -1.19 -8.10
CA VAL A 93 0.18 0.10 -8.58
C VAL A 93 1.07 -0.09 -9.81
N PHE A 94 2.22 -0.72 -9.57
CA PHE A 94 3.17 -0.97 -10.64
C PHE A 94 2.44 -1.42 -11.92
N GLN A 95 1.32 -2.08 -11.73
CA GLN A 95 0.52 -2.55 -12.84
C GLN A 95 -0.43 -1.46 -13.33
N LEU A 96 -1.11 -0.85 -12.38
CA LEU A 96 -2.06 0.21 -12.69
C LEU A 96 -1.28 1.48 -13.03
N ALA A 97 -0.98 2.25 -12.00
CA ALA A 97 -0.24 3.50 -12.17
C ALA A 97 0.89 3.27 -13.16
N GLY A 98 1.65 2.21 -12.93
CA GLY A 98 2.77 1.88 -13.80
C GLY A 98 4.09 2.22 -13.13
N GLY A 99 4.77 1.18 -12.67
CA GLY A 99 6.06 1.36 -12.01
C GLY A 99 7.21 1.07 -12.97
N ILE A 100 8.35 1.68 -12.69
CA ILE A 100 9.53 1.48 -13.51
C ILE A 100 10.64 0.85 -12.67
N GLY A 101 11.41 -0.01 -13.32
CA GLY A 101 12.50 -0.69 -12.65
C GLY A 101 12.13 -2.13 -12.31
N GLU A 102 12.70 -2.62 -11.22
CA GLU A 102 12.44 -3.97 -10.78
C GLU A 102 11.15 -4.02 -9.95
N ARG A 103 10.34 -5.03 -10.23
CA ARG A 103 9.08 -5.20 -9.53
C ARG A 103 9.29 -6.07 -8.28
N PRO A 104 8.39 -5.86 -7.28
CA PRO A 104 8.46 -6.61 -6.05
C PRO A 104 7.97 -8.05 -6.24
N GLN A 105 8.50 -8.93 -5.41
CA GLN A 105 8.12 -10.34 -5.48
C GLN A 105 7.30 -10.73 -4.25
N PRO A 106 6.59 -11.88 -4.37
CA PRO A 106 5.77 -12.37 -3.28
C PRO A 106 6.64 -12.99 -2.18
N SER A 107 6.26 -12.71 -0.94
CA SER A 107 6.99 -13.24 0.20
C SER A 107 6.21 -14.37 0.86
N GLY A 108 6.79 -15.55 0.82
CA GLY A 108 6.15 -16.73 1.40
C GLY A 108 6.15 -17.89 0.42
N PRO A 109 6.23 -19.12 1.00
CA PRO A 109 6.24 -20.33 0.19
C PRO A 109 4.84 -20.64 -0.36
N SER A 110 4.78 -21.66 -1.20
CA SER A 110 3.51 -22.07 -1.79
C SER A 110 3.36 -23.59 -1.71
N SER A 111 2.31 -24.01 -1.04
CA SER A 111 2.03 -25.42 -0.88
C SER A 111 1.24 -25.95 -2.08
N GLY A 112 1.63 -27.12 -2.53
CA GLY A 112 0.97 -27.74 -3.68
C GLY A 112 0.98 -26.80 -4.88
N GLY A 1 8.92 -26.37 38.94
CA GLY A 1 9.12 -26.06 37.54
C GLY A 1 10.14 -24.93 37.37
N SER A 2 9.84 -24.05 36.43
CA SER A 2 10.71 -22.93 36.15
C SER A 2 9.92 -21.81 35.47
N SER A 3 10.56 -20.64 35.39
CA SER A 3 9.93 -19.49 34.76
C SER A 3 11.00 -18.58 34.15
N GLY A 4 10.54 -17.62 33.38
CA GLY A 4 11.44 -16.67 32.74
C GLY A 4 10.75 -15.32 32.51
N SER A 5 11.50 -14.39 31.93
CA SER A 5 10.98 -13.07 31.66
C SER A 5 12.04 -12.23 30.94
N SER A 6 11.57 -11.20 30.25
CA SER A 6 12.45 -10.32 29.52
C SER A 6 11.65 -9.25 28.79
N GLY A 7 12.35 -8.21 28.35
CA GLY A 7 11.70 -7.12 27.64
C GLY A 7 11.53 -7.45 26.15
N ALA A 8 10.38 -7.08 25.63
CA ALA A 8 10.07 -7.34 24.23
C ALA A 8 8.84 -6.52 23.83
N ILE A 9 8.43 -6.71 22.57
CA ILE A 9 7.28 -6.01 22.06
C ILE A 9 6.04 -6.38 22.87
N TYR A 10 5.16 -5.40 23.04
CA TYR A 10 3.93 -5.62 23.79
C TYR A 10 2.73 -5.06 23.05
N VAL A 11 2.18 -5.86 22.15
CA VAL A 11 1.03 -5.45 21.38
C VAL A 11 1.43 -4.31 20.44
N ASP A 12 1.22 -4.53 19.15
CA ASP A 12 1.56 -3.54 18.15
C ASP A 12 1.00 -3.97 16.80
N LEU A 13 -0.06 -3.29 16.39
CA LEU A 13 -0.69 -3.59 15.12
C LEU A 13 0.37 -3.66 14.02
N PRO A 14 0.22 -4.66 13.11
CA PRO A 14 1.15 -4.84 12.02
C PRO A 14 0.94 -3.79 10.94
N ASN A 15 2.00 -3.54 10.18
CA ASN A 15 1.94 -2.55 9.11
C ASN A 15 3.09 -2.81 8.13
N ARG A 16 2.82 -2.54 6.87
CA ARG A 16 3.82 -2.72 5.83
C ARG A 16 3.60 -1.72 4.70
N GLN A 17 4.69 -1.09 4.28
CA GLN A 17 4.63 -0.11 3.22
C GLN A 17 5.81 -0.30 2.26
N LEU A 18 5.48 -0.50 1.00
CA LEU A 18 6.50 -0.69 -0.02
C LEU A 18 6.72 0.63 -0.77
N LYS A 19 7.84 0.68 -1.48
CA LYS A 19 8.20 1.87 -2.24
C LYS A 19 8.13 1.55 -3.73
N VAL A 20 7.04 1.96 -4.35
CA VAL A 20 6.85 1.73 -5.77
C VAL A 20 7.68 2.73 -6.57
N LYS A 21 8.53 2.20 -7.44
CA LYS A 21 9.37 3.04 -8.27
C LYS A 21 8.59 3.51 -9.49
N VAL A 22 7.75 4.51 -9.26
CA VAL A 22 6.93 5.06 -10.33
C VAL A 22 7.70 6.19 -11.02
N ALA A 23 6.96 7.01 -11.75
CA ALA A 23 7.55 8.13 -12.45
C ALA A 23 6.74 9.38 -12.18
N ASP A 24 5.43 9.27 -12.33
CA ASP A 24 4.53 10.38 -12.10
C ASP A 24 4.87 11.51 -13.07
N ARG A 25 3.88 12.36 -13.32
CA ARG A 25 4.07 13.48 -14.22
C ARG A 25 3.66 14.79 -13.53
N ARG A 26 2.36 14.95 -13.36
CA ARG A 26 1.83 16.15 -12.73
C ARG A 26 0.77 15.78 -11.70
N VAL A 27 0.81 16.47 -10.56
CA VAL A 27 -0.14 16.22 -9.50
C VAL A 27 -0.79 17.54 -9.08
N ILE A 28 -2.05 17.71 -9.46
CA ILE A 28 -2.78 18.92 -9.12
C ILE A 28 -2.81 19.09 -7.60
N SER A 29 -2.98 17.96 -6.92
CA SER A 29 -3.02 17.97 -5.46
C SER A 29 -3.51 16.62 -4.94
N THR A 30 -3.16 16.34 -3.70
CA THR A 30 -3.56 15.09 -3.07
C THR A 30 -3.80 15.29 -1.57
N THR A 31 -5.05 15.08 -1.18
CA THR A 31 -5.42 15.24 0.22
C THR A 31 -5.66 13.87 0.86
N ASP A 32 -6.24 12.98 0.07
CA ASP A 32 -6.53 11.64 0.55
C ASP A 32 -7.58 11.71 1.65
N ALA A 33 -8.82 11.48 1.27
CA ALA A 33 -9.92 11.53 2.22
C ALA A 33 -10.94 10.45 1.85
N GLU A 34 -11.71 10.05 2.85
CA GLU A 34 -12.73 9.03 2.64
C GLU A 34 -14.08 9.68 2.31
N ARG A 35 -14.15 10.24 1.12
CA ARG A 35 -15.37 10.90 0.67
C ARG A 35 -15.23 11.34 -0.78
N GLN A 36 -16.36 11.73 -1.36
CA GLN A 36 -16.38 12.17 -2.75
C GLN A 36 -16.05 11.01 -3.68
N ALA A 37 -14.78 10.64 -3.66
CA ALA A 37 -14.31 9.54 -4.50
C ALA A 37 -14.11 10.04 -5.93
N VAL A 38 -12.89 9.93 -6.40
CA VAL A 38 -12.55 10.37 -7.75
C VAL A 38 -11.49 9.45 -8.34
N THR A 39 -11.21 9.66 -9.62
CA THR A 39 -10.22 8.84 -10.31
C THR A 39 -9.03 8.57 -9.39
N PRO A 40 -8.30 7.47 -9.70
CA PRO A 40 -8.67 6.63 -10.83
C PRO A 40 -9.90 5.77 -10.52
N PRO A 41 -10.79 5.65 -11.54
CA PRO A 41 -12.01 4.88 -11.38
C PRO A 41 -11.71 3.38 -11.41
N GLY A 42 -11.50 2.82 -10.22
CA GLY A 42 -11.20 1.41 -10.11
C GLY A 42 -10.21 1.14 -8.97
N LEU A 43 -9.06 1.80 -9.07
CA LEU A 43 -8.02 1.65 -8.06
C LEU A 43 -8.68 1.57 -6.67
N GLN A 44 -9.58 2.51 -6.42
CA GLN A 44 -10.26 2.55 -5.14
C GLN A 44 -11.10 1.28 -4.96
N GLU A 45 -11.88 0.96 -5.98
CA GLU A 45 -12.73 -0.22 -5.94
C GLU A 45 -11.87 -1.48 -5.72
N ALA A 46 -10.85 -1.60 -6.56
CA ALA A 46 -9.96 -2.75 -6.48
C ALA A 46 -9.50 -2.93 -5.03
N ILE A 47 -8.67 -1.99 -4.59
CA ILE A 47 -8.15 -2.04 -3.23
C ILE A 47 -9.31 -2.16 -2.25
N ASN A 48 -10.34 -1.35 -2.49
CA ASN A 48 -11.52 -1.36 -1.64
C ASN A 48 -12.05 -2.79 -1.51
N ASP A 49 -11.77 -3.58 -2.54
CA ASP A 49 -12.22 -4.97 -2.56
C ASP A 49 -11.20 -5.83 -1.80
N LEU A 50 -9.94 -5.47 -1.96
CA LEU A 50 -8.86 -6.19 -1.29
C LEU A 50 -8.82 -5.80 0.19
N VAL A 51 -9.48 -4.69 0.49
CA VAL A 51 -9.53 -4.19 1.85
C VAL A 51 -10.68 -4.87 2.60
N LYS A 52 -11.65 -5.34 1.82
CA LYS A 52 -12.81 -6.01 2.40
C LYS A 52 -12.58 -7.52 2.36
N LYS A 53 -11.52 -7.91 1.68
CA LYS A 53 -11.19 -9.33 1.56
C LYS A 53 -10.74 -9.85 2.92
N TYR A 54 -9.92 -9.06 3.60
CA TYR A 54 -9.42 -9.44 4.90
C TYR A 54 -10.18 -8.72 6.02
N THR A 55 -9.97 -9.18 7.23
CA THR A 55 -10.64 -8.60 8.39
C THR A 55 -9.79 -7.48 8.98
N LEU A 56 -10.41 -6.31 9.10
CA LEU A 56 -9.72 -5.15 9.64
C LEU A 56 -8.51 -4.82 8.78
N ALA A 57 -8.79 -4.36 7.57
CA ALA A 57 -7.73 -4.00 6.63
C ALA A 57 -7.90 -2.53 6.22
N ARG A 58 -6.80 -1.97 5.76
CA ARG A 58 -6.80 -0.57 5.34
C ARG A 58 -5.58 -0.29 4.45
N ALA A 59 -5.84 0.37 3.33
CA ALA A 59 -4.79 0.71 2.40
C ALA A 59 -4.77 2.23 2.18
N PHE A 60 -3.66 2.71 1.66
CA PHE A 60 -3.51 4.13 1.40
C PHE A 60 -2.36 4.39 0.42
N VAL A 61 -2.07 5.66 0.21
CA VAL A 61 -1.00 6.05 -0.69
C VAL A 61 -0.19 7.19 -0.06
N ARG A 62 1.10 7.17 -0.30
CA ARG A 62 1.99 8.19 0.22
C ARG A 62 3.08 8.53 -0.79
N PRO A 63 3.03 9.79 -1.28
CA PRO A 63 4.00 10.26 -2.26
C PRO A 63 5.35 10.55 -1.60
N SER A 64 5.35 10.46 -0.28
CA SER A 64 6.57 10.69 0.49
C SER A 64 7.77 10.10 -0.24
N GLY A 65 8.76 10.94 -0.47
CA GLY A 65 9.98 10.51 -1.15
C GLY A 65 10.43 11.56 -2.16
N THR A 66 11.49 12.27 -1.79
CA THR A 66 12.04 13.31 -2.65
C THR A 66 12.14 12.80 -4.10
N GLU A 67 12.68 11.60 -4.23
CA GLU A 67 12.84 11.00 -5.54
C GLU A 67 11.47 10.65 -6.14
N ASP A 68 11.51 10.01 -7.30
CA ASP A 68 10.29 9.62 -7.98
C ASP A 68 9.84 8.26 -7.47
N ILE A 69 9.64 8.18 -6.17
CA ILE A 69 9.21 6.93 -5.55
C ILE A 69 7.94 7.17 -4.74
N VAL A 70 7.10 6.15 -4.68
CA VAL A 70 5.86 6.25 -3.94
C VAL A 70 5.80 5.13 -2.90
N ARG A 71 5.58 5.52 -1.65
CA ARG A 71 5.50 4.56 -0.57
C ARG A 71 4.04 4.15 -0.33
N VAL A 72 3.70 2.98 -0.84
CA VAL A 72 2.36 2.45 -0.69
C VAL A 72 2.16 1.97 0.75
N TYR A 73 1.01 2.34 1.30
CA TYR A 73 0.68 1.95 2.66
C TYR A 73 -0.41 0.88 2.69
N ALA A 74 -0.34 0.04 3.70
CA ALA A 74 -1.31 -1.04 3.84
C ALA A 74 -1.12 -1.71 5.20
N GLU A 75 -2.22 -1.83 5.93
CA GLU A 75 -2.19 -2.46 7.25
C GLU A 75 -3.39 -3.37 7.43
N ALA A 76 -3.28 -4.26 8.41
CA ALA A 76 -4.34 -5.20 8.69
C ALA A 76 -4.25 -5.65 10.15
N ASN A 77 -5.28 -6.36 10.59
CA ASN A 77 -5.32 -6.85 11.96
C ASN A 77 -4.33 -7.99 12.12
N SER A 78 -3.89 -8.51 10.98
CA SER A 78 -2.95 -9.61 10.98
C SER A 78 -1.65 -9.19 10.30
N GLN A 79 -0.61 -9.97 10.53
CA GLN A 79 0.70 -9.69 9.95
C GLN A 79 0.75 -10.19 8.50
N GLU A 80 0.05 -11.29 8.27
CA GLU A 80 0.01 -11.88 6.94
C GLU A 80 -0.57 -10.90 5.94
N SER A 81 -1.82 -10.52 6.19
CA SER A 81 -2.50 -9.58 5.32
C SER A 81 -1.75 -8.25 5.28
N ALA A 82 -1.28 -7.83 6.46
CA ALA A 82 -0.54 -6.59 6.57
C ALA A 82 0.52 -6.52 5.46
N ASP A 83 1.08 -7.68 5.16
CA ASP A 83 2.10 -7.77 4.13
C ASP A 83 1.44 -8.03 2.78
N ARG A 84 0.76 -9.17 2.70
CA ARG A 84 0.08 -9.54 1.48
C ARG A 84 -0.62 -8.32 0.86
N LEU A 85 -1.58 -7.80 1.60
CA LEU A 85 -2.33 -6.64 1.14
C LEU A 85 -1.36 -5.61 0.57
N ALA A 86 -0.39 -5.23 1.38
CA ALA A 86 0.62 -4.26 0.97
C ALA A 86 1.21 -4.70 -0.37
N TYR A 87 2.04 -5.72 -0.32
CA TYR A 87 2.69 -6.24 -1.52
C TYR A 87 1.70 -6.32 -2.68
N GLU A 88 0.46 -6.66 -2.34
CA GLU A 88 -0.58 -6.77 -3.34
C GLU A 88 -0.91 -5.40 -3.92
N VAL A 89 -1.37 -4.52 -3.05
CA VAL A 89 -1.72 -3.17 -3.46
C VAL A 89 -0.61 -2.60 -4.35
N SER A 90 0.55 -2.44 -3.75
CA SER A 90 1.70 -1.91 -4.47
C SER A 90 1.76 -2.52 -5.87
N LEU A 91 1.62 -3.83 -5.92
CA LEU A 91 1.66 -4.54 -7.18
C LEU A 91 0.57 -3.99 -8.10
N LEU A 92 -0.67 -4.10 -7.64
CA LEU A 92 -1.80 -3.61 -8.40
C LEU A 92 -1.45 -2.25 -9.03
N VAL A 93 -1.08 -1.32 -8.16
CA VAL A 93 -0.71 0.01 -8.60
C VAL A 93 0.14 -0.08 -9.87
N PHE A 94 1.29 -0.73 -9.71
CA PHE A 94 2.19 -0.89 -10.84
C PHE A 94 1.42 -1.14 -12.14
N GLN A 95 0.35 -1.90 -12.01
CA GLN A 95 -0.48 -2.23 -13.16
C GLN A 95 -1.57 -1.17 -13.34
N LEU A 96 -2.40 -1.03 -12.33
CA LEU A 96 -3.48 -0.06 -12.36
C LEU A 96 -2.93 1.29 -12.85
N ALA A 97 -2.17 1.94 -11.99
CA ALA A 97 -1.58 3.22 -12.33
C ALA A 97 -0.66 3.05 -13.52
N GLY A 98 0.45 2.36 -13.28
CA GLY A 98 1.44 2.13 -14.32
C GLY A 98 2.84 2.49 -13.85
N GLY A 99 3.44 1.57 -13.11
CA GLY A 99 4.78 1.78 -12.58
C GLY A 99 5.81 1.71 -13.71
N ILE A 100 7.07 1.91 -13.31
CA ILE A 100 8.16 1.87 -14.27
C ILE A 100 9.29 1.00 -13.72
N GLY A 101 9.88 0.22 -14.61
CA GLY A 101 10.97 -0.67 -14.23
C GLY A 101 10.47 -2.10 -14.04
N GLU A 102 10.85 -2.68 -12.91
CA GLU A 102 10.46 -4.04 -12.59
C GLU A 102 9.52 -4.05 -11.39
N ARG A 103 8.58 -4.99 -11.41
CA ARG A 103 7.62 -5.11 -10.33
C ARG A 103 8.35 -5.45 -9.02
N PRO A 104 7.73 -5.00 -7.90
CA PRO A 104 8.30 -5.25 -6.58
C PRO A 104 8.09 -6.69 -6.15
N GLN A 105 9.10 -7.24 -5.50
CA GLN A 105 9.05 -8.61 -5.03
C GLN A 105 8.95 -8.65 -3.50
N PRO A 106 8.37 -9.78 -3.00
CA PRO A 106 8.20 -9.95 -1.57
C PRO A 106 9.53 -10.29 -0.89
N SER A 107 9.45 -10.62 0.39
CA SER A 107 10.64 -10.97 1.15
C SER A 107 10.54 -12.41 1.64
N GLY A 108 9.49 -12.67 2.41
CA GLY A 108 9.28 -14.00 2.96
C GLY A 108 8.76 -13.92 4.40
N PRO A 109 7.45 -14.28 4.55
CA PRO A 109 6.83 -14.24 5.86
C PRO A 109 7.27 -15.44 6.71
N SER A 110 7.24 -15.25 8.02
CA SER A 110 7.64 -16.30 8.94
C SER A 110 6.77 -17.54 8.73
N SER A 111 7.43 -18.62 8.31
CA SER A 111 6.74 -19.87 8.06
C SER A 111 7.72 -21.03 8.15
N GLY A 112 7.25 -22.13 8.73
CA GLY A 112 8.07 -23.31 8.88
C GLY A 112 7.66 -24.40 7.88
N GLY A 1 7.98 11.69 48.77
CA GLY A 1 7.04 10.60 48.56
C GLY A 1 7.48 9.71 47.41
N SER A 2 6.55 8.89 46.95
CA SER A 2 6.83 7.98 45.84
C SER A 2 5.54 7.62 45.12
N SER A 3 5.60 7.68 43.80
CA SER A 3 4.45 7.35 42.98
C SER A 3 4.89 7.05 41.55
N GLY A 4 4.00 6.40 40.81
CA GLY A 4 4.29 6.04 39.43
C GLY A 4 3.16 6.49 38.50
N SER A 5 3.53 6.81 37.28
CA SER A 5 2.57 7.25 36.29
C SER A 5 3.20 7.25 34.90
N SER A 6 2.84 6.25 34.11
CA SER A 6 3.37 6.13 32.77
C SER A 6 2.43 5.28 31.91
N GLY A 7 2.18 5.76 30.71
CA GLY A 7 1.30 5.06 29.78
C GLY A 7 1.86 3.68 29.44
N ALA A 8 1.16 3.01 28.52
CA ALA A 8 1.58 1.68 28.10
C ALA A 8 0.90 1.34 26.77
N ILE A 9 1.67 0.73 25.88
CA ILE A 9 1.16 0.35 24.58
C ILE A 9 -0.09 -0.53 24.77
N TYR A 10 -1.03 -0.36 23.86
CA TYR A 10 -2.27 -1.13 23.91
C TYR A 10 -2.66 -1.62 22.51
N VAL A 11 -2.12 -2.78 22.15
CA VAL A 11 -2.40 -3.37 20.86
C VAL A 11 -1.82 -2.49 19.76
N ASP A 12 -0.95 -3.09 18.96
CA ASP A 12 -0.31 -2.37 17.86
C ASP A 12 -0.49 -3.16 16.57
N LEU A 13 -1.55 -2.83 15.86
CA LEU A 13 -1.84 -3.51 14.60
C LEU A 13 -0.59 -3.49 13.72
N PRO A 14 -0.48 -4.54 12.86
CA PRO A 14 0.65 -4.66 11.96
C PRO A 14 0.54 -3.68 10.80
N ASN A 15 1.69 -3.34 10.23
CA ASN A 15 1.72 -2.42 9.11
C ASN A 15 2.90 -2.76 8.21
N ARG A 16 2.79 -2.35 6.95
CA ARG A 16 3.85 -2.61 5.97
C ARG A 16 3.93 -1.46 4.96
N GLN A 17 5.17 -1.13 4.60
CA GLN A 17 5.40 -0.06 3.64
C GLN A 17 6.36 -0.52 2.55
N LEU A 18 6.08 -0.09 1.34
CA LEU A 18 6.91 -0.44 0.20
C LEU A 18 7.09 0.78 -0.71
N LYS A 19 8.11 0.72 -1.54
CA LYS A 19 8.40 1.81 -2.45
C LYS A 19 8.13 1.35 -3.88
N VAL A 20 7.36 2.16 -4.60
CA VAL A 20 7.02 1.85 -5.97
C VAL A 20 7.79 2.78 -6.91
N LYS A 21 8.89 2.26 -7.44
CA LYS A 21 9.72 3.03 -8.34
C LYS A 21 8.90 3.41 -9.58
N VAL A 22 8.46 4.66 -9.59
CA VAL A 22 7.66 5.17 -10.69
C VAL A 22 8.57 5.95 -11.65
N ALA A 23 7.93 6.65 -12.57
CA ALA A 23 8.66 7.43 -13.55
C ALA A 23 8.13 8.86 -13.55
N ASP A 24 6.81 8.97 -13.69
CA ASP A 24 6.16 10.27 -13.71
C ASP A 24 4.72 10.12 -13.22
N ARG A 25 4.24 11.18 -12.58
CA ARG A 25 2.88 11.17 -12.06
C ARG A 25 1.87 11.11 -13.21
N ARG A 26 2.03 12.03 -14.14
CA ARG A 26 1.14 12.10 -15.29
C ARG A 26 1.50 13.30 -16.17
N VAL A 27 1.95 12.98 -17.38
CA VAL A 27 2.32 14.03 -18.33
C VAL A 27 1.13 14.33 -19.24
N ILE A 28 -0.04 13.86 -18.82
CA ILE A 28 -1.25 14.07 -19.60
C ILE A 28 -1.96 15.32 -19.08
N SER A 29 -2.29 16.20 -20.02
CA SER A 29 -2.97 17.43 -19.68
C SER A 29 -4.29 17.13 -18.99
N THR A 30 -4.32 17.36 -17.68
CA THR A 30 -5.51 17.12 -16.89
C THR A 30 -6.13 18.44 -16.43
N THR A 31 -7.38 18.64 -16.80
CA THR A 31 -8.10 19.85 -16.44
C THR A 31 -9.19 19.53 -15.41
N ASP A 32 -9.21 18.29 -14.98
CA ASP A 32 -10.19 17.84 -14.00
C ASP A 32 -9.61 16.67 -13.20
N ALA A 33 -9.69 16.81 -11.88
CA ALA A 33 -9.18 15.78 -10.99
C ALA A 33 -9.83 15.92 -9.62
N GLU A 34 -9.95 14.80 -8.93
CA GLU A 34 -10.55 14.80 -7.61
C GLU A 34 -12.05 15.10 -7.70
N ARG A 35 -12.34 16.36 -8.03
CA ARG A 35 -13.72 16.79 -8.15
C ARG A 35 -14.48 15.86 -9.11
N GLN A 36 -15.29 14.99 -8.51
CA GLN A 36 -16.08 14.05 -9.30
C GLN A 36 -15.16 13.11 -10.07
N ALA A 37 -15.62 11.87 -10.22
CA ALA A 37 -14.85 10.87 -10.93
C ALA A 37 -13.38 10.97 -10.53
N VAL A 38 -13.07 10.36 -9.40
CA VAL A 38 -11.70 10.37 -8.89
C VAL A 38 -10.88 9.32 -9.63
N THR A 39 -9.56 9.51 -9.60
CA THR A 39 -8.66 8.58 -10.24
C THR A 39 -7.55 8.16 -9.28
N PRO A 40 -6.98 6.95 -9.56
CA PRO A 40 -7.43 6.15 -10.69
C PRO A 40 -8.79 5.49 -10.40
N PRO A 41 -9.60 5.37 -11.47
CA PRO A 41 -10.92 4.77 -11.34
C PRO A 41 -10.82 3.24 -11.20
N GLY A 42 -11.45 2.73 -10.16
CA GLY A 42 -11.44 1.30 -9.90
C GLY A 42 -10.52 0.96 -8.74
N LEU A 43 -9.34 1.56 -8.76
CA LEU A 43 -8.36 1.34 -7.72
C LEU A 43 -9.06 1.27 -6.36
N GLN A 44 -9.74 2.36 -6.04
CA GLN A 44 -10.46 2.44 -4.78
C GLN A 44 -11.38 1.23 -4.61
N GLU A 45 -12.19 1.00 -5.64
CA GLU A 45 -13.12 -0.12 -5.62
C GLU A 45 -12.37 -1.43 -5.40
N ALA A 46 -11.47 -1.72 -6.34
CA ALA A 46 -10.68 -2.94 -6.27
C ALA A 46 -10.25 -3.18 -4.82
N ILE A 47 -9.35 -2.31 -4.35
CA ILE A 47 -8.85 -2.41 -2.99
C ILE A 47 -10.03 -2.43 -2.02
N ASN A 48 -10.90 -1.44 -2.15
CA ASN A 48 -12.06 -1.34 -1.30
C ASN A 48 -12.71 -2.72 -1.16
N ASP A 49 -12.62 -3.49 -2.23
CA ASP A 49 -13.18 -4.83 -2.24
C ASP A 49 -12.31 -5.75 -1.37
N LEU A 50 -11.01 -5.67 -1.60
CA LEU A 50 -10.07 -6.48 -0.86
C LEU A 50 -10.10 -6.08 0.62
N VAL A 51 -9.97 -4.78 0.85
CA VAL A 51 -9.98 -4.25 2.19
C VAL A 51 -11.24 -4.75 2.92
N LYS A 52 -12.26 -5.06 2.14
CA LYS A 52 -13.51 -5.55 2.69
C LYS A 52 -13.43 -7.07 2.86
N LYS A 53 -12.81 -7.70 1.88
CA LYS A 53 -12.66 -9.15 1.91
C LYS A 53 -11.73 -9.54 3.07
N TYR A 54 -10.88 -8.59 3.45
CA TYR A 54 -9.96 -8.83 4.54
C TYR A 54 -10.55 -8.37 5.88
N THR A 55 -9.86 -8.73 6.94
CA THR A 55 -10.30 -8.37 8.28
C THR A 55 -9.59 -7.10 8.76
N LEU A 56 -10.38 -6.09 9.05
CA LEU A 56 -9.83 -4.82 9.51
C LEU A 56 -8.60 -4.46 8.68
N ALA A 57 -8.78 -4.49 7.36
CA ALA A 57 -7.70 -4.18 6.45
C ALA A 57 -7.77 -2.69 6.08
N ARG A 58 -6.68 -2.20 5.50
CA ARG A 58 -6.61 -0.82 5.08
C ARG A 58 -5.41 -0.60 4.16
N ALA A 59 -5.69 -0.06 2.98
CA ALA A 59 -4.65 0.20 2.01
C ALA A 59 -4.75 1.66 1.55
N PHE A 60 -3.61 2.18 1.10
CA PHE A 60 -3.56 3.55 0.63
C PHE A 60 -2.40 3.75 -0.35
N VAL A 61 -2.21 5.00 -0.76
CA VAL A 61 -1.14 5.33 -1.68
C VAL A 61 -0.70 6.77 -1.45
N ARG A 62 0.60 6.94 -1.32
CA ARG A 62 1.17 8.27 -1.09
C ARG A 62 2.36 8.51 -2.03
N PRO A 63 2.21 9.53 -2.91
CA PRO A 63 3.27 9.87 -3.84
C PRO A 63 4.42 10.59 -3.14
N SER A 64 5.33 11.12 -3.95
CA SER A 64 6.47 11.84 -3.42
C SER A 64 6.00 13.09 -2.67
N GLY A 65 6.44 13.18 -1.42
CA GLY A 65 6.07 14.31 -0.58
C GLY A 65 6.93 14.37 0.68
N THR A 66 8.19 13.96 0.52
CA THR A 66 9.13 13.97 1.62
C THR A 66 10.55 13.77 1.11
N GLU A 67 10.70 12.85 0.18
CA GLU A 67 12.00 12.56 -0.40
C GLU A 67 11.86 12.23 -1.89
N ASP A 68 11.74 10.94 -2.17
CA ASP A 68 11.60 10.47 -3.54
C ASP A 68 10.99 9.08 -3.54
N ILE A 69 10.55 8.66 -4.72
CA ILE A 69 9.94 7.35 -4.87
C ILE A 69 8.55 7.36 -4.21
N VAL A 70 7.66 6.55 -4.77
CA VAL A 70 6.31 6.46 -4.24
C VAL A 70 6.25 5.37 -3.17
N ARG A 71 5.65 5.72 -2.05
CA ARG A 71 5.51 4.79 -0.94
C ARG A 71 4.07 4.30 -0.82
N VAL A 72 3.93 3.03 -0.47
CA VAL A 72 2.62 2.44 -0.32
C VAL A 72 2.43 2.01 1.14
N TYR A 73 1.20 2.18 1.62
CA TYR A 73 0.87 1.80 2.99
C TYR A 73 -0.28 0.80 3.03
N ALA A 74 -0.16 -0.17 3.92
CA ALA A 74 -1.18 -1.19 4.07
C ALA A 74 -1.16 -1.72 5.50
N GLU A 75 -2.25 -2.37 5.86
CA GLU A 75 -2.37 -2.94 7.20
C GLU A 75 -3.53 -3.93 7.25
N ALA A 76 -3.56 -4.69 8.34
CA ALA A 76 -4.62 -5.68 8.52
C ALA A 76 -4.55 -6.22 9.96
N ASN A 77 -5.67 -6.75 10.40
CA ASN A 77 -5.77 -7.31 11.75
C ASN A 77 -4.64 -8.32 11.94
N SER A 78 -4.20 -8.89 10.83
CA SER A 78 -3.14 -9.88 10.87
C SER A 78 -1.88 -9.32 10.18
N GLN A 79 -0.74 -9.88 10.58
CA GLN A 79 0.53 -9.46 10.02
C GLN A 79 0.66 -9.96 8.57
N GLU A 80 0.26 -11.21 8.38
CA GLU A 80 0.33 -11.83 7.06
C GLU A 80 -0.32 -10.92 6.02
N SER A 81 -1.62 -10.70 6.20
CA SER A 81 -2.37 -9.86 5.29
C SER A 81 -1.72 -8.48 5.19
N ALA A 82 -1.40 -7.91 6.35
CA ALA A 82 -0.78 -6.60 6.40
C ALA A 82 0.27 -6.50 5.30
N ASP A 83 1.02 -7.58 5.13
CA ASP A 83 2.06 -7.61 4.12
C ASP A 83 1.44 -8.00 2.78
N ARG A 84 0.78 -9.15 2.77
CA ARG A 84 0.14 -9.64 1.56
C ARG A 84 -0.51 -8.48 0.80
N LEU A 85 -1.48 -7.85 1.46
CA LEU A 85 -2.19 -6.74 0.87
C LEU A 85 -1.18 -5.73 0.32
N ALA A 86 -0.30 -5.28 1.21
CA ALA A 86 0.71 -4.32 0.82
C ALA A 86 1.40 -4.79 -0.45
N TYR A 87 2.21 -5.84 -0.31
CA TYR A 87 2.92 -6.40 -1.44
C TYR A 87 2.06 -6.36 -2.71
N GLU A 88 0.82 -6.80 -2.57
CA GLU A 88 -0.10 -6.81 -3.68
C GLU A 88 -0.36 -5.39 -4.19
N VAL A 89 -0.99 -4.60 -3.33
CA VAL A 89 -1.30 -3.23 -3.67
C VAL A 89 -0.11 -2.60 -4.40
N SER A 90 1.04 -2.66 -3.75
CA SER A 90 2.26 -2.10 -4.33
C SER A 90 2.39 -2.55 -5.79
N LEU A 91 2.08 -3.82 -6.01
CA LEU A 91 2.16 -4.39 -7.35
C LEU A 91 1.08 -3.77 -8.23
N LEU A 92 -0.09 -3.58 -7.63
CA LEU A 92 -1.21 -2.99 -8.35
C LEU A 92 -0.80 -1.62 -8.89
N VAL A 93 -0.45 -0.73 -7.97
CA VAL A 93 -0.03 0.61 -8.34
C VAL A 93 0.84 0.54 -9.60
N PHE A 94 1.77 -0.40 -9.58
CA PHE A 94 2.67 -0.59 -10.70
C PHE A 94 1.90 -0.74 -12.01
N GLN A 95 0.91 -1.61 -11.98
CA GLN A 95 0.09 -1.86 -13.16
C GLN A 95 -0.93 -0.73 -13.33
N LEU A 96 -1.57 -0.38 -12.23
CA LEU A 96 -2.57 0.68 -12.25
C LEU A 96 -1.94 1.97 -12.79
N ALA A 97 -1.25 2.66 -11.89
CA ALA A 97 -0.58 3.89 -12.25
C ALA A 97 0.37 3.64 -13.41
N GLY A 98 1.47 2.95 -13.10
CA GLY A 98 2.46 2.64 -14.10
C GLY A 98 3.87 2.76 -13.52
N GLY A 99 4.27 1.74 -12.78
CA GLY A 99 5.59 1.73 -12.17
C GLY A 99 6.67 1.51 -13.23
N ILE A 100 7.88 1.22 -12.74
CA ILE A 100 9.01 0.99 -13.63
C ILE A 100 9.96 -0.01 -12.97
N GLY A 101 10.69 -0.73 -13.82
CA GLY A 101 11.64 -1.71 -13.33
C GLY A 101 11.02 -3.11 -13.30
N GLU A 102 11.67 -3.99 -12.56
CA GLU A 102 11.19 -5.36 -12.43
C GLU A 102 10.20 -5.48 -11.28
N ARG A 103 9.02 -5.98 -11.60
CA ARG A 103 7.98 -6.15 -10.58
C ARG A 103 8.26 -7.39 -9.74
N PRO A 104 7.74 -7.37 -8.49
CA PRO A 104 7.92 -8.48 -7.57
C PRO A 104 7.03 -9.67 -7.95
N GLN A 105 7.41 -10.84 -7.46
CA GLN A 105 6.66 -12.04 -7.74
C GLN A 105 5.17 -11.82 -7.48
N PRO A 106 4.33 -12.54 -8.28
CA PRO A 106 2.89 -12.41 -8.14
C PRO A 106 2.40 -13.16 -6.90
N SER A 107 1.16 -12.86 -6.51
CA SER A 107 0.57 -13.49 -5.34
C SER A 107 0.24 -14.95 -5.66
N GLY A 108 1.19 -15.81 -5.34
CA GLY A 108 1.01 -17.23 -5.58
C GLY A 108 -0.34 -17.71 -5.06
N PRO A 109 -0.84 -18.81 -5.69
CA PRO A 109 -2.13 -19.38 -5.31
C PRO A 109 -2.01 -20.14 -3.99
N SER A 110 -3.12 -20.14 -3.25
CA SER A 110 -3.15 -20.83 -1.97
C SER A 110 -4.54 -20.68 -1.34
N SER A 111 -5.30 -21.77 -1.40
CA SER A 111 -6.64 -21.76 -0.83
C SER A 111 -7.24 -23.17 -0.91
N GLY A 112 -8.18 -23.43 -0.01
CA GLY A 112 -8.83 -24.73 0.04
C GLY A 112 -9.96 -24.73 1.08
N GLY A 1 4.14 20.00 28.89
CA GLY A 1 4.92 19.49 27.78
C GLY A 1 4.70 17.99 27.58
N SER A 2 5.79 17.29 27.34
CA SER A 2 5.73 15.86 27.14
C SER A 2 7.14 15.29 26.94
N SER A 3 7.48 14.33 27.78
CA SER A 3 8.79 13.70 27.71
C SER A 3 8.80 12.63 26.61
N GLY A 4 7.92 11.65 26.77
CA GLY A 4 7.82 10.58 25.80
C GLY A 4 7.70 9.22 26.51
N SER A 5 6.86 8.37 25.94
CA SER A 5 6.64 7.04 26.50
C SER A 5 7.32 5.98 25.62
N SER A 6 8.50 5.57 26.04
CA SER A 6 9.25 4.57 25.29
C SER A 6 9.68 3.44 26.23
N GLY A 7 8.77 2.48 26.39
CA GLY A 7 9.04 1.34 27.25
C GLY A 7 8.95 0.03 26.47
N ALA A 8 8.88 -1.07 27.21
CA ALA A 8 8.79 -2.39 26.60
C ALA A 8 7.59 -2.43 25.66
N ILE A 9 7.84 -2.86 24.44
CA ILE A 9 6.78 -2.96 23.44
C ILE A 9 5.60 -3.75 24.03
N TYR A 10 4.41 -3.27 23.73
CA TYR A 10 3.20 -3.91 24.22
C TYR A 10 2.08 -3.83 23.19
N VAL A 11 2.01 -4.85 22.35
CA VAL A 11 1.00 -4.90 21.31
C VAL A 11 1.24 -3.78 20.31
N ASP A 12 1.41 -4.18 19.05
CA ASP A 12 1.66 -3.23 17.99
C ASP A 12 1.13 -3.80 16.67
N LEU A 13 -0.05 -3.33 16.29
CA LEU A 13 -0.67 -3.77 15.06
C LEU A 13 0.39 -3.89 13.96
N PRO A 14 0.11 -4.76 12.96
CA PRO A 14 1.02 -4.97 11.85
C PRO A 14 0.97 -3.80 10.88
N ASN A 15 2.03 -3.67 10.10
CA ASN A 15 2.12 -2.60 9.12
C ASN A 15 3.17 -2.97 8.06
N ARG A 16 2.84 -2.62 6.82
CA ARG A 16 3.74 -2.91 5.71
C ARG A 16 3.60 -1.85 4.62
N GLN A 17 4.71 -1.20 4.32
CA GLN A 17 4.72 -0.16 3.30
C GLN A 17 5.82 -0.43 2.28
N LEU A 18 5.56 -0.01 1.05
CA LEU A 18 6.52 -0.21 -0.02
C LEU A 18 6.53 1.04 -0.91
N LYS A 19 7.64 1.22 -1.62
CA LYS A 19 7.80 2.35 -2.50
C LYS A 19 7.85 1.87 -3.95
N VAL A 20 6.85 2.28 -4.71
CA VAL A 20 6.77 1.89 -6.11
C VAL A 20 7.45 2.96 -6.98
N LYS A 21 8.50 2.53 -7.67
CA LYS A 21 9.23 3.43 -8.53
C LYS A 21 8.43 3.70 -9.80
N VAL A 22 7.68 4.79 -9.77
CA VAL A 22 6.86 5.17 -10.91
C VAL A 22 7.70 5.96 -11.91
N ALA A 23 7.02 6.62 -12.83
CA ALA A 23 7.70 7.41 -13.84
C ALA A 23 7.11 8.83 -13.85
N ASP A 24 5.80 8.88 -13.97
CA ASP A 24 5.10 10.17 -13.99
C ASP A 24 5.51 10.94 -15.24
N ARG A 25 4.57 11.09 -16.15
CA ARG A 25 4.82 11.81 -17.39
C ARG A 25 3.67 12.77 -17.68
N ARG A 26 3.85 14.01 -17.25
CA ARG A 26 2.85 15.04 -17.45
C ARG A 26 3.44 16.22 -18.20
N VAL A 27 2.57 16.97 -18.87
CA VAL A 27 3.01 18.13 -19.63
C VAL A 27 2.59 19.40 -18.89
N ILE A 28 1.29 19.54 -18.67
CA ILE A 28 0.76 20.69 -17.97
C ILE A 28 -0.31 20.24 -16.98
N SER A 29 -0.42 20.99 -15.90
CA SER A 29 -1.40 20.68 -14.87
C SER A 29 -1.13 19.29 -14.29
N THR A 30 -0.78 19.27 -13.02
CA THR A 30 -0.49 18.03 -12.33
C THR A 30 -1.27 17.95 -11.01
N THR A 31 -0.98 18.90 -10.14
CA THR A 31 -1.64 18.95 -8.84
C THR A 31 -3.04 19.54 -8.98
N ASP A 32 -3.90 19.17 -8.04
CA ASP A 32 -5.27 19.65 -8.03
C ASP A 32 -6.04 18.98 -6.90
N ALA A 33 -7.19 19.55 -6.59
CA ALA A 33 -8.04 19.02 -5.53
C ALA A 33 -9.47 19.49 -5.74
N GLU A 34 -10.37 18.53 -5.84
CA GLU A 34 -11.78 18.83 -6.05
C GLU A 34 -12.66 17.74 -5.43
N ARG A 35 -13.90 18.10 -5.18
CA ARG A 35 -14.85 17.16 -4.59
C ARG A 35 -15.40 16.21 -5.67
N GLN A 36 -14.79 15.04 -5.76
CA GLN A 36 -15.20 14.06 -6.73
C GLN A 36 -14.31 12.82 -6.64
N ALA A 37 -14.69 11.79 -7.40
CA ALA A 37 -13.94 10.55 -7.42
C ALA A 37 -12.48 10.85 -7.78
N VAL A 38 -11.61 10.69 -6.79
CA VAL A 38 -10.19 10.93 -6.99
C VAL A 38 -9.61 9.84 -7.89
N THR A 39 -8.47 10.15 -8.47
CA THR A 39 -7.80 9.20 -9.35
C THR A 39 -6.63 8.53 -8.62
N PRO A 40 -6.24 7.34 -9.14
CA PRO A 40 -6.92 6.77 -10.29
C PRO A 40 -8.29 6.20 -9.89
N PRO A 41 -9.26 6.33 -10.84
CA PRO A 41 -10.61 5.84 -10.60
C PRO A 41 -10.66 4.31 -10.71
N GLY A 42 -10.61 3.67 -9.56
CA GLY A 42 -10.65 2.22 -9.52
C GLY A 42 -9.73 1.67 -8.42
N LEU A 43 -8.47 2.07 -8.50
CA LEU A 43 -7.48 1.64 -7.51
C LEU A 43 -8.14 1.61 -6.12
N GLN A 44 -8.80 2.70 -5.80
CA GLN A 44 -9.46 2.81 -4.51
C GLN A 44 -10.56 1.75 -4.38
N GLU A 45 -11.37 1.65 -5.42
CA GLU A 45 -12.45 0.68 -5.44
C GLU A 45 -11.90 -0.73 -5.26
N ALA A 46 -10.97 -1.07 -6.13
CA ALA A 46 -10.35 -2.39 -6.08
C ALA A 46 -9.95 -2.71 -4.64
N ILE A 47 -8.93 -2.01 -4.17
CA ILE A 47 -8.45 -2.22 -2.81
C ILE A 47 -9.63 -2.13 -1.84
N ASN A 48 -10.48 -1.14 -2.06
CA ASN A 48 -11.64 -0.93 -1.22
C ASN A 48 -12.50 -2.20 -1.23
N ASP A 49 -12.25 -3.04 -2.23
CA ASP A 49 -12.99 -4.28 -2.35
C ASP A 49 -12.21 -5.41 -1.66
N LEU A 50 -10.89 -5.34 -1.80
CA LEU A 50 -10.03 -6.34 -1.19
C LEU A 50 -9.96 -6.11 0.32
N VAL A 51 -10.02 -4.84 0.69
CA VAL A 51 -9.96 -4.47 2.10
C VAL A 51 -11.20 -5.01 2.81
N LYS A 52 -12.25 -5.20 2.03
CA LYS A 52 -13.51 -5.71 2.57
C LYS A 52 -13.48 -7.24 2.55
N LYS A 53 -12.69 -7.78 1.63
CA LYS A 53 -12.56 -9.22 1.50
C LYS A 53 -11.67 -9.75 2.62
N TYR A 54 -10.70 -8.94 3.00
CA TYR A 54 -9.76 -9.32 4.06
C TYR A 54 -10.36 -9.02 5.43
N THR A 55 -9.63 -9.45 6.45
CA THR A 55 -10.07 -9.23 7.83
C THR A 55 -9.37 -8.01 8.43
N LEU A 56 -10.17 -7.05 8.85
CA LEU A 56 -9.64 -5.83 9.45
C LEU A 56 -8.40 -5.40 8.66
N ALA A 57 -8.59 -5.21 7.36
CA ALA A 57 -7.50 -4.78 6.50
C ALA A 57 -7.65 -3.29 6.19
N ARG A 58 -6.56 -2.72 5.70
CA ARG A 58 -6.56 -1.30 5.36
C ARG A 58 -5.32 -0.97 4.52
N ALA A 59 -5.58 -0.38 3.36
CA ALA A 59 -4.50 0.01 2.46
C ALA A 59 -4.70 1.46 2.03
N PHE A 60 -3.58 2.11 1.73
CA PHE A 60 -3.61 3.49 1.29
C PHE A 60 -2.49 3.78 0.29
N VAL A 61 -2.47 5.02 -0.17
CA VAL A 61 -1.47 5.43 -1.14
C VAL A 61 -1.06 6.88 -0.86
N ARG A 62 0.20 7.19 -1.15
CA ARG A 62 0.72 8.53 -0.94
C ARG A 62 1.87 8.81 -1.91
N PRO A 63 1.62 9.79 -2.83
CA PRO A 63 2.62 10.16 -3.81
C PRO A 63 3.73 10.99 -3.17
N SER A 64 4.56 11.57 -4.03
CA SER A 64 5.66 12.41 -3.56
C SER A 64 6.60 11.57 -2.69
N GLY A 65 7.81 12.10 -2.51
CA GLY A 65 8.80 11.42 -1.70
C GLY A 65 10.01 11.01 -2.55
N THR A 66 11.10 11.74 -2.37
CA THR A 66 12.32 11.47 -3.11
C THR A 66 12.09 11.65 -4.61
N GLU A 67 11.86 12.90 -4.99
CA GLU A 67 11.62 13.21 -6.39
C GLU A 67 10.18 12.86 -6.77
N ASP A 68 9.92 11.58 -6.87
CA ASP A 68 8.59 11.10 -7.23
C ASP A 68 8.51 9.60 -6.97
N ILE A 69 8.01 9.25 -5.79
CA ILE A 69 7.88 7.85 -5.42
C ILE A 69 6.49 7.63 -4.80
N VAL A 70 5.94 6.46 -5.07
CA VAL A 70 4.63 6.10 -4.55
C VAL A 70 4.80 5.27 -3.27
N ARG A 71 4.68 5.95 -2.14
CA ARG A 71 4.82 5.29 -0.85
C ARG A 71 3.54 4.55 -0.50
N VAL A 72 3.52 3.26 -0.84
CA VAL A 72 2.36 2.43 -0.57
C VAL A 72 2.34 2.07 0.92
N TYR A 73 1.14 2.01 1.47
CA TYR A 73 0.97 1.67 2.87
C TYR A 73 -0.20 0.71 3.07
N ALA A 74 -0.02 -0.22 4.00
CA ALA A 74 -1.05 -1.21 4.29
C ALA A 74 -0.96 -1.60 5.76
N GLU A 75 -2.11 -1.96 6.31
CA GLU A 75 -2.17 -2.37 7.70
C GLU A 75 -3.44 -3.18 7.96
N ALA A 76 -3.24 -4.38 8.50
CA ALA A 76 -4.36 -5.26 8.79
C ALA A 76 -4.26 -5.73 10.24
N ASN A 77 -5.13 -6.67 10.59
CA ASN A 77 -5.14 -7.21 11.93
C ASN A 77 -4.07 -8.29 12.06
N SER A 78 -3.60 -8.75 10.92
CA SER A 78 -2.58 -9.79 10.89
C SER A 78 -1.41 -9.34 10.00
N GLN A 79 -0.22 -9.60 10.48
CA GLN A 79 0.99 -9.24 9.74
C GLN A 79 0.94 -9.82 8.33
N GLU A 80 0.32 -10.98 8.22
CA GLU A 80 0.19 -11.65 6.94
C GLU A 80 -0.64 -10.80 5.97
N SER A 81 -1.91 -10.63 6.33
CA SER A 81 -2.81 -9.84 5.51
C SER A 81 -2.15 -8.51 5.12
N ALA A 82 -1.73 -7.79 6.14
CA ALA A 82 -1.09 -6.50 5.93
C ALA A 82 -0.07 -6.63 4.80
N ASP A 83 0.90 -7.50 5.01
CA ASP A 83 1.95 -7.72 4.02
C ASP A 83 1.30 -8.20 2.71
N ARG A 84 0.68 -9.37 2.80
CA ARG A 84 0.02 -9.95 1.63
C ARG A 84 -0.69 -8.86 0.83
N LEU A 85 -1.26 -7.90 1.56
CA LEU A 85 -1.97 -6.81 0.93
C LEU A 85 -0.97 -5.81 0.37
N ALA A 86 -0.28 -5.14 1.28
CA ALA A 86 0.72 -4.15 0.90
C ALA A 86 1.54 -4.70 -0.28
N TYR A 87 1.99 -5.93 -0.13
CA TYR A 87 2.78 -6.57 -1.16
C TYR A 87 2.10 -6.46 -2.52
N GLU A 88 0.98 -7.15 -2.65
CA GLU A 88 0.23 -7.14 -3.90
C GLU A 88 -0.08 -5.69 -4.31
N VAL A 89 -0.63 -4.95 -3.38
CA VAL A 89 -0.98 -3.55 -3.62
C VAL A 89 0.12 -2.91 -4.45
N SER A 90 1.32 -2.91 -3.89
CA SER A 90 2.48 -2.33 -4.56
C SER A 90 2.57 -2.86 -5.99
N LEU A 91 2.34 -4.15 -6.12
CA LEU A 91 2.40 -4.80 -7.43
C LEU A 91 1.27 -4.23 -8.31
N LEU A 92 0.14 -4.00 -7.70
CA LEU A 92 -1.01 -3.47 -8.41
C LEU A 92 -0.65 -2.10 -9.00
N VAL A 93 -0.30 -1.18 -8.11
CA VAL A 93 0.07 0.16 -8.53
C VAL A 93 0.92 0.08 -9.80
N PHE A 94 1.88 -0.83 -9.78
CA PHE A 94 2.76 -1.01 -10.91
C PHE A 94 1.97 -1.20 -12.21
N GLN A 95 0.95 -2.05 -12.12
CA GLN A 95 0.10 -2.32 -13.26
C GLN A 95 -0.96 -1.22 -13.42
N LEU A 96 -1.58 -0.89 -12.30
CA LEU A 96 -2.60 0.14 -12.29
C LEU A 96 -2.03 1.44 -12.87
N ALA A 97 -1.30 2.16 -12.02
CA ALA A 97 -0.69 3.41 -12.42
C ALA A 97 0.24 3.15 -13.61
N GLY A 98 1.34 2.47 -13.32
CA GLY A 98 2.32 2.16 -14.35
C GLY A 98 3.74 2.37 -13.84
N GLY A 99 4.20 1.42 -13.03
CA GLY A 99 5.53 1.49 -12.47
C GLY A 99 6.59 1.38 -13.56
N ILE A 100 7.84 1.40 -13.14
CA ILE A 100 8.96 1.30 -14.06
C ILE A 100 10.16 0.66 -13.36
N GLY A 101 10.82 -0.23 -14.07
CA GLY A 101 11.97 -0.92 -13.52
C GLY A 101 11.58 -2.27 -12.93
N GLU A 102 12.58 -2.95 -12.38
CA GLU A 102 12.35 -4.26 -11.77
C GLU A 102 11.14 -4.19 -10.83
N ARG A 103 10.54 -5.36 -10.63
CA ARG A 103 9.38 -5.46 -9.76
C ARG A 103 9.73 -6.22 -8.47
N PRO A 104 9.04 -5.83 -7.37
CA PRO A 104 9.27 -6.47 -6.09
C PRO A 104 8.64 -7.86 -6.04
N GLN A 105 9.39 -8.80 -5.50
CA GLN A 105 8.92 -10.17 -5.38
C GLN A 105 8.56 -10.73 -6.77
N PRO A 106 8.59 -12.08 -6.87
CA PRO A 106 8.28 -12.75 -8.11
C PRO A 106 6.78 -12.72 -8.39
N SER A 107 6.43 -12.82 -9.66
CA SER A 107 5.04 -12.82 -10.07
C SER A 107 4.57 -14.24 -10.38
N GLY A 108 5.18 -14.82 -11.39
CA GLY A 108 4.84 -16.18 -11.79
C GLY A 108 3.39 -16.25 -12.29
N PRO A 109 3.01 -17.47 -12.76
CA PRO A 109 1.67 -17.69 -13.26
C PRO A 109 0.67 -17.79 -12.10
N SER A 110 0.98 -18.68 -11.17
CA SER A 110 0.12 -18.90 -10.02
C SER A 110 0.93 -19.53 -8.88
N SER A 111 1.51 -20.67 -9.18
CA SER A 111 2.30 -21.40 -8.20
C SER A 111 1.60 -21.38 -6.84
N GLY A 112 0.80 -22.41 -6.61
CA GLY A 112 0.06 -22.53 -5.37
C GLY A 112 -1.21 -23.37 -5.56
N GLY A 1 28.96 -1.45 36.24
CA GLY A 1 27.82 -2.12 35.63
C GLY A 1 26.81 -1.12 35.07
N SER A 2 25.62 -1.61 34.78
CA SER A 2 24.58 -0.76 34.24
C SER A 2 23.21 -1.37 34.53
N SER A 3 22.24 -0.50 34.79
CA SER A 3 20.90 -0.94 35.08
C SER A 3 19.90 0.18 34.78
N GLY A 4 18.69 -0.22 34.42
CA GLY A 4 17.65 0.73 34.11
C GLY A 4 16.30 0.03 33.88
N SER A 5 15.35 0.79 33.37
CA SER A 5 14.03 0.26 33.09
C SER A 5 13.79 0.17 31.59
N SER A 6 13.89 1.32 30.94
CA SER A 6 13.70 1.39 29.50
C SER A 6 12.27 0.94 29.14
N GLY A 7 11.75 1.53 28.08
CA GLY A 7 10.41 1.20 27.63
C GLY A 7 10.46 0.23 26.45
N ALA A 8 9.53 -0.72 26.47
CA ALA A 8 9.46 -1.71 25.41
C ALA A 8 8.09 -1.62 24.72
N ILE A 9 8.07 -2.00 23.45
CA ILE A 9 6.84 -1.97 22.69
C ILE A 9 5.75 -2.72 23.45
N TYR A 10 4.52 -2.25 23.28
CA TYR A 10 3.38 -2.87 23.94
C TYR A 10 2.16 -2.90 23.02
N VAL A 11 2.09 -3.95 22.23
CA VAL A 11 0.97 -4.12 21.31
C VAL A 11 1.05 -3.03 20.23
N ASP A 12 1.13 -3.46 18.98
CA ASP A 12 1.20 -2.54 17.87
C ASP A 12 0.79 -3.26 16.58
N LEU A 13 -0.41 -2.94 16.12
CA LEU A 13 -0.93 -3.55 14.91
C LEU A 13 0.18 -3.63 13.86
N PRO A 14 0.07 -4.65 12.97
CA PRO A 14 1.05 -4.83 11.91
C PRO A 14 0.87 -3.80 10.80
N ASN A 15 1.96 -3.52 10.11
CA ASN A 15 1.94 -2.55 9.03
C ASN A 15 3.10 -2.83 8.07
N ARG A 16 2.88 -2.51 6.81
CA ARG A 16 3.91 -2.72 5.80
C ARG A 16 3.76 -1.67 4.68
N GLN A 17 4.86 -0.96 4.45
CA GLN A 17 4.88 0.07 3.42
C GLN A 17 6.02 -0.19 2.44
N LEU A 18 5.77 0.20 1.18
CA LEU A 18 6.76 0.01 0.14
C LEU A 18 6.78 1.25 -0.75
N LYS A 19 7.82 1.33 -1.59
CA LYS A 19 7.97 2.45 -2.49
C LYS A 19 7.94 1.94 -3.94
N VAL A 20 6.85 2.24 -4.61
CA VAL A 20 6.68 1.83 -5.99
C VAL A 20 7.35 2.86 -6.92
N LYS A 21 8.37 2.39 -7.62
CA LYS A 21 9.10 3.25 -8.53
C LYS A 21 8.41 3.23 -9.90
N VAL A 22 7.61 4.25 -10.13
CA VAL A 22 6.89 4.36 -11.40
C VAL A 22 7.71 5.20 -12.37
N ALA A 23 7.05 5.64 -13.43
CA ALA A 23 7.71 6.45 -14.44
C ALA A 23 6.88 7.71 -14.71
N ASP A 24 5.59 7.49 -14.95
CA ASP A 24 4.68 8.60 -15.21
C ASP A 24 5.19 9.38 -16.43
N ARG A 25 4.30 10.23 -16.94
CA ARG A 25 4.65 11.05 -18.10
C ARG A 25 4.03 12.44 -17.96
N ARG A 26 2.74 12.46 -17.70
CA ARG A 26 2.02 13.72 -17.54
C ARG A 26 1.90 14.42 -18.88
N VAL A 27 3.04 14.73 -19.47
CA VAL A 27 3.08 15.40 -20.75
C VAL A 27 2.36 16.76 -20.64
N ILE A 28 2.72 17.65 -21.54
CA ILE A 28 2.12 18.98 -21.54
C ILE A 28 0.61 18.85 -21.29
N SER A 29 0.17 19.45 -20.20
CA SER A 29 -1.24 19.41 -19.85
C SER A 29 -2.07 20.09 -20.94
N THR A 30 -3.38 19.88 -20.86
CA THR A 30 -4.30 20.46 -21.83
C THR A 30 -4.63 21.91 -21.44
N THR A 31 -3.59 22.69 -21.26
CA THR A 31 -3.76 24.09 -20.88
C THR A 31 -4.74 24.21 -19.72
N ASP A 32 -4.21 24.03 -18.53
CA ASP A 32 -5.03 24.11 -17.32
C ASP A 32 -6.04 22.97 -17.32
N ALA A 33 -6.71 22.81 -16.19
CA ALA A 33 -7.70 21.76 -16.04
C ALA A 33 -7.01 20.40 -16.11
N GLU A 34 -7.38 19.53 -15.17
CA GLU A 34 -6.80 18.20 -15.12
C GLU A 34 -7.49 17.28 -16.13
N ARG A 35 -6.83 16.17 -16.42
CA ARG A 35 -7.38 15.22 -17.36
C ARG A 35 -8.47 14.37 -16.70
N GLN A 36 -8.18 13.93 -15.49
CA GLN A 36 -9.11 13.12 -14.74
C GLN A 36 -9.82 12.12 -15.66
N ALA A 37 -9.13 11.00 -15.89
CA ALA A 37 -9.67 9.97 -16.76
C ALA A 37 -8.61 8.89 -16.97
N VAL A 38 -8.94 7.94 -17.84
CA VAL A 38 -8.02 6.86 -18.15
C VAL A 38 -7.78 6.03 -16.88
N THR A 39 -7.37 4.79 -17.10
CA THR A 39 -7.09 3.89 -15.99
C THR A 39 -6.24 4.60 -14.93
N PRO A 40 -6.33 4.07 -13.68
CA PRO A 40 -7.17 2.91 -13.41
C PRO A 40 -8.64 3.30 -13.37
N PRO A 41 -9.50 2.36 -13.86
CA PRO A 41 -10.93 2.59 -13.88
C PRO A 41 -11.54 2.47 -12.47
N GLY A 42 -10.66 2.21 -11.52
CA GLY A 42 -11.09 2.07 -10.14
C GLY A 42 -9.95 1.57 -9.26
N LEU A 43 -9.23 2.51 -8.67
CA LEU A 43 -8.11 2.17 -7.80
C LEU A 43 -8.62 1.96 -6.38
N GLN A 44 -9.13 3.04 -5.80
CA GLN A 44 -9.64 2.99 -4.45
C GLN A 44 -10.66 1.85 -4.31
N GLU A 45 -11.59 1.82 -5.24
CA GLU A 45 -12.62 0.78 -5.24
C GLU A 45 -11.97 -0.60 -5.23
N ALA A 46 -11.12 -0.82 -6.23
CA ALA A 46 -10.44 -2.10 -6.35
C ALA A 46 -9.89 -2.51 -4.99
N ILE A 47 -8.85 -1.81 -4.55
CA ILE A 47 -8.23 -2.10 -3.26
C ILE A 47 -9.32 -2.13 -2.18
N ASN A 48 -10.16 -1.11 -2.20
CA ASN A 48 -11.22 -1.01 -1.22
C ASN A 48 -11.98 -2.34 -1.16
N ASP A 49 -12.23 -2.89 -2.34
CA ASP A 49 -12.93 -4.16 -2.43
C ASP A 49 -12.10 -5.25 -1.77
N LEU A 50 -10.79 -5.06 -1.81
CA LEU A 50 -9.87 -6.03 -1.22
C LEU A 50 -9.80 -5.79 0.29
N VAL A 51 -9.73 -4.52 0.66
CA VAL A 51 -9.66 -4.15 2.06
C VAL A 51 -10.73 -4.91 2.84
N LYS A 52 -11.78 -5.29 2.13
CA LYS A 52 -12.87 -6.02 2.74
C LYS A 52 -12.57 -7.51 2.71
N LYS A 53 -11.94 -7.93 1.62
CA LYS A 53 -11.59 -9.34 1.45
C LYS A 53 -10.88 -9.83 2.72
N TYR A 54 -10.16 -8.93 3.35
CA TYR A 54 -9.44 -9.26 4.56
C TYR A 54 -10.17 -8.74 5.80
N THR A 55 -9.60 -9.03 6.95
CA THR A 55 -10.19 -8.60 8.22
C THR A 55 -9.46 -7.36 8.75
N LEU A 56 -10.26 -6.37 9.13
CA LEU A 56 -9.71 -5.13 9.65
C LEU A 56 -8.47 -4.74 8.84
N ALA A 57 -8.69 -4.49 7.56
CA ALA A 57 -7.61 -4.11 6.68
C ALA A 57 -7.75 -2.64 6.29
N ARG A 58 -6.63 -2.05 5.91
CA ARG A 58 -6.62 -0.65 5.53
C ARG A 58 -5.43 -0.36 4.61
N ALA A 59 -5.74 0.26 3.47
CA ALA A 59 -4.70 0.60 2.51
C ALA A 59 -4.84 2.06 2.11
N PHE A 60 -3.73 2.62 1.64
CA PHE A 60 -3.71 4.02 1.23
C PHE A 60 -2.61 4.27 0.20
N VAL A 61 -2.47 5.54 -0.16
CA VAL A 61 -1.46 5.93 -1.13
C VAL A 61 -1.03 7.37 -0.87
N ARG A 62 0.25 7.63 -1.14
CA ARG A 62 0.79 8.97 -0.92
C ARG A 62 1.91 9.25 -1.94
N PRO A 63 1.63 10.23 -2.83
CA PRO A 63 2.60 10.61 -3.86
C PRO A 63 3.74 11.42 -3.25
N SER A 64 4.96 11.08 -3.67
CA SER A 64 6.13 11.77 -3.17
C SER A 64 6.15 13.21 -3.69
N GLY A 65 7.31 13.83 -3.60
CA GLY A 65 7.48 15.21 -4.04
C GLY A 65 8.62 15.33 -5.05
N THR A 66 9.83 15.37 -4.50
CA THR A 66 11.02 15.49 -5.33
C THR A 66 11.55 14.10 -5.71
N GLU A 67 10.62 13.16 -5.80
CA GLU A 67 10.98 11.79 -6.15
C GLU A 67 9.94 11.20 -7.10
N ASP A 68 10.23 9.99 -7.55
CA ASP A 68 9.33 9.30 -8.48
C ASP A 68 8.91 7.96 -7.87
N ILE A 69 8.19 8.05 -6.75
CA ILE A 69 7.73 6.87 -6.07
C ILE A 69 6.32 7.10 -5.55
N VAL A 70 5.77 6.07 -4.91
CA VAL A 70 4.42 6.16 -4.37
C VAL A 70 4.39 5.45 -3.00
N ARG A 71 4.47 6.26 -1.96
CA ARG A 71 4.44 5.73 -0.60
C ARG A 71 3.23 4.83 -0.41
N VAL A 72 3.45 3.53 -0.63
CA VAL A 72 2.40 2.55 -0.48
C VAL A 72 2.26 2.18 1.00
N TYR A 73 1.07 1.68 1.34
CA TYR A 73 0.80 1.29 2.70
C TYR A 73 -0.39 0.33 2.77
N ALA A 74 -0.34 -0.58 3.73
CA ALA A 74 -1.39 -1.56 3.90
C ALA A 74 -1.23 -2.23 5.27
N GLU A 75 -2.37 -2.64 5.83
CA GLU A 75 -2.37 -3.30 7.12
C GLU A 75 -3.51 -4.32 7.20
N ALA A 76 -3.54 -5.03 8.31
CA ALA A 76 -4.57 -6.03 8.53
C ALA A 76 -4.52 -6.51 9.98
N ASN A 77 -5.62 -7.13 10.40
CA ASN A 77 -5.71 -7.64 11.76
C ASN A 77 -4.53 -8.57 12.03
N SER A 78 -3.98 -9.11 10.95
CA SER A 78 -2.85 -10.02 11.06
C SER A 78 -1.66 -9.47 10.27
N GLN A 79 -0.48 -9.92 10.66
CA GLN A 79 0.75 -9.49 10.00
C GLN A 79 0.93 -10.24 8.68
N GLU A 80 0.23 -11.37 8.57
CA GLU A 80 0.31 -12.18 7.37
C GLU A 80 -0.34 -11.46 6.19
N SER A 81 -1.55 -10.99 6.43
CA SER A 81 -2.30 -10.28 5.40
C SER A 81 -1.67 -8.91 5.16
N ALA A 82 -1.37 -8.23 6.25
CA ALA A 82 -0.76 -6.91 6.18
C ALA A 82 0.31 -6.91 5.09
N ASP A 83 1.03 -8.02 5.00
CA ASP A 83 2.08 -8.17 4.01
C ASP A 83 1.45 -8.44 2.64
N ARG A 84 0.52 -9.38 2.63
CA ARG A 84 -0.16 -9.75 1.41
C ARG A 84 -0.76 -8.50 0.73
N LEU A 85 -1.63 -7.83 1.47
CA LEU A 85 -2.27 -6.63 0.96
C LEU A 85 -1.20 -5.64 0.48
N ALA A 86 -0.16 -5.51 1.30
CA ALA A 86 0.93 -4.60 0.97
C ALA A 86 1.48 -4.96 -0.41
N TYR A 87 2.16 -6.09 -0.47
CA TYR A 87 2.74 -6.55 -1.73
C TYR A 87 1.75 -6.38 -2.88
N GLU A 88 0.57 -6.97 -2.70
CA GLU A 88 -0.46 -6.89 -3.72
C GLU A 88 -0.69 -5.44 -4.13
N VAL A 89 -1.07 -4.63 -3.15
CA VAL A 89 -1.33 -3.22 -3.40
C VAL A 89 -0.20 -2.64 -4.25
N SER A 90 1.02 -2.83 -3.75
CA SER A 90 2.19 -2.34 -4.45
C SER A 90 2.27 -2.95 -5.85
N LEU A 91 1.96 -4.23 -5.92
CA LEU A 91 1.98 -4.94 -7.19
C LEU A 91 0.93 -4.35 -8.13
N LEU A 92 -0.17 -3.93 -7.52
CA LEU A 92 -1.27 -3.34 -8.29
C LEU A 92 -0.77 -2.07 -8.97
N VAL A 93 -0.50 -1.05 -8.16
CA VAL A 93 -0.02 0.22 -8.68
C VAL A 93 0.99 -0.04 -9.80
N PHE A 94 1.78 -1.08 -9.62
CA PHE A 94 2.78 -1.44 -10.60
C PHE A 94 2.13 -1.85 -11.93
N GLN A 95 1.14 -2.73 -11.81
CA GLN A 95 0.42 -3.21 -12.99
C GLN A 95 -0.53 -2.12 -13.50
N LEU A 96 -1.25 -1.52 -12.57
CA LEU A 96 -2.19 -0.47 -12.93
C LEU A 96 -1.45 0.64 -13.67
N ALA A 97 -0.83 1.52 -12.89
CA ALA A 97 -0.09 2.62 -13.47
C ALA A 97 0.91 2.10 -14.50
N GLY A 98 1.73 1.17 -14.04
CA GLY A 98 2.74 0.57 -14.91
C GLY A 98 4.14 0.82 -14.38
N GLY A 99 4.41 0.25 -13.21
CA GLY A 99 5.71 0.40 -12.58
C GLY A 99 6.83 0.04 -13.56
N ILE A 100 8.00 0.63 -13.31
CA ILE A 100 9.15 0.38 -14.15
C ILE A 100 10.13 -0.56 -13.42
N GLY A 101 10.75 -1.42 -14.20
CA GLY A 101 11.70 -2.37 -13.64
C GLY A 101 11.21 -3.81 -13.81
N GLU A 102 11.34 -4.58 -12.75
CA GLU A 102 10.92 -5.97 -12.76
C GLU A 102 9.55 -6.11 -12.10
N ARG A 103 8.65 -6.78 -12.82
CA ARG A 103 7.30 -7.00 -12.31
C ARG A 103 7.29 -8.14 -11.31
N PRO A 104 6.27 -8.11 -10.41
CA PRO A 104 6.13 -9.14 -9.39
C PRO A 104 5.59 -10.44 -10.00
N GLN A 105 5.66 -11.50 -9.20
CA GLN A 105 5.18 -12.80 -9.65
C GLN A 105 3.73 -12.69 -10.13
N PRO A 106 3.43 -13.47 -11.20
CA PRO A 106 2.09 -13.48 -11.77
C PRO A 106 1.11 -14.24 -10.87
N SER A 107 0.96 -13.74 -9.66
CA SER A 107 0.06 -14.37 -8.69
C SER A 107 0.26 -15.89 -8.70
N GLY A 108 1.33 -16.32 -8.04
CA GLY A 108 1.64 -17.73 -7.97
C GLY A 108 2.35 -18.07 -6.65
N PRO A 109 1.56 -18.61 -5.70
CA PRO A 109 2.10 -18.98 -4.40
C PRO A 109 2.92 -20.26 -4.49
N SER A 110 3.46 -20.67 -3.35
CA SER A 110 4.26 -21.88 -3.29
C SER A 110 3.41 -23.09 -3.66
N SER A 111 2.45 -23.39 -2.79
CA SER A 111 1.56 -24.51 -3.01
C SER A 111 2.36 -25.82 -3.01
N GLY A 112 2.41 -26.44 -1.84
CA GLY A 112 3.13 -27.69 -1.69
C GLY A 112 4.49 -27.62 -2.39
N GLY A 1 14.78 -6.21 50.18
CA GLY A 1 13.84 -6.44 49.10
C GLY A 1 14.57 -6.73 47.79
N SER A 2 13.78 -7.05 46.76
CA SER A 2 14.34 -7.35 45.46
C SER A 2 13.32 -7.04 44.37
N SER A 3 12.17 -7.71 44.47
CA SER A 3 11.11 -7.50 43.50
C SER A 3 11.59 -7.93 42.10
N GLY A 4 10.62 -8.15 41.22
CA GLY A 4 10.93 -8.56 39.86
C GLY A 4 9.67 -8.60 39.00
N SER A 5 9.85 -8.31 37.73
CA SER A 5 8.73 -8.30 36.79
C SER A 5 9.26 -8.38 35.35
N SER A 6 8.33 -8.62 34.44
CA SER A 6 8.68 -8.72 33.03
C SER A 6 8.14 -7.50 32.27
N GLY A 7 8.68 -7.31 31.07
CA GLY A 7 8.27 -6.19 30.24
C GLY A 7 8.64 -6.43 28.77
N ALA A 8 7.77 -5.97 27.89
CA ALA A 8 8.00 -6.13 26.46
C ALA A 8 6.82 -5.52 25.69
N ILE A 9 6.94 -5.56 24.38
CA ILE A 9 5.90 -5.02 23.51
C ILE A 9 4.52 -5.44 24.05
N TYR A 10 3.53 -4.62 23.74
CA TYR A 10 2.18 -4.90 24.18
C TYR A 10 1.15 -4.45 23.13
N VAL A 11 0.83 -5.37 22.24
CA VAL A 11 -0.14 -5.09 21.19
C VAL A 11 0.45 -4.04 20.24
N ASP A 12 0.55 -4.41 18.97
CA ASP A 12 1.09 -3.52 17.97
C ASP A 12 0.63 -3.99 16.58
N LEU A 13 -0.35 -3.26 16.05
CA LEU A 13 -0.87 -3.59 14.73
C LEU A 13 0.27 -3.68 13.73
N PRO A 14 0.11 -4.61 12.75
CA PRO A 14 1.13 -4.80 11.72
C PRO A 14 1.09 -3.67 10.69
N ASN A 15 2.22 -3.49 10.02
CA ASN A 15 2.33 -2.46 9.01
C ASN A 15 3.48 -2.79 8.07
N ARG A 16 3.27 -2.50 6.80
CA ARG A 16 4.28 -2.76 5.78
C ARG A 16 4.16 -1.75 4.64
N GLN A 17 5.31 -1.25 4.22
CA GLN A 17 5.36 -0.28 3.14
C GLN A 17 6.47 -0.63 2.15
N LEU A 18 6.09 -0.73 0.89
CA LEU A 18 7.04 -1.06 -0.16
C LEU A 18 7.38 0.21 -0.95
N LYS A 19 8.27 0.04 -1.93
CA LYS A 19 8.69 1.16 -2.75
C LYS A 19 8.37 0.85 -4.22
N VAL A 20 7.66 1.78 -4.85
CA VAL A 20 7.28 1.62 -6.24
C VAL A 20 7.76 2.84 -7.04
N LYS A 21 8.92 2.68 -7.66
CA LYS A 21 9.48 3.76 -8.45
C LYS A 21 8.64 3.96 -9.72
N VAL A 22 7.74 4.93 -9.64
CA VAL A 22 6.87 5.23 -10.76
C VAL A 22 7.60 6.18 -11.71
N ALA A 23 6.89 6.56 -12.78
CA ALA A 23 7.45 7.46 -13.77
C ALA A 23 6.57 8.70 -13.88
N ASP A 24 5.28 8.46 -13.99
CA ASP A 24 4.32 9.55 -14.11
C ASP A 24 4.61 10.59 -13.02
N ARG A 25 5.10 11.74 -13.46
CA ARG A 25 5.41 12.83 -12.54
C ARG A 25 5.81 14.08 -13.32
N ARG A 26 4.91 15.06 -13.30
CA ARG A 26 5.14 16.31 -14.00
C ARG A 26 4.13 17.36 -13.56
N VAL A 27 4.52 18.62 -13.71
CA VAL A 27 3.65 19.72 -13.32
C VAL A 27 3.34 19.63 -11.83
N ILE A 28 4.26 20.15 -11.03
CA ILE A 28 4.09 20.13 -9.59
C ILE A 28 2.73 20.71 -9.23
N SER A 29 2.30 20.43 -8.00
CA SER A 29 1.02 20.91 -7.52
C SER A 29 0.95 20.79 -6.00
N THR A 30 0.24 21.74 -5.40
CA THR A 30 0.08 21.75 -3.96
C THR A 30 -1.15 20.96 -3.53
N THR A 31 -1.03 20.27 -2.41
CA THR A 31 -2.14 19.47 -1.90
C THR A 31 -2.64 20.05 -0.58
N ASP A 32 -3.95 19.98 -0.40
CA ASP A 32 -4.57 20.49 0.81
C ASP A 32 -5.62 19.48 1.31
N ALA A 33 -6.56 19.17 0.43
CA ALA A 33 -7.61 18.23 0.77
C ALA A 33 -7.32 16.88 0.10
N GLU A 34 -6.37 16.16 0.69
CA GLU A 34 -5.99 14.86 0.16
C GLU A 34 -7.18 13.90 0.20
N ARG A 35 -7.00 12.76 -0.43
CA ARG A 35 -8.04 11.75 -0.48
C ARG A 35 -9.29 12.29 -1.19
N GLN A 36 -9.40 11.94 -2.46
CA GLN A 36 -10.53 12.39 -3.26
C GLN A 36 -10.89 11.34 -4.32
N ALA A 37 -12.03 10.72 -4.12
CA ALA A 37 -12.50 9.70 -5.04
C ALA A 37 -12.41 10.22 -6.47
N VAL A 38 -11.75 9.45 -7.32
CA VAL A 38 -11.58 9.83 -8.70
C VAL A 38 -11.07 8.62 -9.50
N THR A 39 -11.04 8.79 -10.81
CA THR A 39 -10.58 7.73 -11.69
C THR A 39 -9.21 7.22 -11.24
N PRO A 40 -8.90 5.97 -11.65
CA PRO A 40 -9.83 5.19 -12.46
C PRO A 40 -10.99 4.67 -11.61
N PRO A 41 -12.19 4.62 -12.24
CA PRO A 41 -13.38 4.14 -11.55
C PRO A 41 -13.36 2.62 -11.41
N GLY A 42 -12.68 2.17 -10.36
CA GLY A 42 -12.58 0.74 -10.11
C GLY A 42 -11.46 0.45 -9.10
N LEU A 43 -10.34 1.14 -9.28
CA LEU A 43 -9.20 0.96 -8.40
C LEU A 43 -9.69 0.86 -6.95
N GLN A 44 -10.28 1.96 -6.49
CA GLN A 44 -10.79 2.02 -5.13
C GLN A 44 -11.64 0.78 -4.84
N GLU A 45 -12.59 0.53 -5.72
CA GLU A 45 -13.48 -0.61 -5.56
C GLU A 45 -12.66 -1.90 -5.43
N ALA A 46 -11.82 -2.14 -6.44
CA ALA A 46 -10.98 -3.32 -6.44
C ALA A 46 -10.35 -3.51 -5.06
N ILE A 47 -9.40 -2.65 -4.76
CA ILE A 47 -8.72 -2.71 -3.48
C ILE A 47 -9.76 -2.75 -2.35
N ASN A 48 -10.69 -1.83 -2.43
CA ASN A 48 -11.74 -1.75 -1.42
C ASN A 48 -12.31 -3.15 -1.18
N ASP A 49 -12.60 -3.84 -2.28
CA ASP A 49 -13.15 -5.18 -2.20
C ASP A 49 -12.18 -6.08 -1.42
N LEU A 50 -10.90 -5.83 -1.63
CA LEU A 50 -9.87 -6.61 -0.95
C LEU A 50 -9.75 -6.13 0.50
N VAL A 51 -9.97 -4.84 0.68
CA VAL A 51 -9.90 -4.25 2.01
C VAL A 51 -11.07 -4.75 2.86
N LYS A 52 -12.14 -5.13 2.16
CA LYS A 52 -13.32 -5.62 2.83
C LYS A 52 -13.24 -7.15 2.96
N LYS A 53 -12.65 -7.76 1.95
CA LYS A 53 -12.50 -9.21 1.94
C LYS A 53 -11.54 -9.62 3.06
N TYR A 54 -10.80 -8.64 3.55
CA TYR A 54 -9.84 -8.89 4.62
C TYR A 54 -10.41 -8.44 5.97
N THR A 55 -9.69 -8.80 7.03
CA THR A 55 -10.11 -8.44 8.38
C THR A 55 -9.45 -7.12 8.79
N LEU A 56 -10.29 -6.13 9.05
CA LEU A 56 -9.81 -4.83 9.47
C LEU A 56 -8.57 -4.47 8.66
N ALA A 57 -8.76 -4.32 7.36
CA ALA A 57 -7.66 -3.97 6.46
C ALA A 57 -7.80 -2.51 6.04
N ARG A 58 -6.66 -1.93 5.68
CA ARG A 58 -6.63 -0.54 5.25
C ARG A 58 -5.38 -0.26 4.43
N ALA A 59 -5.59 0.25 3.24
CA ALA A 59 -4.48 0.57 2.34
C ALA A 59 -4.43 2.08 2.11
N PHE A 60 -3.22 2.59 1.99
CA PHE A 60 -3.01 4.01 1.77
C PHE A 60 -1.79 4.26 0.88
N VAL A 61 -1.65 5.51 0.48
CA VAL A 61 -0.53 5.90 -0.36
C VAL A 61 -0.10 7.33 -0.03
N ARG A 62 1.17 7.60 -0.23
CA ARG A 62 1.72 8.92 0.06
C ARG A 62 2.92 9.20 -0.85
N PRO A 63 2.74 10.22 -1.74
CA PRO A 63 3.79 10.60 -2.67
C PRO A 63 4.90 11.38 -1.94
N SER A 64 5.70 12.07 -2.74
CA SER A 64 6.80 12.85 -2.20
C SER A 64 7.45 12.10 -1.03
N GLY A 65 8.44 11.29 -1.36
CA GLY A 65 9.15 10.52 -0.36
C GLY A 65 10.63 10.90 -0.31
N THR A 66 11.46 9.99 -0.78
CA THR A 66 12.89 10.22 -0.78
C THR A 66 13.27 11.15 -1.95
N GLU A 67 12.81 10.78 -3.14
CA GLU A 67 13.09 11.55 -4.33
C GLU A 67 11.81 11.77 -5.14
N ASP A 68 11.14 10.67 -5.42
CA ASP A 68 9.90 10.72 -6.18
C ASP A 68 9.28 9.32 -6.23
N ILE A 69 9.43 8.60 -5.14
CA ILE A 69 8.89 7.25 -5.04
C ILE A 69 7.52 7.30 -4.38
N VAL A 70 6.65 6.40 -4.83
CA VAL A 70 5.30 6.32 -4.29
C VAL A 70 5.29 5.40 -3.08
N ARG A 71 5.39 5.99 -1.90
CA ARG A 71 5.39 5.22 -0.67
C ARG A 71 4.07 4.47 -0.51
N VAL A 72 4.13 3.17 -0.75
CA VAL A 72 2.95 2.33 -0.63
C VAL A 72 2.79 1.89 0.83
N TYR A 73 1.57 2.05 1.32
CA TYR A 73 1.26 1.67 2.69
C TYR A 73 0.00 0.82 2.76
N ALA A 74 -0.02 -0.09 3.72
CA ALA A 74 -1.16 -0.98 3.91
C ALA A 74 -0.97 -1.77 5.21
N GLU A 75 -2.08 -1.94 5.91
CA GLU A 75 -2.06 -2.67 7.16
C GLU A 75 -3.28 -3.60 7.26
N ALA A 76 -3.37 -4.29 8.39
CA ALA A 76 -4.48 -5.21 8.61
C ALA A 76 -4.41 -5.74 10.04
N ASN A 77 -5.45 -6.46 10.42
CA ASN A 77 -5.52 -7.03 11.76
C ASN A 77 -4.43 -8.09 11.92
N SER A 78 -4.03 -8.66 10.79
CA SER A 78 -3.00 -9.68 10.79
C SER A 78 -1.85 -9.27 9.85
N GLN A 79 -0.66 -9.72 10.20
CA GLN A 79 0.52 -9.40 9.40
C GLN A 79 0.43 -10.08 8.04
N GLU A 80 -0.04 -11.32 8.06
CA GLU A 80 -0.18 -12.09 6.83
C GLU A 80 -0.98 -11.29 5.80
N SER A 81 -2.03 -10.64 6.28
CA SER A 81 -2.88 -9.84 5.41
C SER A 81 -2.23 -8.49 5.14
N ALA A 82 -1.81 -7.83 6.22
CA ALA A 82 -1.18 -6.54 6.11
C ALA A 82 -0.11 -6.59 5.03
N ASP A 83 0.88 -7.44 5.24
CA ASP A 83 1.96 -7.60 4.29
C ASP A 83 1.38 -7.89 2.90
N ARG A 84 0.48 -8.87 2.87
CA ARG A 84 -0.15 -9.26 1.63
C ARG A 84 -0.73 -8.04 0.91
N LEU A 85 -1.70 -7.42 1.57
CA LEU A 85 -2.34 -6.24 1.00
C LEU A 85 -1.26 -5.26 0.53
N ALA A 86 -0.45 -4.82 1.48
CA ALA A 86 0.62 -3.87 1.19
C ALA A 86 1.29 -4.28 -0.13
N TYR A 87 1.98 -5.41 -0.07
CA TYR A 87 2.68 -5.91 -1.25
C TYR A 87 1.79 -5.83 -2.49
N GLU A 88 0.68 -6.56 -2.42
CA GLU A 88 -0.27 -6.58 -3.53
C GLU A 88 -0.53 -5.15 -4.03
N VAL A 89 -1.11 -4.34 -3.14
CA VAL A 89 -1.42 -2.96 -3.48
C VAL A 89 -0.29 -2.38 -4.32
N SER A 90 0.91 -2.44 -3.77
CA SER A 90 2.08 -1.92 -4.46
C SER A 90 2.00 -2.26 -5.95
N LEU A 91 2.08 -3.55 -6.25
CA LEU A 91 2.01 -4.01 -7.62
C LEU A 91 0.83 -3.33 -8.32
N LEU A 92 -0.32 -3.43 -7.69
CA LEU A 92 -1.52 -2.83 -8.25
C LEU A 92 -1.20 -1.42 -8.76
N VAL A 93 -0.33 -0.75 -8.03
CA VAL A 93 0.07 0.60 -8.39
C VAL A 93 0.98 0.54 -9.62
N PHE A 94 1.96 -0.35 -9.54
CA PHE A 94 2.91 -0.51 -10.64
C PHE A 94 2.19 -0.98 -11.91
N GLN A 95 1.27 -1.91 -11.73
CA GLN A 95 0.51 -2.45 -12.85
C GLN A 95 -0.47 -1.40 -13.38
N LEU A 96 -1.16 -0.77 -12.43
CA LEU A 96 -2.13 0.25 -12.79
C LEU A 96 -1.40 1.49 -13.32
N ALA A 97 -0.86 2.25 -12.40
CA ALA A 97 -0.13 3.46 -12.76
C ALA A 97 0.75 3.18 -13.98
N GLY A 98 1.81 2.43 -13.75
CA GLY A 98 2.74 2.08 -14.81
C GLY A 98 4.19 2.22 -14.35
N GLY A 99 4.51 1.48 -13.29
CA GLY A 99 5.86 1.52 -12.74
C GLY A 99 6.91 1.44 -13.86
N ILE A 100 8.13 1.77 -13.49
CA ILE A 100 9.24 1.72 -14.44
C ILE A 100 10.48 1.16 -13.76
N GLY A 101 11.21 0.35 -14.52
CA GLY A 101 12.42 -0.27 -14.00
C GLY A 101 12.09 -1.53 -13.19
N GLU A 102 12.86 -1.75 -12.14
CA GLU A 102 12.68 -2.91 -11.29
C GLU A 102 11.30 -2.86 -10.63
N ARG A 103 10.86 -4.02 -10.16
CA ARG A 103 9.57 -4.12 -9.50
C ARG A 103 9.72 -4.75 -8.12
N PRO A 104 8.75 -4.44 -7.23
CA PRO A 104 8.77 -4.96 -5.88
C PRO A 104 8.36 -6.44 -5.86
N GLN A 105 9.07 -7.21 -5.04
CA GLN A 105 8.80 -8.62 -4.92
C GLN A 105 8.80 -9.05 -3.45
N PRO A 106 8.01 -10.10 -3.15
CA PRO A 106 7.91 -10.61 -1.79
C PRO A 106 9.16 -11.40 -1.42
N SER A 107 9.26 -11.72 -0.13
CA SER A 107 10.40 -12.47 0.37
C SER A 107 9.94 -13.82 0.91
N GLY A 108 10.91 -14.67 1.20
CA GLY A 108 10.61 -16.00 1.72
C GLY A 108 10.78 -16.05 3.24
N PRO A 109 10.18 -17.10 3.85
CA PRO A 109 10.26 -17.27 5.30
C PRO A 109 11.63 -17.77 5.72
N SER A 110 12.01 -18.90 5.15
CA SER A 110 13.30 -19.50 5.46
C SER A 110 13.36 -19.89 6.94
N SER A 111 12.77 -21.04 7.24
CA SER A 111 12.74 -21.53 8.61
C SER A 111 13.39 -22.92 8.68
N GLY A 112 13.81 -23.28 9.88
CA GLY A 112 14.44 -24.58 10.09
C GLY A 112 13.57 -25.47 10.98
N GLY A 1 -5.82 -11.43 52.10
CA GLY A 1 -5.27 -12.17 50.97
C GLY A 1 -5.96 -11.76 49.67
N SER A 2 -5.58 -10.60 49.16
CA SER A 2 -6.14 -10.10 47.92
C SER A 2 -5.14 -9.17 47.23
N SER A 3 -4.77 -9.57 46.02
CA SER A 3 -3.82 -8.78 45.24
C SER A 3 -3.95 -9.13 43.75
N GLY A 4 -3.39 -8.28 42.92
CA GLY A 4 -3.43 -8.48 41.49
C GLY A 4 -3.71 -7.18 40.74
N SER A 5 -2.82 -6.85 39.82
CA SER A 5 -2.96 -5.63 39.04
C SER A 5 -1.75 -5.46 38.13
N SER A 6 -1.90 -4.56 37.16
CA SER A 6 -0.82 -4.28 36.22
C SER A 6 -1.21 -3.09 35.34
N GLY A 7 -0.20 -2.55 34.66
CA GLY A 7 -0.40 -1.43 33.78
C GLY A 7 0.66 -1.37 32.69
N ALA A 8 0.36 -2.04 31.58
CA ALA A 8 1.28 -2.09 30.46
C ALA A 8 0.64 -2.87 29.31
N ILE A 9 0.61 -2.24 28.15
CA ILE A 9 0.02 -2.86 26.97
C ILE A 9 1.14 -3.23 25.99
N TYR A 10 0.88 -4.26 25.21
CA TYR A 10 1.85 -4.72 24.23
C TYR A 10 1.16 -5.24 22.97
N VAL A 11 0.64 -4.31 22.18
CA VAL A 11 -0.04 -4.66 20.95
C VAL A 11 0.29 -3.63 19.87
N ASP A 12 1.02 -4.08 18.86
CA ASP A 12 1.41 -3.22 17.77
C ASP A 12 1.07 -3.90 16.44
N LEU A 13 -0.12 -3.59 15.95
CA LEU A 13 -0.58 -4.16 14.69
C LEU A 13 0.56 -4.10 13.66
N PRO A 14 0.57 -5.12 12.76
CA PRO A 14 1.60 -5.20 11.73
C PRO A 14 1.34 -4.17 10.63
N ASN A 15 2.40 -3.85 9.89
CA ASN A 15 2.30 -2.89 8.81
C ASN A 15 3.46 -3.10 7.84
N ARG A 16 3.19 -2.84 6.57
CA ARG A 16 4.20 -2.99 5.54
C ARG A 16 3.98 -1.98 4.42
N GLN A 17 5.04 -1.27 4.07
CA GLN A 17 4.97 -0.27 3.02
C GLN A 17 6.10 -0.49 2.01
N LEU A 18 5.69 -0.66 0.76
CA LEU A 18 6.66 -0.87 -0.32
C LEU A 18 6.90 0.45 -1.04
N LYS A 19 7.97 0.46 -1.82
CA LYS A 19 8.33 1.65 -2.58
C LYS A 19 8.07 1.40 -4.07
N VAL A 20 7.09 2.12 -4.60
CA VAL A 20 6.74 1.99 -6.00
C VAL A 20 7.55 3.00 -6.82
N LYS A 21 8.26 2.46 -7.81
CA LYS A 21 9.07 3.30 -8.67
C LYS A 21 8.22 3.79 -9.84
N VAL A 22 7.38 4.78 -9.55
CA VAL A 22 6.51 5.35 -10.56
C VAL A 22 7.33 6.25 -11.49
N ALA A 23 6.63 6.91 -12.39
CA ALA A 23 7.28 7.80 -13.34
C ALA A 23 6.69 9.20 -13.21
N ASP A 24 5.36 9.25 -13.13
CA ASP A 24 4.67 10.51 -13.00
C ASP A 24 3.25 10.27 -12.48
N ARG A 25 2.76 11.20 -11.69
CA ARG A 25 1.43 11.09 -11.12
C ARG A 25 0.69 12.42 -11.25
N ARG A 26 1.32 13.46 -10.73
CA ARG A 26 0.73 14.79 -10.77
C ARG A 26 -0.61 14.81 -10.05
N VAL A 27 -0.57 15.23 -8.79
CA VAL A 27 -1.77 15.29 -7.98
C VAL A 27 -2.89 15.98 -8.78
N ILE A 28 -4.11 15.84 -8.28
CA ILE A 28 -5.26 16.44 -8.93
C ILE A 28 -6.21 17.00 -7.87
N SER A 29 -6.52 18.27 -8.01
CA SER A 29 -7.42 18.93 -7.08
C SER A 29 -8.80 18.28 -7.13
N THR A 30 -9.22 17.76 -5.99
CA THR A 30 -10.52 17.11 -5.89
C THR A 30 -11.36 17.75 -4.77
N THR A 31 -12.65 17.48 -4.82
CA THR A 31 -13.56 18.01 -3.83
C THR A 31 -14.95 17.37 -3.96
N ASP A 32 -15.69 17.40 -2.87
CA ASP A 32 -17.02 16.83 -2.86
C ASP A 32 -16.96 15.38 -3.37
N ALA A 33 -16.78 14.47 -2.44
CA ALA A 33 -16.70 13.05 -2.78
C ALA A 33 -16.78 12.22 -1.51
N GLU A 34 -17.90 11.54 -1.34
CA GLU A 34 -18.13 10.71 -0.18
C GLU A 34 -17.28 9.43 -0.27
N ARG A 35 -17.45 8.74 -1.39
CA ARG A 35 -16.72 7.50 -1.63
C ARG A 35 -15.96 7.58 -2.94
N GLN A 36 -14.64 7.48 -2.84
CA GLN A 36 -13.77 7.54 -4.00
C GLN A 36 -13.85 8.93 -4.65
N ALA A 37 -12.77 9.29 -5.33
CA ALA A 37 -12.71 10.57 -6.00
C ALA A 37 -13.39 10.47 -7.36
N VAL A 38 -12.59 10.15 -8.37
CA VAL A 38 -13.09 10.03 -9.72
C VAL A 38 -12.29 8.95 -10.46
N THR A 39 -10.98 9.09 -10.41
CA THR A 39 -10.10 8.15 -11.07
C THR A 39 -8.92 7.80 -10.16
N PRO A 40 -8.32 6.61 -10.43
CA PRO A 40 -8.79 5.76 -11.51
C PRO A 40 -10.09 5.05 -11.12
N PRO A 41 -11.00 4.91 -12.12
CA PRO A 41 -12.28 4.27 -11.89
C PRO A 41 -12.12 2.75 -11.80
N GLY A 42 -12.31 2.24 -10.59
CA GLY A 42 -12.18 0.81 -10.35
C GLY A 42 -11.13 0.52 -9.28
N LEU A 43 -9.96 1.10 -9.48
CA LEU A 43 -8.86 0.92 -8.54
C LEU A 43 -9.42 0.92 -7.12
N GLN A 44 -9.96 2.06 -6.73
CA GLN A 44 -10.52 2.22 -5.40
C GLN A 44 -11.44 1.04 -5.08
N GLU A 45 -12.35 0.76 -6.00
CA GLU A 45 -13.29 -0.33 -5.83
C GLU A 45 -12.54 -1.65 -5.61
N ALA A 46 -11.55 -1.88 -6.47
CA ALA A 46 -10.76 -3.09 -6.38
C ALA A 46 -10.21 -3.24 -4.95
N ILE A 47 -9.25 -2.38 -4.64
CA ILE A 47 -8.64 -2.41 -3.32
C ILE A 47 -9.74 -2.36 -2.26
N ASN A 48 -10.73 -1.51 -2.51
CA ASN A 48 -11.84 -1.36 -1.58
C ASN A 48 -12.49 -2.73 -1.36
N ASP A 49 -12.43 -3.55 -2.39
CA ASP A 49 -13.01 -4.89 -2.31
C ASP A 49 -12.06 -5.81 -1.55
N LEU A 50 -10.77 -5.56 -1.73
CA LEU A 50 -9.75 -6.37 -1.08
C LEU A 50 -9.65 -5.94 0.38
N VAL A 51 -10.02 -4.69 0.64
CA VAL A 51 -9.97 -4.15 1.98
C VAL A 51 -11.18 -4.65 2.78
N LYS A 52 -12.23 -4.99 2.05
CA LYS A 52 -13.45 -5.48 2.66
C LYS A 52 -13.44 -7.01 2.65
N LYS A 53 -12.55 -7.56 1.85
CA LYS A 53 -12.43 -9.00 1.74
C LYS A 53 -11.49 -9.52 2.82
N TYR A 54 -10.69 -8.59 3.35
CA TYR A 54 -9.74 -8.95 4.39
C TYR A 54 -10.28 -8.53 5.77
N THR A 55 -9.55 -8.95 6.80
CA THR A 55 -9.93 -8.62 8.16
C THR A 55 -9.23 -7.34 8.63
N LEU A 56 -10.05 -6.36 8.97
CA LEU A 56 -9.52 -5.08 9.44
C LEU A 56 -8.35 -4.68 8.55
N ALA A 57 -8.64 -4.51 7.27
CA ALA A 57 -7.61 -4.12 6.32
C ALA A 57 -7.78 -2.64 5.96
N ARG A 58 -6.71 -2.06 5.47
CA ARG A 58 -6.73 -0.66 5.08
C ARG A 58 -5.49 -0.31 4.27
N ALA A 59 -5.71 0.38 3.15
CA ALA A 59 -4.62 0.79 2.28
C ALA A 59 -4.69 2.29 2.03
N PHE A 60 -3.52 2.89 1.88
CA PHE A 60 -3.44 4.32 1.63
C PHE A 60 -2.35 4.65 0.62
N VAL A 61 -2.12 5.94 0.43
CA VAL A 61 -1.10 6.39 -0.51
C VAL A 61 -0.44 7.64 0.04
N ARG A 62 0.87 7.70 -0.13
CA ARG A 62 1.65 8.85 0.34
C ARG A 62 2.90 9.02 -0.51
N PRO A 63 2.99 10.21 -1.17
CA PRO A 63 4.13 10.52 -2.01
C PRO A 63 5.36 10.86 -1.16
N SER A 64 6.34 9.96 -1.21
CA SER A 64 7.56 10.16 -0.45
C SER A 64 8.52 8.99 -0.71
N GLY A 65 9.81 9.28 -0.60
CA GLY A 65 10.83 8.27 -0.82
C GLY A 65 12.23 8.89 -0.74
N THR A 66 12.57 9.64 -1.77
CA THR A 66 13.87 10.29 -1.84
C THR A 66 13.98 11.15 -3.09
N GLU A 67 13.47 10.61 -4.19
CA GLU A 67 13.50 11.33 -5.46
C GLU A 67 12.09 11.47 -6.02
N ASP A 68 11.67 10.45 -6.76
CA ASP A 68 10.35 10.45 -7.36
C ASP A 68 9.65 9.13 -7.03
N ILE A 69 10.21 8.42 -6.07
CA ILE A 69 9.65 7.15 -5.66
C ILE A 69 8.49 7.40 -4.69
N VAL A 70 7.54 6.47 -4.71
CA VAL A 70 6.38 6.57 -3.85
C VAL A 70 6.31 5.36 -2.93
N ARG A 71 5.69 5.55 -1.77
CA ARG A 71 5.56 4.48 -0.80
C ARG A 71 4.09 4.13 -0.60
N VAL A 72 3.79 2.85 -0.77
CA VAL A 72 2.43 2.37 -0.60
C VAL A 72 2.21 1.94 0.85
N TYR A 73 1.12 2.43 1.42
CA TYR A 73 0.78 2.10 2.79
C TYR A 73 -0.33 1.06 2.86
N ALA A 74 -0.20 0.15 3.82
CA ALA A 74 -1.20 -0.89 4.00
C ALA A 74 -0.96 -1.60 5.33
N GLU A 75 -2.05 -2.04 5.93
CA GLU A 75 -1.96 -2.73 7.21
C GLU A 75 -3.04 -3.81 7.30
N ALA A 76 -2.97 -4.60 8.37
CA ALA A 76 -3.92 -5.67 8.58
C ALA A 76 -3.84 -6.14 10.03
N ASN A 77 -4.91 -6.78 10.48
CA ASN A 77 -4.96 -7.29 11.84
C ASN A 77 -3.91 -8.38 12.01
N SER A 78 -3.46 -8.92 10.88
CA SER A 78 -2.45 -9.96 10.89
C SER A 78 -1.22 -9.51 10.12
N GLN A 79 -0.08 -10.04 10.54
CA GLN A 79 1.19 -9.70 9.91
C GLN A 79 1.27 -10.34 8.52
N GLU A 80 0.49 -11.41 8.35
CA GLU A 80 0.48 -12.13 7.08
C GLU A 80 -0.27 -11.32 6.02
N SER A 81 -1.44 -10.83 6.41
CA SER A 81 -2.26 -10.06 5.51
C SER A 81 -1.65 -8.66 5.32
N ALA A 82 -1.02 -8.19 6.38
CA ALA A 82 -0.39 -6.88 6.35
C ALA A 82 0.49 -6.77 5.10
N ASP A 83 1.42 -7.71 4.99
CA ASP A 83 2.33 -7.74 3.86
C ASP A 83 1.54 -8.06 2.58
N ARG A 84 0.70 -9.08 2.69
CA ARG A 84 -0.12 -9.50 1.56
C ARG A 84 -0.76 -8.28 0.89
N LEU A 85 -1.61 -7.61 1.65
CA LEU A 85 -2.29 -6.43 1.14
C LEU A 85 -1.26 -5.46 0.57
N ALA A 86 -0.36 -5.02 1.43
CA ALA A 86 0.68 -4.08 1.03
C ALA A 86 1.23 -4.51 -0.33
N TYR A 87 1.88 -5.67 -0.33
CA TYR A 87 2.46 -6.21 -1.55
C TYR A 87 1.47 -6.12 -2.72
N GLU A 88 0.30 -6.71 -2.51
CA GLU A 88 -0.73 -6.69 -3.53
C GLU A 88 -0.96 -5.28 -4.05
N VAL A 89 -1.27 -4.39 -3.12
CA VAL A 89 -1.51 -2.99 -3.47
C VAL A 89 -0.34 -2.47 -4.31
N SER A 90 0.81 -2.41 -3.67
CA SER A 90 2.02 -1.93 -4.33
C SER A 90 2.06 -2.45 -5.77
N LEU A 91 1.78 -3.74 -5.90
CA LEU A 91 1.79 -4.37 -7.22
C LEU A 91 0.63 -3.82 -8.05
N LEU A 92 -0.53 -3.72 -7.41
CA LEU A 92 -1.72 -3.21 -8.08
C LEU A 92 -1.36 -1.89 -8.78
N VAL A 93 -0.75 -1.00 -8.02
CA VAL A 93 -0.35 0.30 -8.54
C VAL A 93 0.65 0.10 -9.69
N PHE A 94 1.80 -0.43 -9.33
CA PHE A 94 2.85 -0.67 -10.30
C PHE A 94 2.26 -1.17 -11.63
N GLN A 95 1.24 -2.00 -11.50
CA GLN A 95 0.57 -2.56 -12.68
C GLN A 95 -0.37 -1.52 -13.29
N LEU A 96 -1.24 -0.99 -12.45
CA LEU A 96 -2.20 0.00 -12.90
C LEU A 96 -1.44 1.21 -13.46
N ALA A 97 -0.85 1.98 -12.56
CA ALA A 97 -0.10 3.16 -12.96
C ALA A 97 0.91 2.77 -14.04
N GLY A 98 1.60 1.68 -13.79
CA GLY A 98 2.60 1.19 -14.73
C GLY A 98 4.01 1.57 -14.27
N GLY A 99 4.31 1.21 -13.03
CA GLY A 99 5.62 1.52 -12.47
C GLY A 99 6.73 1.32 -13.50
N ILE A 100 7.80 2.06 -13.33
CA ILE A 100 8.93 1.98 -14.24
C ILE A 100 10.01 1.10 -13.63
N GLY A 101 10.77 0.45 -14.50
CA GLY A 101 11.84 -0.42 -14.06
C GLY A 101 11.36 -1.87 -13.99
N GLU A 102 11.97 -2.62 -13.08
CA GLU A 102 11.62 -4.02 -12.90
C GLU A 102 10.44 -4.15 -11.93
N ARG A 103 9.71 -5.25 -12.08
CA ARG A 103 8.57 -5.51 -11.22
C ARG A 103 9.04 -5.93 -9.82
N PRO A 104 8.17 -5.62 -8.81
CA PRO A 104 8.48 -5.95 -7.43
C PRO A 104 8.30 -7.45 -7.18
N GLN A 105 9.26 -8.03 -6.48
CA GLN A 105 9.22 -9.44 -6.17
C GLN A 105 9.62 -9.68 -4.71
N PRO A 106 9.15 -10.82 -4.16
CA PRO A 106 9.45 -11.18 -2.79
C PRO A 106 10.90 -11.66 -2.65
N SER A 107 11.35 -11.75 -1.41
CA SER A 107 12.70 -12.19 -1.12
C SER A 107 12.73 -13.71 -0.92
N GLY A 108 11.81 -14.16 -0.07
CA GLY A 108 11.72 -15.58 0.24
C GLY A 108 10.59 -15.85 1.23
N PRO A 109 9.47 -16.42 0.70
CA PRO A 109 8.32 -16.74 1.52
C PRO A 109 8.58 -17.98 2.38
N SER A 110 7.70 -18.19 3.34
CA SER A 110 7.84 -19.33 4.24
C SER A 110 7.03 -20.50 3.70
N SER A 111 5.72 -20.30 3.63
CA SER A 111 4.83 -21.34 3.13
C SER A 111 3.44 -20.76 2.87
N GLY A 112 2.61 -21.55 2.20
CA GLY A 112 1.26 -21.12 1.88
C GLY A 112 0.25 -21.68 2.89
N GLY A 1 6.59 -22.56 36.66
CA GLY A 1 6.36 -21.13 36.72
C GLY A 1 7.60 -20.39 37.24
N SER A 2 7.91 -19.28 36.60
CA SER A 2 9.06 -18.48 36.98
C SER A 2 9.05 -17.14 36.23
N SER A 3 9.97 -16.27 36.62
CA SER A 3 10.07 -14.96 36.01
C SER A 3 8.88 -14.10 36.42
N GLY A 4 7.69 -14.57 36.07
CA GLY A 4 6.47 -13.85 36.39
C GLY A 4 6.40 -12.52 35.64
N SER A 5 5.54 -11.65 36.12
CA SER A 5 5.36 -10.34 35.51
C SER A 5 4.91 -10.50 34.06
N SER A 6 4.22 -9.48 33.57
CA SER A 6 3.72 -9.49 32.20
C SER A 6 3.96 -8.13 31.55
N GLY A 7 3.60 -7.09 32.27
CA GLY A 7 3.78 -5.73 31.77
C GLY A 7 2.90 -5.49 30.55
N ALA A 8 3.02 -4.29 29.99
CA ALA A 8 2.25 -3.92 28.82
C ALA A 8 2.67 -4.79 27.64
N ILE A 9 1.77 -4.88 26.67
CA ILE A 9 2.04 -5.68 25.48
C ILE A 9 3.11 -5.00 24.64
N TYR A 10 3.88 -5.82 23.93
CA TYR A 10 4.94 -5.30 23.10
C TYR A 10 4.73 -5.71 21.64
N VAL A 11 3.50 -5.59 21.19
CA VAL A 11 3.15 -5.94 19.82
C VAL A 11 1.67 -5.62 19.57
N ASP A 12 1.44 -4.77 18.58
CA ASP A 12 0.09 -4.37 18.23
C ASP A 12 -0.24 -4.88 16.83
N LEU A 13 -1.02 -4.08 16.11
CA LEU A 13 -1.40 -4.43 14.76
C LEU A 13 -0.20 -4.29 13.83
N PRO A 14 -0.01 -5.33 12.98
CA PRO A 14 1.10 -5.34 12.03
C PRO A 14 0.84 -4.38 10.87
N ASN A 15 1.93 -3.86 10.32
CA ASN A 15 1.83 -2.92 9.21
C ASN A 15 3.03 -3.13 8.27
N ARG A 16 2.83 -2.72 7.03
CA ARG A 16 3.88 -2.86 6.02
C ARG A 16 3.80 -1.71 5.02
N GLN A 17 4.96 -1.19 4.68
CA GLN A 17 5.03 -0.09 3.72
C GLN A 17 5.96 -0.46 2.56
N LEU A 18 5.58 -0.01 1.37
CA LEU A 18 6.36 -0.28 0.18
C LEU A 18 6.40 0.97 -0.70
N LYS A 19 7.43 1.04 -1.53
CA LYS A 19 7.59 2.17 -2.42
C LYS A 19 7.63 1.67 -3.87
N VAL A 20 6.86 2.35 -4.71
CA VAL A 20 6.78 1.99 -6.12
C VAL A 20 7.55 3.02 -6.94
N LYS A 21 8.55 2.52 -7.66
CA LYS A 21 9.36 3.38 -8.50
C LYS A 21 8.62 3.68 -9.81
N VAL A 22 7.73 4.66 -9.73
CA VAL A 22 6.95 5.05 -10.89
C VAL A 22 7.84 5.83 -11.86
N ALA A 23 7.21 6.34 -12.91
CA ALA A 23 7.92 7.11 -13.92
C ALA A 23 7.33 8.51 -14.01
N ASP A 24 6.00 8.55 -14.04
CA ASP A 24 5.29 9.81 -14.13
C ASP A 24 5.90 10.65 -15.26
N ARG A 25 5.27 10.54 -16.43
CA ARG A 25 5.73 11.28 -17.58
C ARG A 25 5.07 12.66 -17.64
N ARG A 26 5.74 13.63 -17.05
CA ARG A 26 5.23 14.99 -17.02
C ARG A 26 4.57 15.33 -18.36
N VAL A 27 3.25 15.20 -18.39
CA VAL A 27 2.50 15.49 -19.60
C VAL A 27 1.80 16.84 -19.43
N ILE A 28 1.89 17.65 -20.49
CA ILE A 28 1.27 18.96 -20.47
C ILE A 28 -0.21 18.83 -20.83
N SER A 29 -0.93 19.93 -20.69
CA SER A 29 -2.34 19.95 -21.00
C SER A 29 -3.15 19.41 -19.81
N THR A 30 -2.97 18.12 -19.56
CA THR A 30 -3.67 17.48 -18.46
C THR A 30 -5.13 17.93 -18.41
N THR A 31 -5.70 18.11 -19.59
CA THR A 31 -7.08 18.54 -19.70
C THR A 31 -7.98 17.34 -20.01
N ASP A 32 -9.28 17.56 -19.83
CA ASP A 32 -10.26 16.52 -20.08
C ASP A 32 -9.89 15.27 -19.27
N ALA A 33 -10.77 14.28 -19.33
CA ALA A 33 -10.54 13.03 -18.62
C ALA A 33 -10.51 13.31 -17.11
N GLU A 34 -11.70 13.40 -16.54
CA GLU A 34 -11.83 13.67 -15.12
C GLU A 34 -13.31 13.68 -14.71
N ARG A 35 -13.70 12.64 -13.99
CA ARG A 35 -15.08 12.52 -13.53
C ARG A 35 -15.17 12.84 -12.03
N GLN A 36 -16.30 12.48 -11.46
CA GLN A 36 -16.52 12.73 -10.04
C GLN A 36 -15.81 11.67 -9.20
N ALA A 37 -15.22 10.70 -9.89
CA ALA A 37 -14.50 9.63 -9.22
C ALA A 37 -13.01 9.92 -9.29
N VAL A 38 -12.39 9.96 -8.12
CA VAL A 38 -10.96 10.22 -8.03
C VAL A 38 -10.20 9.08 -8.70
N THR A 39 -9.38 9.46 -9.68
CA THR A 39 -8.59 8.48 -10.41
C THR A 39 -7.44 7.97 -9.54
N PRO A 40 -6.95 6.75 -9.90
CA PRO A 40 -7.50 6.03 -11.03
C PRO A 40 -8.86 5.42 -10.69
N PRO A 41 -9.76 5.40 -11.70
CA PRO A 41 -11.10 4.85 -11.51
C PRO A 41 -11.05 3.32 -11.48
N GLY A 42 -11.01 2.79 -10.27
CA GLY A 42 -10.96 1.34 -10.09
C GLY A 42 -10.04 0.96 -8.93
N LEU A 43 -8.79 1.38 -9.06
CA LEU A 43 -7.80 1.08 -8.04
C LEU A 43 -8.43 1.24 -6.66
N GLN A 44 -8.91 2.45 -6.39
CA GLN A 44 -9.54 2.73 -5.12
C GLN A 44 -10.63 1.70 -4.81
N GLU A 45 -11.36 1.34 -5.85
CA GLU A 45 -12.43 0.37 -5.70
C GLU A 45 -11.84 -1.02 -5.42
N ALA A 46 -11.10 -1.52 -6.41
CA ALA A 46 -10.49 -2.83 -6.28
C ALA A 46 -9.94 -3.00 -4.86
N ILE A 47 -8.99 -2.13 -4.52
CA ILE A 47 -8.38 -2.17 -3.21
C ILE A 47 -9.48 -2.11 -2.13
N ASN A 48 -10.37 -1.15 -2.31
CA ASN A 48 -11.48 -0.96 -1.38
C ASN A 48 -12.22 -2.29 -1.22
N ASP A 49 -12.28 -3.04 -2.31
CA ASP A 49 -12.97 -4.32 -2.30
C ASP A 49 -12.07 -5.37 -1.62
N LEU A 50 -10.77 -5.16 -1.74
CA LEU A 50 -9.81 -6.08 -1.14
C LEU A 50 -9.76 -5.83 0.37
N VAL A 51 -9.68 -4.55 0.72
CA VAL A 51 -9.62 -4.16 2.13
C VAL A 51 -10.73 -4.89 2.89
N LYS A 52 -11.79 -5.21 2.17
CA LYS A 52 -12.92 -5.91 2.78
C LYS A 52 -12.62 -7.41 2.83
N LYS A 53 -11.92 -7.88 1.80
CA LYS A 53 -11.57 -9.29 1.71
C LYS A 53 -10.78 -9.68 2.98
N TYR A 54 -9.89 -8.79 3.38
CA TYR A 54 -9.08 -9.04 4.56
C TYR A 54 -9.74 -8.46 5.81
N THR A 55 -9.33 -8.99 6.96
CA THR A 55 -9.88 -8.55 8.23
C THR A 55 -9.19 -7.26 8.67
N LEU A 56 -10.01 -6.27 9.01
CA LEU A 56 -9.50 -4.99 9.44
C LEU A 56 -8.30 -4.60 8.59
N ALA A 57 -8.57 -4.39 7.30
CA ALA A 57 -7.53 -4.01 6.37
C ALA A 57 -7.67 -2.53 6.02
N ARG A 58 -6.59 -1.96 5.50
CA ARG A 58 -6.58 -0.57 5.12
C ARG A 58 -5.36 -0.25 4.26
N ALA A 59 -5.62 0.31 3.09
CA ALA A 59 -4.56 0.66 2.16
C ALA A 59 -4.60 2.17 1.90
N PHE A 60 -3.44 2.70 1.54
CA PHE A 60 -3.33 4.12 1.26
C PHE A 60 -2.13 4.41 0.35
N VAL A 61 -2.08 5.63 -0.14
CA VAL A 61 -0.99 6.05 -1.02
C VAL A 61 -0.67 7.52 -0.77
N ARG A 62 0.61 7.84 -0.87
CA ARG A 62 1.06 9.21 -0.66
C ARG A 62 2.24 9.53 -1.57
N PRO A 63 2.00 10.47 -2.53
CA PRO A 63 3.03 10.87 -3.46
C PRO A 63 4.06 11.78 -2.79
N SER A 64 5.22 11.87 -3.43
CA SER A 64 6.29 12.69 -2.90
C SER A 64 6.00 14.17 -3.16
N GLY A 65 7.03 14.98 -3.00
CA GLY A 65 6.90 16.42 -3.21
C GLY A 65 6.20 16.70 -4.55
N THR A 66 6.79 16.16 -5.61
CA THR A 66 6.25 16.36 -6.94
C THR A 66 6.01 15.01 -7.62
N GLU A 67 7.10 14.34 -7.96
CA GLU A 67 7.01 13.05 -8.61
C GLU A 67 8.34 12.30 -8.46
N ASP A 68 8.30 11.25 -7.66
CA ASP A 68 9.49 10.44 -7.43
C ASP A 68 9.13 9.29 -6.47
N ILE A 69 8.73 8.17 -7.07
CA ILE A 69 8.37 7.00 -6.30
C ILE A 69 7.01 7.24 -5.63
N VAL A 70 6.27 6.15 -5.46
CA VAL A 70 4.96 6.23 -4.84
C VAL A 70 4.94 5.35 -3.59
N ARG A 71 4.76 6.00 -2.45
CA ARG A 71 4.72 5.29 -1.18
C ARG A 71 3.39 4.56 -1.04
N VAL A 72 3.49 3.26 -0.80
CA VAL A 72 2.30 2.44 -0.62
C VAL A 72 2.12 2.11 0.86
N TYR A 73 0.87 2.16 1.30
CA TYR A 73 0.55 1.88 2.68
C TYR A 73 -0.53 0.80 2.79
N ALA A 74 -0.29 -0.15 3.69
CA ALA A 74 -1.24 -1.24 3.89
C ALA A 74 -1.10 -1.76 5.32
N GLU A 75 -2.25 -1.99 5.93
CA GLU A 75 -2.29 -2.49 7.30
C GLU A 75 -3.44 -3.48 7.48
N ALA A 76 -3.10 -4.64 8.03
CA ALA A 76 -4.09 -5.68 8.25
C ALA A 76 -4.07 -6.08 9.73
N ASN A 77 -4.95 -7.01 10.08
CA ASN A 77 -5.04 -7.49 11.44
C ASN A 77 -4.04 -8.62 11.65
N SER A 78 -3.69 -9.27 10.56
CA SER A 78 -2.74 -10.37 10.60
C SER A 78 -1.45 -9.97 9.88
N GLN A 79 -0.34 -10.38 10.47
CA GLN A 79 0.96 -10.08 9.89
C GLN A 79 1.03 -10.59 8.46
N GLU A 80 0.33 -11.68 8.21
CA GLU A 80 0.31 -12.27 6.88
C GLU A 80 -0.43 -11.35 5.90
N SER A 81 -1.64 -10.98 6.29
CA SER A 81 -2.46 -10.10 5.45
C SER A 81 -1.76 -8.76 5.28
N ALA A 82 -1.14 -8.29 6.35
CA ALA A 82 -0.44 -7.02 6.31
C ALA A 82 0.52 -7.01 5.12
N ASP A 83 1.25 -8.10 4.97
CA ASP A 83 2.20 -8.22 3.87
C ASP A 83 1.44 -8.57 2.59
N ARG A 84 0.59 -9.58 2.71
CA ARG A 84 -0.20 -10.03 1.56
C ARG A 84 -0.83 -8.82 0.86
N LEU A 85 -1.57 -8.04 1.63
CA LEU A 85 -2.23 -6.86 1.08
C LEU A 85 -1.17 -5.91 0.53
N ALA A 86 -0.30 -5.46 1.41
CA ALA A 86 0.76 -4.54 1.02
C ALA A 86 1.36 -5.00 -0.31
N TYR A 87 1.74 -6.27 -0.35
CA TYR A 87 2.32 -6.84 -1.55
C TYR A 87 1.41 -6.62 -2.76
N GLU A 88 0.13 -6.90 -2.55
CA GLU A 88 -0.85 -6.74 -3.61
C GLU A 88 -0.93 -5.27 -4.05
N VAL A 89 -1.35 -4.43 -3.13
CA VAL A 89 -1.47 -3.01 -3.41
C VAL A 89 -0.27 -2.56 -4.25
N SER A 90 0.91 -2.70 -3.67
CA SER A 90 2.14 -2.31 -4.37
C SER A 90 2.07 -2.76 -5.83
N LEU A 91 1.67 -4.01 -6.01
CA LEU A 91 1.57 -4.57 -7.36
C LEU A 91 0.44 -3.87 -8.11
N LEU A 92 -0.71 -3.81 -7.45
CA LEU A 92 -1.88 -3.16 -8.04
C LEU A 92 -1.46 -1.83 -8.66
N VAL A 93 -0.67 -1.09 -7.90
CA VAL A 93 -0.19 0.20 -8.36
C VAL A 93 0.78 0.00 -9.52
N PHE A 94 1.90 -0.64 -9.22
CA PHE A 94 2.91 -0.90 -10.22
C PHE A 94 2.28 -1.25 -11.56
N GLN A 95 1.22 -2.06 -11.50
CA GLN A 95 0.53 -2.47 -12.70
C GLN A 95 -0.43 -1.37 -13.16
N LEU A 96 -1.31 -0.97 -12.25
CA LEU A 96 -2.28 0.07 -12.55
C LEU A 96 -1.55 1.30 -13.08
N ALA A 97 -0.80 1.92 -12.19
CA ALA A 97 -0.04 3.12 -12.56
C ALA A 97 0.89 2.79 -13.71
N GLY A 98 1.87 1.95 -13.43
CA GLY A 98 2.84 1.54 -14.43
C GLY A 98 4.27 1.74 -13.92
N GLY A 99 4.56 1.11 -12.80
CA GLY A 99 5.88 1.20 -12.21
C GLY A 99 6.97 1.01 -13.26
N ILE A 100 8.18 1.40 -12.89
CA ILE A 100 9.32 1.28 -13.79
C ILE A 100 10.55 0.82 -13.00
N GLY A 101 11.43 0.13 -13.69
CA GLY A 101 12.65 -0.36 -13.07
C GLY A 101 12.33 -1.14 -11.79
N GLU A 102 13.07 -0.81 -10.73
CA GLU A 102 12.88 -1.45 -9.45
C GLU A 102 11.38 -1.65 -9.17
N ARG A 103 11.03 -2.86 -8.77
CA ARG A 103 9.65 -3.17 -8.46
C ARG A 103 9.57 -4.30 -7.43
N PRO A 104 8.39 -4.41 -6.77
CA PRO A 104 8.19 -5.43 -5.77
C PRO A 104 7.98 -6.80 -6.41
N GLN A 105 8.63 -7.80 -5.84
CA GLN A 105 8.53 -9.15 -6.35
C GLN A 105 8.24 -10.13 -5.21
N PRO A 106 7.56 -11.25 -5.58
CA PRO A 106 7.21 -12.27 -4.59
C PRO A 106 8.43 -13.10 -4.21
N SER A 107 8.43 -13.54 -2.96
CA SER A 107 9.53 -14.35 -2.46
C SER A 107 9.44 -15.77 -3.02
N GLY A 108 10.56 -16.22 -3.58
CA GLY A 108 10.61 -17.56 -4.16
C GLY A 108 10.39 -18.63 -3.09
N PRO A 109 9.33 -19.44 -3.30
CA PRO A 109 8.99 -20.51 -2.38
C PRO A 109 9.97 -21.68 -2.50
N SER A 110 9.89 -22.59 -1.54
CA SER A 110 10.76 -23.75 -1.53
C SER A 110 10.32 -24.73 -0.45
N SER A 111 10.43 -26.01 -0.76
CA SER A 111 10.05 -27.05 0.17
C SER A 111 8.55 -26.94 0.49
N GLY A 112 8.00 -28.05 0.97
CA GLY A 112 6.59 -28.09 1.31
C GLY A 112 6.14 -26.77 1.95
N GLY A 1 27.23 1.58 35.09
CA GLY A 1 27.01 0.21 34.65
C GLY A 1 25.70 0.09 33.88
N SER A 2 24.61 0.16 34.63
CA SER A 2 23.28 0.05 34.03
C SER A 2 23.12 -1.30 33.34
N SER A 3 21.87 -1.66 33.09
CA SER A 3 21.57 -2.92 32.44
C SER A 3 20.67 -2.68 31.22
N GLY A 4 20.70 -3.64 30.30
CA GLY A 4 19.91 -3.55 29.10
C GLY A 4 18.51 -4.12 29.32
N SER A 5 17.54 -3.22 29.37
CA SER A 5 16.15 -3.62 29.58
C SER A 5 15.33 -3.31 28.34
N SER A 6 14.57 -4.31 27.90
CA SER A 6 13.74 -4.16 26.71
C SER A 6 12.45 -3.44 27.09
N GLY A 7 12.50 -2.11 26.99
CA GLY A 7 11.35 -1.28 27.31
C GLY A 7 10.41 -1.17 26.11
N ALA A 8 9.81 -2.29 25.75
CA ALA A 8 8.89 -2.34 24.62
C ALA A 8 7.58 -2.99 25.06
N ILE A 9 6.59 -2.92 24.18
CA ILE A 9 5.29 -3.50 24.47
C ILE A 9 5.22 -4.91 23.86
N TYR A 10 4.18 -5.63 24.25
CA TYR A 10 3.99 -6.98 23.76
C TYR A 10 2.73 -7.07 22.90
N VAL A 11 2.59 -6.09 22.01
CA VAL A 11 1.44 -6.05 21.12
C VAL A 11 1.58 -4.87 20.17
N ASP A 12 1.63 -5.19 18.88
CA ASP A 12 1.76 -4.16 17.86
C ASP A 12 1.27 -4.71 16.52
N LEU A 13 0.10 -4.23 16.11
CA LEU A 13 -0.48 -4.67 14.86
C LEU A 13 0.59 -4.64 13.76
N PRO A 14 0.40 -5.53 12.75
CA PRO A 14 1.34 -5.61 11.64
C PRO A 14 1.16 -4.42 10.69
N ASN A 15 2.22 -4.12 9.96
CA ASN A 15 2.19 -3.02 9.00
C ASN A 15 3.32 -3.21 7.99
N ARG A 16 3.06 -2.73 6.77
CA ARG A 16 4.04 -2.84 5.71
C ARG A 16 3.90 -1.66 4.74
N GLN A 17 5.03 -1.04 4.44
CA GLN A 17 5.05 0.09 3.52
C GLN A 17 6.08 -0.12 2.42
N LEU A 18 5.68 0.21 1.21
CA LEU A 18 6.56 0.06 0.06
C LEU A 18 6.57 1.36 -0.75
N LYS A 19 7.54 1.45 -1.64
CA LYS A 19 7.69 2.64 -2.47
C LYS A 19 7.85 2.21 -3.93
N VAL A 20 6.78 2.42 -4.70
CA VAL A 20 6.79 2.06 -6.11
C VAL A 20 7.41 3.21 -6.91
N LYS A 21 8.73 3.18 -7.01
CA LYS A 21 9.46 4.21 -7.74
C LYS A 21 8.96 4.23 -9.19
N VAL A 22 7.90 5.01 -9.42
CA VAL A 22 7.33 5.12 -10.74
C VAL A 22 8.39 5.67 -11.71
N ALA A 23 7.93 6.09 -12.88
CA ALA A 23 8.82 6.62 -13.89
C ALA A 23 8.41 8.07 -14.19
N ASP A 24 7.19 8.21 -14.68
CA ASP A 24 6.66 9.52 -15.02
C ASP A 24 7.27 9.97 -16.35
N ARG A 25 8.59 10.06 -16.36
CA ARG A 25 9.31 10.48 -17.56
C ARG A 25 8.52 11.56 -18.29
N ARG A 26 8.77 11.65 -19.59
CA ARG A 26 8.09 12.62 -20.42
C ARG A 26 6.60 12.31 -20.53
N VAL A 27 5.79 13.35 -20.55
CA VAL A 27 4.36 13.19 -20.65
C VAL A 27 3.76 14.40 -21.36
N ILE A 28 4.14 15.58 -20.88
CA ILE A 28 3.65 16.82 -21.47
C ILE A 28 4.56 17.97 -21.05
N SER A 29 4.77 18.07 -19.74
CA SER A 29 5.62 19.11 -19.19
C SER A 29 5.41 19.22 -17.68
N THR A 30 4.17 19.48 -17.30
CA THR A 30 3.82 19.61 -15.89
C THR A 30 4.17 21.00 -15.38
N THR A 31 3.41 21.44 -14.38
CA THR A 31 3.64 22.75 -13.80
C THR A 31 2.71 22.96 -12.59
N ASP A 32 3.33 23.36 -11.48
CA ASP A 32 2.58 23.59 -10.26
C ASP A 32 2.05 22.26 -9.73
N ALA A 33 1.59 22.29 -8.48
CA ALA A 33 1.07 21.10 -7.85
C ALA A 33 -0.14 20.60 -8.63
N GLU A 34 -0.87 19.67 -8.02
CA GLU A 34 -2.04 19.10 -8.67
C GLU A 34 -3.03 18.60 -7.60
N ARG A 35 -2.53 17.70 -6.76
CA ARG A 35 -3.35 17.14 -5.70
C ARG A 35 -4.73 16.77 -6.25
N GLN A 36 -5.64 16.49 -5.32
CA GLN A 36 -6.99 16.12 -5.68
C GLN A 36 -6.98 15.21 -6.91
N ALA A 37 -6.46 14.00 -6.70
CA ALA A 37 -6.38 13.03 -7.77
C ALA A 37 -7.32 11.86 -7.45
N VAL A 38 -8.03 11.42 -8.49
CA VAL A 38 -8.95 10.31 -8.34
C VAL A 38 -8.39 9.07 -9.05
N THR A 39 -8.35 9.17 -10.37
CA THR A 39 -7.84 8.07 -11.18
C THR A 39 -6.64 7.41 -10.50
N PRO A 40 -6.43 6.11 -10.83
CA PRO A 40 -7.30 5.43 -11.78
C PRO A 40 -8.64 5.09 -11.14
N PRO A 41 -9.72 5.24 -11.95
CA PRO A 41 -11.06 4.94 -11.47
C PRO A 41 -11.30 3.43 -11.40
N GLY A 42 -10.50 2.79 -10.57
CA GLY A 42 -10.60 1.35 -10.39
C GLY A 42 -9.71 0.86 -9.25
N LEU A 43 -8.42 1.11 -9.40
CA LEU A 43 -7.45 0.70 -8.40
C LEU A 43 -8.04 0.94 -7.00
N GLN A 44 -8.28 2.22 -6.72
CA GLN A 44 -8.84 2.59 -5.43
C GLN A 44 -10.06 1.74 -5.11
N GLU A 45 -10.89 1.54 -6.11
CA GLU A 45 -12.09 0.73 -5.95
C GLU A 45 -11.73 -0.71 -5.61
N ALA A 46 -10.92 -1.30 -6.49
CA ALA A 46 -10.48 -2.67 -6.29
C ALA A 46 -9.97 -2.85 -4.86
N ILE A 47 -8.88 -2.15 -4.56
CA ILE A 47 -8.29 -2.22 -3.24
C ILE A 47 -9.37 -1.95 -2.18
N ASN A 48 -10.07 -0.84 -2.38
CA ASN A 48 -11.12 -0.46 -1.46
C ASN A 48 -11.97 -1.68 -1.12
N ASP A 49 -12.04 -2.60 -2.07
CA ASP A 49 -12.81 -3.81 -1.88
C ASP A 49 -11.95 -4.85 -1.16
N LEU A 50 -10.71 -4.97 -1.61
CA LEU A 50 -9.78 -5.91 -1.02
C LEU A 50 -9.58 -5.57 0.46
N VAL A 51 -9.96 -4.35 0.80
CA VAL A 51 -9.84 -3.88 2.18
C VAL A 51 -10.99 -4.44 3.01
N LYS A 52 -12.10 -4.72 2.33
CA LYS A 52 -13.26 -5.26 2.99
C LYS A 52 -13.30 -6.77 2.79
N LYS A 53 -12.82 -7.21 1.64
CA LYS A 53 -12.79 -8.62 1.31
C LYS A 53 -11.90 -9.35 2.33
N TYR A 54 -11.05 -8.58 2.97
CA TYR A 54 -10.14 -9.14 3.97
C TYR A 54 -10.66 -8.90 5.38
N THR A 55 -9.86 -9.32 6.36
CA THR A 55 -10.23 -9.15 7.75
C THR A 55 -9.44 -8.00 8.38
N LEU A 56 -10.19 -7.01 8.83
CA LEU A 56 -9.57 -5.84 9.46
C LEU A 56 -8.38 -5.40 8.62
N ALA A 57 -8.64 -5.17 7.33
CA ALA A 57 -7.59 -4.75 6.42
C ALA A 57 -7.65 -3.22 6.26
N ARG A 58 -6.55 -2.66 5.78
CA ARG A 58 -6.46 -1.24 5.58
C ARG A 58 -5.23 -0.88 4.75
N ALA A 59 -5.46 -0.16 3.67
CA ALA A 59 -4.39 0.24 2.78
C ALA A 59 -4.59 1.69 2.35
N PHE A 60 -3.51 2.31 1.91
CA PHE A 60 -3.56 3.69 1.46
C PHE A 60 -2.35 4.03 0.59
N VAL A 61 -2.43 5.20 -0.05
CA VAL A 61 -1.35 5.65 -0.90
C VAL A 61 -1.28 7.18 -0.87
N ARG A 62 -0.08 7.69 -1.07
CA ARG A 62 0.14 9.13 -1.06
C ARG A 62 1.34 9.49 -1.94
N PRO A 63 1.06 10.29 -2.99
CA PRO A 63 2.10 10.73 -3.91
C PRO A 63 2.98 11.81 -3.27
N SER A 64 3.82 12.41 -4.11
CA SER A 64 4.73 13.44 -3.64
C SER A 64 4.96 14.47 -4.75
N GLY A 65 5.81 15.44 -4.45
CA GLY A 65 6.14 16.48 -5.40
C GLY A 65 7.31 16.06 -6.29
N THR A 66 8.47 16.61 -5.99
CA THR A 66 9.67 16.30 -6.75
C THR A 66 9.95 14.81 -6.72
N GLU A 67 10.00 14.27 -5.51
CA GLU A 67 10.27 12.86 -5.32
C GLU A 67 9.54 12.04 -6.39
N ASP A 68 8.25 12.34 -6.53
CA ASP A 68 7.43 11.64 -7.51
C ASP A 68 7.43 10.15 -7.19
N ILE A 69 7.18 9.84 -5.93
CA ILE A 69 7.14 8.46 -5.49
C ILE A 69 5.77 8.16 -4.89
N VAL A 70 5.35 6.90 -5.05
CA VAL A 70 4.07 6.47 -4.54
C VAL A 70 4.28 5.61 -3.29
N ARG A 71 4.16 6.25 -2.14
CA ARG A 71 4.34 5.56 -0.88
C ARG A 71 3.14 4.66 -0.59
N VAL A 72 3.42 3.38 -0.41
CA VAL A 72 2.38 2.40 -0.13
C VAL A 72 2.41 2.05 1.35
N TYR A 73 1.23 1.82 1.90
CA TYR A 73 1.10 1.47 3.31
C TYR A 73 -0.19 0.69 3.57
N ALA A 74 -0.05 -0.44 4.23
CA ALA A 74 -1.19 -1.28 4.55
C ALA A 74 -1.01 -1.88 5.94
N GLU A 75 -2.12 -2.32 6.52
CA GLU A 75 -2.09 -2.90 7.85
C GLU A 75 -3.34 -3.78 8.06
N ALA A 76 -3.09 -5.03 8.44
CA ALA A 76 -4.16 -5.97 8.68
C ALA A 76 -4.07 -6.48 10.12
N ASN A 77 -5.10 -7.21 10.52
CA ASN A 77 -5.16 -7.76 11.86
C ASN A 77 -4.16 -8.92 11.96
N SER A 78 -3.68 -9.36 10.80
CA SER A 78 -2.73 -10.45 10.76
C SER A 78 -1.49 -10.03 9.97
N GLN A 79 -0.33 -10.43 10.47
CA GLN A 79 0.93 -10.09 9.82
C GLN A 79 1.01 -10.78 8.45
N GLU A 80 0.08 -11.68 8.22
CA GLU A 80 0.04 -12.41 6.96
C GLU A 80 -0.54 -11.51 5.86
N SER A 81 -1.76 -11.06 6.09
CA SER A 81 -2.42 -10.20 5.12
C SER A 81 -1.70 -8.84 5.03
N ALA A 82 -1.30 -8.35 6.20
CA ALA A 82 -0.60 -7.08 6.26
C ALA A 82 0.41 -7.00 5.13
N ASP A 83 1.23 -8.03 5.03
CA ASP A 83 2.25 -8.09 4.00
C ASP A 83 1.59 -8.38 2.65
N ARG A 84 0.86 -9.49 2.62
CA ARG A 84 0.17 -9.90 1.40
C ARG A 84 -0.47 -8.69 0.72
N LEU A 85 -1.31 -8.00 1.48
CA LEU A 85 -2.00 -6.83 0.97
C LEU A 85 -0.96 -5.82 0.46
N ALA A 86 -0.10 -5.39 1.38
CA ALA A 86 0.93 -4.42 1.04
C ALA A 86 1.51 -4.77 -0.33
N TYR A 87 1.90 -6.04 -0.47
CA TYR A 87 2.47 -6.50 -1.72
C TYR A 87 1.50 -6.27 -2.89
N GLU A 88 0.45 -7.08 -2.91
CA GLU A 88 -0.55 -6.98 -3.96
C GLU A 88 -0.84 -5.51 -4.27
N VAL A 89 -1.04 -4.74 -3.22
CA VAL A 89 -1.33 -3.32 -3.37
C VAL A 89 -0.24 -2.68 -4.24
N SER A 90 0.96 -2.64 -3.71
CA SER A 90 2.09 -2.07 -4.42
C SER A 90 2.08 -2.53 -5.87
N LEU A 91 2.04 -3.85 -6.05
CA LEU A 91 2.02 -4.44 -7.37
C LEU A 91 0.85 -3.86 -8.17
N LEU A 92 -0.33 -3.94 -7.57
CA LEU A 92 -1.54 -3.43 -8.20
C LEU A 92 -1.24 -2.07 -8.83
N VAL A 93 -0.40 -1.31 -8.15
CA VAL A 93 -0.02 0.01 -8.64
C VAL A 93 0.89 -0.15 -9.86
N PHE A 94 1.83 -1.06 -9.74
CA PHE A 94 2.77 -1.32 -10.83
C PHE A 94 2.03 -1.78 -12.09
N GLN A 95 0.96 -2.51 -11.87
CA GLN A 95 0.16 -3.01 -12.98
C GLN A 95 -0.83 -1.95 -13.46
N LEU A 96 -1.70 -1.54 -12.55
CA LEU A 96 -2.69 -0.52 -12.87
C LEU A 96 -1.98 0.80 -13.15
N ALA A 97 -1.76 1.56 -12.10
CA ALA A 97 -1.10 2.84 -12.22
C ALA A 97 0.03 2.73 -13.25
N GLY A 98 0.88 1.74 -13.05
CA GLY A 98 2.00 1.51 -13.94
C GLY A 98 3.31 1.94 -13.29
N GLY A 99 4.06 0.96 -12.82
CA GLY A 99 5.33 1.23 -12.17
C GLY A 99 6.49 0.64 -12.99
N ILE A 100 7.69 1.01 -12.59
CA ILE A 100 8.89 0.53 -13.27
C ILE A 100 9.60 -0.49 -12.37
N GLY A 101 9.89 -1.64 -12.96
CA GLY A 101 10.57 -2.71 -12.23
C GLY A 101 10.21 -4.07 -12.80
N GLU A 102 9.84 -4.97 -11.90
CA GLU A 102 9.46 -6.32 -12.29
C GLU A 102 8.00 -6.59 -11.94
N ARG A 103 7.49 -7.70 -12.47
CA ARG A 103 6.11 -8.08 -12.21
C ARG A 103 6.06 -9.19 -11.17
N PRO A 104 4.87 -9.32 -10.51
CA PRO A 104 4.67 -10.34 -9.50
C PRO A 104 4.50 -11.72 -10.13
N GLN A 105 4.80 -12.74 -9.34
CA GLN A 105 4.69 -14.11 -9.81
C GLN A 105 3.26 -14.62 -9.62
N PRO A 106 2.87 -15.57 -10.50
CA PRO A 106 1.53 -16.15 -10.44
C PRO A 106 1.42 -17.14 -9.26
N SER A 107 0.28 -17.06 -8.58
CA SER A 107 0.04 -17.93 -7.44
C SER A 107 -1.20 -18.79 -7.71
N GLY A 108 -1.17 -19.99 -7.15
CA GLY A 108 -2.28 -20.92 -7.31
C GLY A 108 -2.19 -22.07 -6.29
N PRO A 109 -3.05 -23.10 -6.52
CA PRO A 109 -3.07 -24.24 -5.63
C PRO A 109 -1.86 -25.15 -5.87
N SER A 110 -1.56 -25.95 -4.86
CA SER A 110 -0.43 -26.87 -4.95
C SER A 110 -0.37 -27.73 -3.69
N SER A 111 -0.24 -29.03 -3.91
CA SER A 111 -0.16 -29.97 -2.80
C SER A 111 -1.40 -29.83 -1.91
N GLY A 112 -1.56 -30.80 -1.01
CA GLY A 112 -2.68 -30.79 -0.09
C GLY A 112 -2.56 -31.92 0.93
N GLY A 1 -6.66 -14.16 41.65
CA GLY A 1 -6.08 -13.71 40.40
C GLY A 1 -5.28 -12.43 40.60
N SER A 2 -4.83 -11.86 39.49
CA SER A 2 -4.04 -10.64 39.54
C SER A 2 -3.66 -10.21 38.13
N SER A 3 -3.12 -9.00 38.03
CA SER A 3 -2.72 -8.46 36.75
C SER A 3 -1.20 -8.61 36.58
N GLY A 4 -0.74 -8.36 35.35
CA GLY A 4 0.67 -8.47 35.05
C GLY A 4 1.26 -7.09 34.73
N SER A 5 2.38 -7.12 34.00
CA SER A 5 3.05 -5.89 33.63
C SER A 5 3.69 -6.04 32.26
N SER A 6 4.17 -4.91 31.73
CA SER A 6 4.81 -4.91 30.42
C SER A 6 5.67 -3.66 30.27
N GLY A 7 6.55 -3.71 29.28
CA GLY A 7 7.45 -2.59 29.02
C GLY A 7 6.67 -1.39 28.48
N ALA A 8 7.19 -0.83 27.39
CA ALA A 8 6.55 0.32 26.76
C ALA A 8 5.52 -0.17 25.74
N ILE A 9 4.27 0.14 26.01
CA ILE A 9 3.19 -0.25 25.13
C ILE A 9 3.16 -1.78 25.01
N TYR A 10 1.98 -2.30 24.74
CA TYR A 10 1.81 -3.73 24.59
C TYR A 10 0.79 -4.07 23.49
N VAL A 11 0.93 -3.34 22.39
CA VAL A 11 0.05 -3.54 21.25
C VAL A 11 0.45 -2.60 20.12
N ASP A 12 0.76 -3.19 18.97
CA ASP A 12 1.16 -2.42 17.82
C ASP A 12 0.76 -3.17 16.54
N LEU A 13 -0.37 -2.76 15.98
CA LEU A 13 -0.88 -3.38 14.77
C LEU A 13 0.24 -3.45 13.73
N PRO A 14 0.28 -4.59 13.00
CA PRO A 14 1.28 -4.80 11.98
C PRO A 14 0.99 -3.97 10.72
N ASN A 15 2.03 -3.72 9.95
CA ASN A 15 1.89 -2.94 8.74
C ASN A 15 3.14 -3.13 7.87
N ARG A 16 2.97 -2.85 6.58
CA ARG A 16 4.07 -2.99 5.64
C ARG A 16 3.93 -1.98 4.50
N GLN A 17 5.05 -1.41 4.11
CA GLN A 17 5.06 -0.43 3.03
C GLN A 17 6.18 -0.75 2.04
N LEU A 18 5.81 -0.83 0.77
CA LEU A 18 6.78 -1.12 -0.28
C LEU A 18 7.13 0.17 -1.01
N LYS A 19 8.07 0.05 -1.94
CA LYS A 19 8.51 1.20 -2.71
C LYS A 19 8.17 0.99 -4.19
N VAL A 20 7.22 1.79 -4.66
CA VAL A 20 6.79 1.69 -6.04
C VAL A 20 7.79 2.45 -6.94
N LYS A 21 8.73 1.69 -7.48
CA LYS A 21 9.74 2.28 -8.35
C LYS A 21 9.07 2.83 -9.61
N VAL A 22 8.88 4.15 -9.60
CA VAL A 22 8.27 4.83 -10.73
C VAL A 22 9.29 5.73 -11.41
N ALA A 23 8.77 6.63 -12.23
CA ALA A 23 9.63 7.57 -12.95
C ALA A 23 9.12 8.99 -12.75
N ASP A 24 7.81 9.14 -12.89
CA ASP A 24 7.18 10.44 -12.74
C ASP A 24 5.67 10.29 -12.87
N ARG A 25 5.01 10.17 -11.74
CA ARG A 25 3.56 10.03 -11.72
C ARG A 25 2.91 11.05 -12.65
N ARG A 26 1.80 10.66 -13.24
CA ARG A 26 1.07 11.52 -14.15
C ARG A 26 -0.37 11.05 -14.31
N VAL A 27 -1.29 11.96 -14.04
CA VAL A 27 -2.71 11.66 -14.14
C VAL A 27 -3.36 12.60 -15.15
N ILE A 28 -3.15 13.89 -14.93
CA ILE A 28 -3.71 14.90 -15.81
C ILE A 28 -3.08 14.77 -17.20
N SER A 29 -3.91 14.96 -18.20
CA SER A 29 -3.45 14.86 -19.59
C SER A 29 -4.37 15.67 -20.50
N THR A 30 -3.82 16.06 -21.64
CA THR A 30 -4.58 16.84 -22.61
C THR A 30 -4.65 16.11 -23.95
N THR A 31 -5.51 15.10 -23.99
CA THR A 31 -5.68 14.32 -25.20
C THR A 31 -6.94 13.47 -25.11
N ASP A 32 -8.07 14.14 -24.90
CA ASP A 32 -9.34 13.45 -24.80
C ASP A 32 -10.45 14.36 -25.32
N ALA A 33 -11.60 13.75 -25.60
CA ALA A 33 -12.73 14.49 -26.11
C ALA A 33 -13.45 15.19 -24.95
N GLU A 34 -13.87 14.37 -23.99
CA GLU A 34 -14.56 14.89 -22.82
C GLU A 34 -14.58 13.83 -21.71
N ARG A 35 -15.41 12.82 -21.91
CA ARG A 35 -15.53 11.75 -20.95
C ARG A 35 -16.16 10.51 -21.59
N GLN A 36 -15.90 9.37 -20.97
CA GLN A 36 -16.43 8.11 -21.48
C GLN A 36 -15.90 6.94 -20.65
N ALA A 37 -14.62 6.67 -20.81
CA ALA A 37 -13.99 5.58 -20.08
C ALA A 37 -12.80 6.13 -19.27
N VAL A 38 -13.11 6.59 -18.08
CA VAL A 38 -12.09 7.14 -17.20
C VAL A 38 -11.46 6.01 -16.37
N THR A 39 -10.38 5.46 -16.90
CA THR A 39 -9.68 4.38 -16.22
C THR A 39 -8.58 4.94 -15.33
N PRO A 40 -8.24 4.13 -14.28
CA PRO A 40 -8.89 2.85 -14.07
C PRO A 40 -10.30 3.04 -13.51
N PRO A 41 -11.21 2.12 -13.92
CA PRO A 41 -12.60 2.17 -13.47
C PRO A 41 -12.72 1.69 -12.02
N GLY A 42 -13.12 2.60 -11.16
CA GLY A 42 -13.29 2.29 -9.75
C GLY A 42 -11.99 1.71 -9.17
N LEU A 43 -10.92 2.48 -9.26
CA LEU A 43 -9.64 2.05 -8.75
C LEU A 43 -9.79 1.60 -7.30
N GLN A 44 -10.29 2.52 -6.48
CA GLN A 44 -10.49 2.23 -5.07
C GLN A 44 -11.32 0.96 -4.90
N GLU A 45 -12.48 0.95 -5.54
CA GLU A 45 -13.37 -0.19 -5.47
C GLU A 45 -12.56 -1.50 -5.48
N ALA A 46 -11.56 -1.52 -6.35
CA ALA A 46 -10.71 -2.69 -6.46
C ALA A 46 -10.13 -3.04 -5.09
N ILE A 47 -9.19 -2.21 -4.66
CA ILE A 47 -8.55 -2.42 -3.37
C ILE A 47 -9.63 -2.51 -2.28
N ASN A 48 -10.55 -1.57 -2.32
CA ASN A 48 -11.64 -1.53 -1.35
C ASN A 48 -12.25 -2.92 -1.23
N ASP A 49 -12.38 -3.58 -2.37
CA ASP A 49 -12.94 -4.92 -2.40
C ASP A 49 -12.00 -5.89 -1.69
N LEU A 50 -10.72 -5.63 -1.85
CA LEU A 50 -9.70 -6.48 -1.23
C LEU A 50 -9.59 -6.13 0.25
N VAL A 51 -9.96 -4.89 0.57
CA VAL A 51 -9.91 -4.42 1.95
C VAL A 51 -11.07 -5.05 2.73
N LYS A 52 -12.12 -5.40 2.01
CA LYS A 52 -13.28 -6.00 2.62
C LYS A 52 -13.15 -7.52 2.57
N LYS A 53 -12.52 -8.00 1.51
CA LYS A 53 -12.33 -9.43 1.33
C LYS A 53 -11.36 -9.93 2.40
N TYR A 54 -10.68 -9.00 3.03
CA TYR A 54 -9.72 -9.34 4.08
C TYR A 54 -10.31 -9.08 5.46
N THR A 55 -9.52 -9.41 6.47
CA THR A 55 -9.95 -9.24 7.85
C THR A 55 -9.31 -7.97 8.44
N LEU A 56 -10.17 -7.01 8.75
CA LEU A 56 -9.71 -5.75 9.32
C LEU A 56 -8.44 -5.30 8.59
N ALA A 57 -8.61 -4.95 7.33
CA ALA A 57 -7.50 -4.51 6.52
C ALA A 57 -7.73 -3.06 6.08
N ARG A 58 -6.65 -2.43 5.63
CA ARG A 58 -6.73 -1.05 5.18
C ARG A 58 -5.46 -0.67 4.43
N ALA A 59 -5.66 -0.19 3.20
CA ALA A 59 -4.54 0.22 2.36
C ALA A 59 -4.71 1.68 1.96
N PHE A 60 -3.64 2.26 1.47
CA PHE A 60 -3.65 3.65 1.05
C PHE A 60 -2.47 3.96 0.13
N VAL A 61 -2.38 5.22 -0.27
CA VAL A 61 -1.31 5.66 -1.14
C VAL A 61 -0.72 6.97 -0.61
N ARG A 62 0.60 7.03 -0.58
CA ARG A 62 1.29 8.20 -0.09
C ARG A 62 2.64 8.35 -0.79
N PRO A 63 2.79 9.49 -1.51
CA PRO A 63 4.03 9.77 -2.22
C PRO A 63 5.14 10.18 -1.26
N SER A 64 6.33 10.37 -1.82
CA SER A 64 7.48 10.76 -1.03
C SER A 64 7.70 12.27 -1.13
N GLY A 65 6.59 13.00 -1.11
CA GLY A 65 6.64 14.45 -1.21
C GLY A 65 5.84 14.95 -2.41
N THR A 66 6.23 14.47 -3.59
CA THR A 66 5.55 14.86 -4.81
C THR A 66 6.07 14.04 -5.99
N GLU A 67 7.38 13.82 -6.00
CA GLU A 67 8.01 13.06 -7.06
C GLU A 67 8.80 11.89 -6.46
N ASP A 68 9.78 11.43 -7.23
CA ASP A 68 10.61 10.32 -6.80
C ASP A 68 9.74 9.09 -6.58
N ILE A 69 10.37 8.03 -6.10
CA ILE A 69 9.67 6.79 -5.83
C ILE A 69 8.47 7.07 -4.93
N VAL A 70 7.48 6.19 -5.00
CA VAL A 70 6.28 6.32 -4.20
C VAL A 70 6.34 5.32 -3.05
N ARG A 71 5.59 5.63 -1.99
CA ARG A 71 5.54 4.78 -0.83
C ARG A 71 4.11 4.28 -0.58
N VAL A 72 3.94 2.98 -0.76
CA VAL A 72 2.63 2.37 -0.57
C VAL A 72 2.49 1.92 0.88
N TYR A 73 1.43 2.39 1.52
CA TYR A 73 1.17 2.04 2.90
C TYR A 73 -0.08 1.16 3.03
N ALA A 74 0.00 0.21 3.93
CA ALA A 74 -1.12 -0.70 4.16
C ALA A 74 -0.97 -1.35 5.53
N GLU A 75 -2.11 -1.57 6.18
CA GLU A 75 -2.12 -2.18 7.50
C GLU A 75 -3.21 -3.25 7.57
N ALA A 76 -3.11 -4.07 8.62
CA ALA A 76 -4.08 -5.14 8.81
C ALA A 76 -4.05 -5.58 10.28
N ASN A 77 -5.00 -6.43 10.63
CA ASN A 77 -5.09 -6.93 11.99
C ASN A 77 -4.04 -8.01 12.20
N SER A 78 -3.72 -8.70 11.12
CA SER A 78 -2.72 -9.76 11.18
C SER A 78 -1.43 -9.30 10.51
N GLN A 79 -0.32 -9.93 10.90
CA GLN A 79 0.97 -9.59 10.35
C GLN A 79 1.11 -10.14 8.93
N GLU A 80 0.15 -10.98 8.56
CA GLU A 80 0.15 -11.58 7.24
C GLU A 80 -0.44 -10.60 6.21
N SER A 81 -1.75 -10.38 6.35
CA SER A 81 -2.44 -9.47 5.45
C SER A 81 -1.68 -8.16 5.34
N ALA A 82 -1.20 -7.70 6.47
CA ALA A 82 -0.45 -6.45 6.51
C ALA A 82 0.53 -6.40 5.34
N ASP A 83 1.20 -7.54 5.13
CA ASP A 83 2.17 -7.64 4.04
C ASP A 83 1.44 -8.00 2.75
N ARG A 84 0.75 -9.14 2.80
CA ARG A 84 0.01 -9.61 1.65
C ARG A 84 -0.68 -8.44 0.94
N LEU A 85 -1.60 -7.82 1.66
CA LEU A 85 -2.34 -6.68 1.12
C LEU A 85 -1.35 -5.64 0.59
N ALA A 86 -0.44 -5.24 1.47
CA ALA A 86 0.56 -4.25 1.10
C ALA A 86 1.23 -4.67 -0.22
N TYR A 87 2.02 -5.73 -0.13
CA TYR A 87 2.72 -6.24 -1.30
C TYR A 87 1.82 -6.16 -2.54
N GLU A 88 0.56 -6.54 -2.36
CA GLU A 88 -0.39 -6.52 -3.44
C GLU A 88 -0.60 -5.08 -3.94
N VAL A 89 -1.20 -4.27 -3.08
CA VAL A 89 -1.46 -2.88 -3.41
C VAL A 89 -0.29 -2.33 -4.22
N SER A 90 0.89 -2.39 -3.60
CA SER A 90 2.09 -1.90 -4.25
C SER A 90 2.13 -2.34 -5.72
N LEU A 91 1.78 -3.59 -5.93
CA LEU A 91 1.77 -4.16 -7.27
C LEU A 91 0.69 -3.46 -8.09
N LEU A 92 -0.50 -3.38 -7.51
CA LEU A 92 -1.62 -2.74 -8.18
C LEU A 92 -1.15 -1.41 -8.79
N VAL A 93 -0.35 -0.69 -8.01
CA VAL A 93 0.17 0.59 -8.46
C VAL A 93 1.03 0.38 -9.71
N PHE A 94 2.06 -0.42 -9.55
CA PHE A 94 2.96 -0.72 -10.65
C PHE A 94 2.18 -1.17 -11.89
N GLN A 95 1.03 -1.76 -11.64
CA GLN A 95 0.18 -2.25 -12.71
C GLN A 95 -0.70 -1.11 -13.26
N LEU A 96 -1.50 -0.56 -12.37
CA LEU A 96 -2.39 0.53 -12.74
C LEU A 96 -1.56 1.79 -13.01
N ALA A 97 -1.27 2.51 -11.94
CA ALA A 97 -0.49 3.73 -12.04
C ALA A 97 0.63 3.53 -13.06
N GLY A 98 1.31 2.40 -12.92
CA GLY A 98 2.41 2.07 -13.82
C GLY A 98 3.75 2.44 -13.20
N GLY A 99 4.59 1.43 -13.05
CA GLY A 99 5.91 1.63 -12.47
C GLY A 99 7.00 1.51 -13.54
N ILE A 100 8.23 1.42 -13.06
CA ILE A 100 9.37 1.31 -13.96
C ILE A 100 10.09 -0.02 -13.69
N GLY A 101 10.65 -0.59 -14.75
CA GLY A 101 11.36 -1.84 -14.65
C GLY A 101 10.39 -3.02 -14.57
N GLU A 102 10.75 -3.98 -13.73
CA GLU A 102 9.92 -5.16 -13.54
C GLU A 102 9.04 -5.02 -12.30
N ARG A 103 7.91 -5.71 -12.33
CA ARG A 103 6.98 -5.65 -11.21
C ARG A 103 7.66 -6.15 -9.93
N PRO A 104 7.18 -5.61 -8.78
CA PRO A 104 7.73 -5.99 -7.49
C PRO A 104 7.24 -7.38 -7.07
N GLN A 105 8.15 -8.15 -6.49
CA GLN A 105 7.83 -9.50 -6.05
C GLN A 105 7.67 -9.52 -4.53
N PRO A 106 6.92 -10.55 -4.05
CA PRO A 106 6.68 -10.70 -2.63
C PRO A 106 7.93 -11.24 -1.92
N SER A 107 7.76 -11.55 -0.65
CA SER A 107 8.86 -12.07 0.15
C SER A 107 8.38 -12.38 1.57
N GLY A 108 9.25 -13.01 2.34
CA GLY A 108 8.93 -13.36 3.71
C GLY A 108 9.98 -14.32 4.29
N PRO A 109 9.96 -14.44 5.64
CA PRO A 109 10.89 -15.31 6.33
C PRO A 109 10.50 -16.77 6.17
N SER A 110 9.28 -17.08 6.57
CA SER A 110 8.77 -18.43 6.48
C SER A 110 7.87 -18.58 5.24
N SER A 111 8.43 -19.23 4.22
CA SER A 111 7.70 -19.44 2.99
C SER A 111 7.17 -20.87 2.92
N GLY A 112 8.09 -21.81 3.02
CA GLY A 112 7.74 -23.22 2.97
C GLY A 112 8.15 -23.85 1.65
N GLY A 1 20.12 -19.78 40.79
CA GLY A 1 19.76 -18.64 39.96
C GLY A 1 18.32 -18.21 40.23
N SER A 2 18.12 -16.90 40.26
CA SER A 2 16.80 -16.35 40.50
C SER A 2 16.80 -14.84 40.24
N SER A 3 16.16 -14.46 39.14
CA SER A 3 16.09 -13.06 38.77
C SER A 3 14.74 -12.77 38.10
N GLY A 4 14.07 -11.75 38.61
CA GLY A 4 12.77 -11.36 38.07
C GLY A 4 12.91 -10.19 37.11
N SER A 5 12.49 -10.42 35.88
CA SER A 5 12.56 -9.39 34.85
C SER A 5 11.92 -9.90 33.56
N SER A 6 10.86 -9.21 33.15
CA SER A 6 10.14 -9.58 31.94
C SER A 6 10.20 -8.43 30.94
N GLY A 7 10.19 -8.80 29.66
CA GLY A 7 10.23 -7.82 28.60
C GLY A 7 9.66 -8.38 27.30
N ALA A 8 8.43 -7.97 27.00
CA ALA A 8 7.76 -8.42 25.79
C ALA A 8 6.54 -7.54 25.53
N ILE A 9 6.46 -7.05 24.30
CA ILE A 9 5.35 -6.20 23.91
C ILE A 9 4.03 -6.90 24.23
N TYR A 10 2.94 -6.18 24.04
CA TYR A 10 1.62 -6.71 24.29
C TYR A 10 0.64 -6.34 23.18
N VAL A 11 0.63 -7.18 22.15
CA VAL A 11 -0.24 -6.95 21.01
C VAL A 11 0.19 -5.69 20.28
N ASP A 12 0.51 -5.85 19.00
CA ASP A 12 0.94 -4.74 18.18
C ASP A 12 0.62 -5.04 16.71
N LEU A 13 -0.46 -4.42 16.24
CA LEU A 13 -0.89 -4.60 14.87
C LEU A 13 0.32 -4.45 13.94
N PRO A 14 0.40 -5.37 12.95
CA PRO A 14 1.49 -5.34 11.98
C PRO A 14 1.31 -4.20 10.97
N ASN A 15 2.40 -3.89 10.28
CA ASN A 15 2.36 -2.83 9.28
C ASN A 15 3.47 -3.08 8.25
N ARG A 16 3.22 -2.61 7.04
CA ARG A 16 4.19 -2.77 5.97
C ARG A 16 4.15 -1.56 5.03
N GLN A 17 5.33 -1.09 4.67
CA GLN A 17 5.44 0.06 3.78
C GLN A 17 6.35 -0.27 2.60
N LEU A 18 5.85 0.04 1.41
CA LEU A 18 6.61 -0.22 0.19
C LEU A 18 6.53 1.00 -0.72
N LYS A 19 7.59 1.21 -1.48
CA LYS A 19 7.66 2.33 -2.40
C LYS A 19 7.60 1.82 -3.84
N VAL A 20 6.70 2.40 -4.60
CA VAL A 20 6.54 2.01 -6.00
C VAL A 20 7.29 3.00 -6.90
N LYS A 21 8.37 2.51 -7.48
CA LYS A 21 9.18 3.34 -8.36
C LYS A 21 8.48 3.48 -9.71
N VAL A 22 7.71 4.55 -9.83
CA VAL A 22 6.99 4.81 -11.07
C VAL A 22 7.94 5.42 -12.10
N ALA A 23 7.36 5.86 -13.20
CA ALA A 23 8.15 6.46 -14.27
C ALA A 23 7.63 7.88 -14.54
N ASP A 24 6.34 7.94 -14.85
CA ASP A 24 5.72 9.23 -15.14
C ASP A 24 4.20 9.10 -14.95
N ARG A 25 3.69 9.91 -14.03
CA ARG A 25 2.26 9.91 -13.74
C ARG A 25 1.91 11.02 -12.76
N ARG A 26 1.01 11.89 -13.21
CA ARG A 26 0.58 13.01 -12.38
C ARG A 26 -0.37 13.92 -13.17
N VAL A 27 -1.54 14.12 -12.59
CA VAL A 27 -2.55 14.96 -13.23
C VAL A 27 -3.01 16.03 -12.24
N ILE A 28 -2.25 16.15 -11.15
CA ILE A 28 -2.57 17.13 -10.13
C ILE A 28 -1.95 18.48 -10.51
N SER A 29 -2.77 19.52 -10.38
CA SER A 29 -2.32 20.86 -10.71
C SER A 29 -2.74 21.85 -9.62
N THR A 30 -3.99 22.26 -9.70
CA THR A 30 -4.55 23.18 -8.73
C THR A 30 -5.95 22.76 -8.32
N THR A 31 -6.79 22.55 -9.33
CA THR A 31 -8.17 22.13 -9.09
C THR A 31 -8.92 23.22 -8.31
N ASP A 32 -8.69 23.23 -7.01
CA ASP A 32 -9.34 24.21 -6.15
C ASP A 32 -10.84 24.19 -6.40
N ALA A 33 -11.52 23.28 -5.70
CA ALA A 33 -12.96 23.16 -5.85
C ALA A 33 -13.31 23.02 -7.34
N GLU A 34 -13.31 21.79 -7.80
CA GLU A 34 -13.62 21.51 -9.19
C GLU A 34 -14.69 20.44 -9.30
N ARG A 35 -14.39 19.28 -8.72
CA ARG A 35 -15.32 18.16 -8.73
C ARG A 35 -14.90 17.12 -7.70
N GLN A 36 -15.90 16.62 -6.98
CA GLN A 36 -15.65 15.62 -5.95
C GLN A 36 -15.55 14.23 -6.58
N ALA A 37 -14.35 13.93 -7.07
CA ALA A 37 -14.10 12.64 -7.69
C ALA A 37 -12.61 12.34 -7.66
N VAL A 38 -12.30 11.10 -7.30
CA VAL A 38 -10.91 10.68 -7.22
C VAL A 38 -10.62 9.68 -8.34
N THR A 39 -9.42 9.79 -8.88
CA THR A 39 -9.01 8.91 -9.96
C THR A 39 -7.70 8.19 -9.60
N PRO A 40 -7.49 7.02 -10.25
CA PRO A 40 -8.47 6.50 -11.20
C PRO A 40 -9.69 5.93 -10.48
N PRO A 41 -10.87 6.10 -11.14
CA PRO A 41 -12.11 5.61 -10.56
C PRO A 41 -12.22 4.08 -10.70
N GLY A 42 -11.51 3.40 -9.81
CA GLY A 42 -11.52 1.95 -9.82
C GLY A 42 -10.47 1.40 -8.84
N LEU A 43 -9.25 1.87 -9.01
CA LEU A 43 -8.15 1.43 -8.16
C LEU A 43 -8.62 1.42 -6.71
N GLN A 44 -9.19 2.53 -6.28
CA GLN A 44 -9.68 2.66 -4.92
C GLN A 44 -10.79 1.64 -4.66
N GLU A 45 -11.56 1.37 -5.71
CA GLU A 45 -12.66 0.42 -5.62
C GLU A 45 -12.11 -1.00 -5.45
N ALA A 46 -11.34 -1.43 -6.44
CA ALA A 46 -10.76 -2.76 -6.41
C ALA A 46 -10.14 -3.01 -5.04
N ILE A 47 -9.26 -2.09 -4.64
CA ILE A 47 -8.59 -2.20 -3.35
C ILE A 47 -9.64 -2.17 -2.24
N ASN A 48 -10.47 -1.14 -2.28
CA ASN A 48 -11.51 -0.98 -1.27
C ASN A 48 -12.18 -2.34 -1.03
N ASP A 49 -12.37 -3.07 -2.10
CA ASP A 49 -12.99 -4.39 -2.02
C ASP A 49 -12.05 -5.35 -1.30
N LEU A 50 -10.78 -5.30 -1.70
CA LEU A 50 -9.78 -6.16 -1.10
C LEU A 50 -9.61 -5.80 0.37
N VAL A 51 -10.02 -4.57 0.70
CA VAL A 51 -9.91 -4.08 2.06
C VAL A 51 -11.15 -4.52 2.85
N LYS A 52 -12.23 -4.75 2.12
CA LYS A 52 -13.47 -5.18 2.72
C LYS A 52 -13.50 -6.70 2.82
N LYS A 53 -12.77 -7.33 1.91
CA LYS A 53 -12.70 -8.78 1.88
C LYS A 53 -11.83 -9.27 3.05
N TYR A 54 -10.80 -8.50 3.34
CA TYR A 54 -9.89 -8.84 4.41
C TYR A 54 -10.45 -8.38 5.76
N THR A 55 -9.80 -8.83 6.83
CA THR A 55 -10.22 -8.48 8.17
C THR A 55 -9.27 -7.44 8.77
N LEU A 56 -9.84 -6.29 9.09
CA LEU A 56 -9.07 -5.21 9.67
C LEU A 56 -7.98 -4.78 8.68
N ALA A 57 -8.37 -4.65 7.43
CA ALA A 57 -7.45 -4.26 6.39
C ALA A 57 -7.60 -2.76 6.12
N ARG A 58 -6.49 -2.14 5.74
CA ARG A 58 -6.48 -0.72 5.45
C ARG A 58 -5.20 -0.34 4.71
N ALA A 59 -5.39 0.29 3.55
CA ALA A 59 -4.27 0.71 2.74
C ALA A 59 -4.53 2.12 2.20
N PHE A 60 -3.47 2.73 1.70
CA PHE A 60 -3.58 4.08 1.15
C PHE A 60 -2.40 4.39 0.22
N VAL A 61 -2.43 5.59 -0.33
CA VAL A 61 -1.37 6.02 -1.24
C VAL A 61 -1.27 7.55 -1.22
N ARG A 62 -0.05 8.04 -1.19
CA ARG A 62 0.19 9.47 -1.17
C ARG A 62 1.51 9.80 -1.86
N PRO A 63 1.38 10.51 -3.02
CA PRO A 63 2.54 10.91 -3.79
C PRO A 63 3.29 12.06 -3.12
N SER A 64 4.16 12.68 -3.89
CA SER A 64 4.94 13.80 -3.38
C SER A 64 5.86 13.32 -2.25
N GLY A 65 7.10 13.04 -2.61
CA GLY A 65 8.07 12.58 -1.64
C GLY A 65 9.38 13.36 -1.77
N THR A 66 10.37 12.70 -2.35
CA THR A 66 11.67 13.32 -2.55
C THR A 66 12.00 13.44 -4.03
N GLU A 67 11.15 12.82 -4.85
CA GLU A 67 11.32 12.86 -6.29
C GLU A 67 9.98 12.65 -7.00
N ASP A 68 9.65 11.38 -7.20
CA ASP A 68 8.40 11.03 -7.86
C ASP A 68 8.03 9.59 -7.52
N ILE A 69 8.49 9.15 -6.35
CA ILE A 69 8.22 7.80 -5.89
C ILE A 69 6.87 7.78 -5.16
N VAL A 70 6.19 6.65 -5.29
CA VAL A 70 4.89 6.48 -4.66
C VAL A 70 5.03 5.56 -3.45
N ARG A 71 4.46 6.00 -2.34
CA ARG A 71 4.52 5.22 -1.11
C ARG A 71 3.22 4.42 -0.94
N VAL A 72 3.39 3.19 -0.48
CA VAL A 72 2.25 2.30 -0.26
C VAL A 72 2.28 1.80 1.18
N TYR A 73 1.10 1.83 1.80
CA TYR A 73 0.97 1.39 3.17
C TYR A 73 -0.22 0.43 3.33
N ALA A 74 -0.02 -0.59 4.16
CA ALA A 74 -1.05 -1.57 4.40
C ALA A 74 -0.92 -2.10 5.83
N GLU A 75 -2.02 -2.67 6.32
CA GLU A 75 -2.04 -3.22 7.67
C GLU A 75 -3.25 -4.14 7.84
N ALA A 76 -2.99 -5.28 8.45
CA ALA A 76 -4.05 -6.26 8.69
C ALA A 76 -3.88 -6.85 10.09
N ASN A 77 -4.99 -7.35 10.61
CA ASN A 77 -4.98 -7.95 11.94
C ASN A 77 -3.88 -9.00 12.02
N SER A 78 -3.49 -9.48 10.85
CA SER A 78 -2.44 -10.49 10.78
C SER A 78 -1.30 -10.01 9.87
N GLN A 79 -0.09 -10.23 10.33
CA GLN A 79 1.08 -9.82 9.58
C GLN A 79 1.05 -10.42 8.17
N GLU A 80 0.62 -11.67 8.11
CA GLU A 80 0.53 -12.36 6.84
C GLU A 80 -0.25 -11.53 5.82
N SER A 81 -1.44 -11.10 6.24
CA SER A 81 -2.29 -10.30 5.37
C SER A 81 -1.73 -8.87 5.29
N ALA A 82 -1.18 -8.41 6.40
CA ALA A 82 -0.62 -7.08 6.46
C ALA A 82 0.40 -6.91 5.33
N ASP A 83 1.03 -8.03 4.96
CA ASP A 83 2.01 -8.02 3.90
C ASP A 83 1.34 -8.28 2.57
N ARG A 84 0.65 -9.42 2.50
CA ARG A 84 -0.06 -9.80 1.29
C ARG A 84 -0.72 -8.58 0.65
N LEU A 85 -1.64 -7.98 1.40
CA LEU A 85 -2.35 -6.81 0.93
C LEU A 85 -1.34 -5.77 0.42
N ALA A 86 -0.38 -5.46 1.28
CA ALA A 86 0.64 -4.49 0.93
C ALA A 86 1.22 -4.84 -0.44
N TYR A 87 1.77 -6.04 -0.52
CA TYR A 87 2.36 -6.52 -1.76
C TYR A 87 1.40 -6.33 -2.94
N GLU A 88 0.29 -7.05 -2.87
CA GLU A 88 -0.72 -6.98 -3.92
C GLU A 88 -0.92 -5.53 -4.35
N VAL A 89 -1.17 -4.67 -3.38
CA VAL A 89 -1.38 -3.26 -3.64
C VAL A 89 -0.15 -2.70 -4.36
N SER A 90 0.95 -2.63 -3.62
CA SER A 90 2.18 -2.10 -4.18
C SER A 90 2.38 -2.63 -5.61
N LEU A 91 2.21 -3.94 -5.76
CA LEU A 91 2.35 -4.57 -7.05
C LEU A 91 1.35 -3.97 -8.02
N LEU A 92 0.09 -3.96 -7.60
CA LEU A 92 -0.98 -3.42 -8.41
C LEU A 92 -0.53 -2.09 -9.01
N VAL A 93 -0.29 -1.13 -8.13
CA VAL A 93 0.14 0.19 -8.56
C VAL A 93 1.13 0.05 -9.71
N PHE A 94 2.00 -0.94 -9.59
CA PHE A 94 3.01 -1.19 -10.61
C PHE A 94 2.35 -1.50 -11.95
N GLN A 95 1.42 -2.44 -11.92
CA GLN A 95 0.72 -2.84 -13.12
C GLN A 95 -0.28 -1.76 -13.54
N LEU A 96 -1.04 -1.30 -12.55
CA LEU A 96 -2.03 -0.26 -12.80
C LEU A 96 -1.34 1.00 -13.32
N ALA A 97 -0.85 1.79 -12.37
CA ALA A 97 -0.16 3.03 -12.71
C ALA A 97 0.95 2.72 -13.71
N GLY A 98 2.03 2.17 -13.19
CA GLY A 98 3.18 1.83 -14.02
C GLY A 98 4.48 1.97 -13.24
N GLY A 99 4.90 0.85 -12.65
CA GLY A 99 6.13 0.83 -11.88
C GLY A 99 7.32 0.39 -12.74
N ILE A 100 8.44 1.05 -12.51
CA ILE A 100 9.65 0.74 -13.26
C ILE A 100 10.53 -0.18 -12.42
N GLY A 101 11.49 -0.81 -13.10
CA GLY A 101 12.41 -1.71 -12.44
C GLY A 101 12.14 -3.16 -12.83
N GLU A 102 12.03 -4.01 -11.82
CA GLU A 102 11.77 -5.42 -12.06
C GLU A 102 10.41 -5.82 -11.45
N ARG A 103 9.43 -5.98 -12.32
CA ARG A 103 8.10 -6.36 -11.89
C ARG A 103 8.18 -7.42 -10.79
N PRO A 104 7.10 -7.48 -9.98
CA PRO A 104 7.03 -8.45 -8.88
C PRO A 104 6.76 -9.85 -9.42
N GLN A 105 7.09 -10.85 -8.59
CA GLN A 105 6.89 -12.23 -8.96
C GLN A 105 5.55 -12.40 -9.68
N PRO A 106 5.55 -13.32 -10.68
CA PRO A 106 4.34 -13.58 -11.45
C PRO A 106 3.34 -14.42 -10.64
N SER A 107 2.38 -14.97 -11.35
CA SER A 107 1.36 -15.78 -10.71
C SER A 107 0.73 -15.03 -9.54
N GLY A 108 -0.29 -15.64 -8.96
CA GLY A 108 -0.99 -15.03 -7.84
C GLY A 108 -2.49 -15.34 -7.90
N PRO A 109 -3.26 -14.57 -7.08
CA PRO A 109 -4.70 -14.75 -7.02
C PRO A 109 -5.37 -14.16 -8.27
N SER A 110 -6.47 -14.78 -8.67
CA SER A 110 -7.21 -14.33 -9.83
C SER A 110 -8.52 -15.11 -9.96
N SER A 111 -9.54 -14.43 -10.44
CA SER A 111 -10.84 -15.05 -10.63
C SER A 111 -11.78 -14.09 -11.35
N GLY A 112 -12.36 -14.58 -12.44
CA GLY A 112 -13.28 -13.78 -13.22
C GLY A 112 -12.91 -13.82 -14.71
N GLY A 1 1.98 6.28 52.43
CA GLY A 1 1.28 5.92 51.20
C GLY A 1 2.14 5.03 50.31
N SER A 2 1.50 4.42 49.33
CA SER A 2 2.20 3.55 48.41
C SER A 2 1.24 3.03 47.34
N SER A 3 1.52 3.39 46.09
CA SER A 3 0.69 2.97 44.98
C SER A 3 1.37 3.33 43.66
N GLY A 4 0.96 2.63 42.61
CA GLY A 4 1.52 2.86 41.29
C GLY A 4 1.24 1.69 40.36
N SER A 5 1.10 2.00 39.08
CA SER A 5 0.82 0.98 38.08
C SER A 5 0.92 1.59 36.68
N SER A 6 1.91 1.13 35.93
CA SER A 6 2.12 1.62 34.58
C SER A 6 2.22 0.44 33.61
N GLY A 7 1.67 0.64 32.43
CA GLY A 7 1.70 -0.41 31.41
C GLY A 7 2.22 0.15 30.08
N ALA A 8 3.07 -0.64 29.44
CA ALA A 8 3.65 -0.25 28.17
C ALA A 8 3.23 -1.25 27.09
N ILE A 9 2.67 -0.72 26.01
CA ILE A 9 2.23 -1.55 24.91
C ILE A 9 3.38 -2.47 24.48
N TYR A 10 3.01 -3.54 23.78
CA TYR A 10 3.99 -4.50 23.31
C TYR A 10 3.48 -5.23 22.07
N VAL A 11 3.89 -4.72 20.91
CA VAL A 11 3.49 -5.32 19.65
C VAL A 11 1.98 -5.14 19.45
N ASP A 12 1.63 -4.49 18.36
CA ASP A 12 0.23 -4.24 18.05
C ASP A 12 -0.09 -4.79 16.66
N LEU A 13 -0.94 -4.07 15.95
CA LEU A 13 -1.34 -4.47 14.61
C LEU A 13 -0.13 -4.33 13.67
N PRO A 14 0.07 -5.38 12.84
CA PRO A 14 1.16 -5.39 11.89
C PRO A 14 0.87 -4.45 10.71
N ASN A 15 1.93 -3.80 10.24
CA ASN A 15 1.80 -2.88 9.12
C ASN A 15 3.00 -3.06 8.18
N ARG A 16 2.80 -2.64 6.94
CA ARG A 16 3.85 -2.75 5.94
C ARG A 16 3.72 -1.63 4.91
N GLN A 17 4.83 -0.95 4.67
CA GLN A 17 4.85 0.14 3.72
C GLN A 17 5.88 -0.13 2.62
N LEU A 18 5.62 0.43 1.45
CA LEU A 18 6.51 0.26 0.31
C LEU A 18 6.58 1.56 -0.49
N LYS A 19 7.40 1.54 -1.53
CA LYS A 19 7.56 2.70 -2.38
C LYS A 19 7.63 2.25 -3.84
N VAL A 20 6.54 2.48 -4.55
CA VAL A 20 6.48 2.10 -5.96
C VAL A 20 7.20 3.16 -6.79
N LYS A 21 8.30 2.73 -7.40
CA LYS A 21 9.09 3.63 -8.22
C LYS A 21 8.45 3.73 -9.61
N VAL A 22 7.63 4.76 -9.77
CA VAL A 22 6.96 4.98 -11.04
C VAL A 22 7.85 5.80 -11.97
N ALA A 23 7.26 6.31 -13.03
CA ALA A 23 7.99 7.12 -13.99
C ALA A 23 7.24 8.43 -14.23
N ASP A 24 5.97 8.30 -14.58
CA ASP A 24 5.13 9.46 -14.84
C ASP A 24 5.86 10.40 -15.81
N ARG A 25 5.71 10.11 -17.09
CA ARG A 25 6.34 10.92 -18.12
C ARG A 25 5.28 11.65 -18.94
N ARG A 26 5.31 12.97 -18.84
CA ARG A 26 4.36 13.80 -19.56
C ARG A 26 2.93 13.43 -19.18
N VAL A 27 2.48 13.98 -18.07
CA VAL A 27 1.14 13.72 -17.58
C VAL A 27 0.34 15.02 -17.56
N ILE A 28 -0.04 15.47 -18.76
CA ILE A 28 -0.80 16.70 -18.88
C ILE A 28 -2.07 16.42 -19.69
N SER A 29 -3.11 17.16 -19.37
CA SER A 29 -4.38 17.00 -20.06
C SER A 29 -4.72 15.53 -20.21
N THR A 30 -5.17 14.93 -19.12
CA THR A 30 -5.53 13.53 -19.12
C THR A 30 -6.72 13.28 -20.05
N THR A 31 -6.97 12.01 -20.31
CA THR A 31 -8.07 11.62 -21.17
C THR A 31 -9.31 12.47 -20.87
N ASP A 32 -10.17 12.57 -21.88
CA ASP A 32 -11.39 13.35 -21.73
C ASP A 32 -12.09 12.95 -20.42
N ALA A 33 -12.97 13.84 -19.97
CA ALA A 33 -13.71 13.59 -18.74
C ALA A 33 -12.73 13.50 -17.57
N GLU A 34 -12.52 14.64 -16.94
CA GLU A 34 -11.62 14.72 -15.80
C GLU A 34 -11.84 13.52 -14.87
N ARG A 35 -10.80 13.20 -14.11
CA ARG A 35 -10.87 12.09 -13.17
C ARG A 35 -11.09 10.78 -13.93
N GLN A 36 -10.42 9.74 -13.46
CA GLN A 36 -10.53 8.42 -14.08
C GLN A 36 -9.75 8.39 -15.39
N ALA A 37 -10.17 9.24 -16.31
CA ALA A 37 -9.52 9.32 -17.61
C ALA A 37 -9.89 8.08 -18.44
N VAL A 38 -9.23 6.98 -18.13
CA VAL A 38 -9.49 5.73 -18.83
C VAL A 38 -9.17 4.56 -17.91
N THR A 39 -8.01 4.65 -17.26
CA THR A 39 -7.58 3.61 -16.35
C THR A 39 -6.65 4.18 -15.27
N PRO A 40 -6.64 3.49 -14.10
CA PRO A 40 -7.44 2.30 -13.92
C PRO A 40 -8.92 2.66 -13.72
N PRO A 41 -9.80 1.76 -14.23
CA PRO A 41 -11.23 1.96 -14.10
C PRO A 41 -11.71 1.69 -12.68
N GLY A 42 -11.08 2.38 -11.74
CA GLY A 42 -11.43 2.21 -10.33
C GLY A 42 -10.30 1.53 -9.56
N LEU A 43 -9.47 2.36 -8.93
CA LEU A 43 -8.34 1.86 -8.17
C LEU A 43 -8.74 1.80 -6.68
N GLN A 44 -8.96 2.97 -6.12
CA GLN A 44 -9.34 3.07 -4.72
C GLN A 44 -10.62 2.26 -4.46
N GLU A 45 -11.44 2.17 -5.49
CA GLU A 45 -12.68 1.42 -5.39
C GLU A 45 -12.41 -0.07 -5.31
N ALA A 46 -11.55 -0.53 -6.20
CA ALA A 46 -11.19 -1.94 -6.24
C ALA A 46 -10.57 -2.34 -4.91
N ILE A 47 -9.44 -1.71 -4.59
CA ILE A 47 -8.75 -1.99 -3.34
C ILE A 47 -9.73 -1.89 -2.18
N ASN A 48 -10.52 -0.82 -2.20
CA ASN A 48 -11.50 -0.59 -1.16
C ASN A 48 -12.29 -1.88 -0.92
N ASP A 49 -12.37 -2.69 -1.96
CA ASP A 49 -13.09 -3.96 -1.87
C ASP A 49 -12.15 -5.04 -1.34
N LEU A 50 -10.91 -4.97 -1.79
CA LEU A 50 -9.91 -5.93 -1.37
C LEU A 50 -9.54 -5.69 0.09
N VAL A 51 -9.90 -4.50 0.56
CA VAL A 51 -9.62 -4.12 1.93
C VAL A 51 -10.75 -4.61 2.84
N LYS A 52 -11.91 -4.78 2.23
CA LYS A 52 -13.08 -5.25 2.96
C LYS A 52 -13.18 -6.77 2.83
N LYS A 53 -12.51 -7.29 1.82
CA LYS A 53 -12.52 -8.72 1.57
C LYS A 53 -11.61 -9.42 2.58
N TYR A 54 -10.63 -8.66 3.06
CA TYR A 54 -9.69 -9.20 4.03
C TYR A 54 -10.17 -8.94 5.45
N THR A 55 -9.44 -9.51 6.41
CA THR A 55 -9.78 -9.35 7.81
C THR A 55 -9.15 -8.07 8.37
N LEU A 56 -10.00 -7.12 8.71
CA LEU A 56 -9.54 -5.86 9.26
C LEU A 56 -8.28 -5.41 8.50
N ALA A 57 -8.47 -5.11 7.23
CA ALA A 57 -7.36 -4.68 6.39
C ALA A 57 -7.46 -3.16 6.18
N ARG A 58 -6.37 -2.60 5.66
CA ARG A 58 -6.33 -1.18 5.40
C ARG A 58 -5.14 -0.85 4.49
N ALA A 59 -5.44 -0.11 3.43
CA ALA A 59 -4.41 0.28 2.48
C ALA A 59 -4.71 1.68 1.95
N PHE A 60 -3.66 2.47 1.81
CA PHE A 60 -3.80 3.83 1.32
C PHE A 60 -2.73 4.15 0.28
N VAL A 61 -2.77 5.39 -0.21
CA VAL A 61 -1.82 5.83 -1.21
C VAL A 61 -1.68 7.34 -1.15
N ARG A 62 -0.44 7.81 -1.23
CA ARG A 62 -0.16 9.23 -1.18
C ARG A 62 1.12 9.55 -1.95
N PRO A 63 0.98 10.47 -2.94
CA PRO A 63 2.13 10.87 -3.74
C PRO A 63 3.05 11.80 -2.97
N SER A 64 4.09 12.26 -3.65
CA SER A 64 5.06 13.16 -3.03
C SER A 64 5.27 14.39 -3.92
N GLY A 65 5.74 15.46 -3.29
CA GLY A 65 6.00 16.70 -4.00
C GLY A 65 7.30 16.62 -4.79
N THR A 66 8.39 16.88 -4.10
CA THR A 66 9.71 16.85 -4.72
C THR A 66 9.90 15.54 -5.47
N GLU A 67 9.64 14.44 -4.77
CA GLU A 67 9.77 13.12 -5.37
C GLU A 67 8.49 12.72 -6.10
N ASP A 68 8.65 11.89 -7.11
CA ASP A 68 7.52 11.43 -7.90
C ASP A 68 7.28 9.94 -7.60
N ILE A 69 7.53 9.57 -6.36
CA ILE A 69 7.34 8.18 -5.94
C ILE A 69 5.96 8.05 -5.28
N VAL A 70 5.40 6.84 -5.41
CA VAL A 70 4.10 6.57 -4.83
C VAL A 70 4.27 5.57 -3.68
N ARG A 71 4.16 6.09 -2.47
CA ARG A 71 4.30 5.27 -1.28
C ARG A 71 3.05 4.40 -1.10
N VAL A 72 3.28 3.10 -1.04
CA VAL A 72 2.19 2.16 -0.87
C VAL A 72 2.25 1.57 0.54
N TYR A 73 1.17 1.79 1.28
CA TYR A 73 1.09 1.29 2.64
C TYR A 73 -0.16 0.43 2.83
N ALA A 74 0.05 -0.77 3.35
CA ALA A 74 -1.04 -1.70 3.59
C ALA A 74 -0.80 -2.44 4.90
N GLU A 75 -1.89 -2.68 5.61
CA GLU A 75 -1.81 -3.38 6.88
C GLU A 75 -3.09 -4.17 7.14
N ALA A 76 -3.04 -5.03 8.15
CA ALA A 76 -4.19 -5.84 8.50
C ALA A 76 -4.03 -6.33 9.94
N ASN A 77 -5.09 -6.93 10.45
CA ASN A 77 -5.09 -7.45 11.81
C ASN A 77 -4.12 -8.63 11.90
N SER A 78 -3.70 -9.11 10.73
CA SER A 78 -2.77 -10.23 10.66
C SER A 78 -1.57 -9.86 9.78
N GLN A 79 -0.40 -10.24 10.25
CA GLN A 79 0.83 -9.96 9.53
C GLN A 79 0.78 -10.61 8.14
N GLU A 80 0.33 -11.85 8.12
CA GLU A 80 0.24 -12.59 6.88
C GLU A 80 -0.51 -11.78 5.83
N SER A 81 -1.44 -10.96 6.32
CA SER A 81 -2.22 -10.12 5.43
C SER A 81 -1.56 -8.75 5.28
N ALA A 82 -1.13 -8.21 6.41
CA ALA A 82 -0.48 -6.91 6.42
C ALA A 82 0.59 -6.87 5.33
N ASP A 83 1.16 -8.05 5.07
CA ASP A 83 2.20 -8.16 4.06
C ASP A 83 1.56 -8.46 2.70
N ARG A 84 0.65 -9.42 2.72
CA ARG A 84 -0.05 -9.81 1.50
C ARG A 84 -0.61 -8.58 0.79
N LEU A 85 -1.54 -7.91 1.47
CA LEU A 85 -2.15 -6.72 0.92
C LEU A 85 -1.07 -5.73 0.51
N ALA A 86 -0.05 -5.64 1.35
CA ALA A 86 1.07 -4.73 1.08
C ALA A 86 1.75 -5.15 -0.22
N TYR A 87 2.52 -6.23 -0.12
CA TYR A 87 3.24 -6.74 -1.27
C TYR A 87 2.35 -6.75 -2.52
N GLU A 88 1.09 -7.13 -2.32
CA GLU A 88 0.14 -7.18 -3.41
C GLU A 88 -0.16 -5.76 -3.91
N VAL A 89 -0.79 -4.98 -3.05
CA VAL A 89 -1.13 -3.61 -3.40
C VAL A 89 0.01 -2.98 -4.20
N SER A 90 1.16 -2.89 -3.54
CA SER A 90 2.33 -2.31 -4.18
C SER A 90 2.50 -2.89 -5.58
N LEU A 91 2.37 -4.20 -5.66
CA LEU A 91 2.52 -4.90 -6.92
C LEU A 91 1.42 -4.42 -7.89
N LEU A 92 0.19 -4.47 -7.41
CA LEU A 92 -0.95 -4.05 -8.21
C LEU A 92 -0.63 -2.69 -8.85
N VAL A 93 -0.34 -1.73 -8.00
CA VAL A 93 -0.02 -0.38 -8.47
C VAL A 93 0.96 -0.48 -9.63
N PHE A 94 2.14 -0.99 -9.32
CA PHE A 94 3.18 -1.14 -10.33
C PHE A 94 2.58 -1.54 -11.69
N GLN A 95 1.52 -2.33 -11.60
CA GLN A 95 0.84 -2.79 -12.80
C GLN A 95 -0.16 -1.74 -13.30
N LEU A 96 -1.10 -1.42 -12.43
CA LEU A 96 -2.11 -0.42 -12.76
C LEU A 96 -1.43 0.85 -13.26
N ALA A 97 -0.67 1.47 -12.37
CA ALA A 97 0.03 2.69 -12.71
C ALA A 97 1.02 2.41 -13.84
N GLY A 98 2.04 1.62 -13.51
CA GLY A 98 3.06 1.27 -14.48
C GLY A 98 4.46 1.54 -13.94
N GLY A 99 4.78 0.84 -12.86
CA GLY A 99 6.08 0.99 -12.24
C GLY A 99 7.21 0.77 -13.24
N ILE A 100 8.42 1.13 -12.83
CA ILE A 100 9.58 0.98 -13.68
C ILE A 100 10.68 0.24 -12.91
N GLY A 101 11.58 -0.37 -13.67
CA GLY A 101 12.68 -1.11 -13.07
C GLY A 101 12.19 -2.41 -12.45
N GLU A 102 13.06 -3.01 -11.63
CA GLU A 102 12.73 -4.25 -10.96
C GLU A 102 11.54 -4.07 -10.04
N ARG A 103 10.78 -5.14 -9.87
CA ARG A 103 9.61 -5.11 -9.01
C ARG A 103 10.01 -5.35 -7.55
N PRO A 104 9.14 -4.88 -6.63
CA PRO A 104 9.38 -5.04 -5.21
C PRO A 104 9.12 -6.48 -4.76
N GLN A 105 9.89 -6.91 -3.78
CA GLN A 105 9.76 -8.26 -3.26
C GLN A 105 9.75 -8.24 -1.73
N PRO A 106 9.08 -9.27 -1.14
CA PRO A 106 8.98 -9.37 0.30
C PRO A 106 10.30 -9.86 0.90
N SER A 107 11.19 -8.90 1.13
CA SER A 107 12.49 -9.21 1.71
C SER A 107 13.29 -10.09 0.74
N GLY A 108 14.60 -10.04 0.89
CA GLY A 108 15.48 -10.82 0.04
C GLY A 108 15.17 -12.31 0.17
N PRO A 109 15.54 -13.07 -0.90
CA PRO A 109 15.31 -14.50 -0.92
C PRO A 109 16.31 -15.23 -0.01
N SER A 110 16.11 -16.54 0.09
CA SER A 110 16.99 -17.36 0.92
C SER A 110 16.83 -18.83 0.55
N SER A 111 17.11 -19.13 -0.72
CA SER A 111 17.00 -20.49 -1.20
C SER A 111 15.55 -20.96 -1.14
N GLY A 112 14.80 -20.59 -2.18
CA GLY A 112 13.39 -20.96 -2.24
C GLY A 112 12.52 -19.75 -2.56
#